data_8EDB
# 
_entry.id   8EDB 
# 
_audit_conform.dict_name       mmcif_pdbx.dic 
_audit_conform.dict_version    5.389 
_audit_conform.dict_location   http://mmcif.pdb.org/dictionaries/ascii/mmcif_pdbx.dic 
# 
loop_
_database_2.database_id 
_database_2.database_code 
_database_2.pdbx_database_accession 
_database_2.pdbx_DOI 
PDB   8EDB         pdb_00008edb 10.2210/pdb8edb/pdb 
WWPDB D_1000268246 ?            ?                   
# 
loop_
_pdbx_audit_revision_history.ordinal 
_pdbx_audit_revision_history.data_content_type 
_pdbx_audit_revision_history.major_revision 
_pdbx_audit_revision_history.minor_revision 
_pdbx_audit_revision_history.revision_date 
1 'Structure model' 1 0 2023-02-22 
2 'Structure model' 1 1 2023-08-30 
3 'Structure model' 1 2 2024-04-03 
# 
_pdbx_audit_revision_details.ordinal             1 
_pdbx_audit_revision_details.revision_ordinal    1 
_pdbx_audit_revision_details.data_content_type   'Structure model' 
_pdbx_audit_revision_details.provider            repository 
_pdbx_audit_revision_details.type                'Initial release' 
_pdbx_audit_revision_details.description         ? 
_pdbx_audit_revision_details.details             ? 
# 
loop_
_pdbx_audit_revision_group.ordinal 
_pdbx_audit_revision_group.revision_ordinal 
_pdbx_audit_revision_group.data_content_type 
_pdbx_audit_revision_group.group 
1 2 'Structure model' 'Data collection'        
2 2 'Structure model' 'Database references'    
3 2 'Structure model' 'Refinement description' 
4 3 'Structure model' 'Refinement description' 
# 
loop_
_pdbx_audit_revision_category.ordinal 
_pdbx_audit_revision_category.revision_ordinal 
_pdbx_audit_revision_category.data_content_type 
_pdbx_audit_revision_category.category 
1 2 'Structure model' chem_comp_atom                
2 2 'Structure model' chem_comp_bond                
3 2 'Structure model' citation                      
4 2 'Structure model' citation_author               
5 2 'Structure model' struct_ncs_dom_lim            
6 3 'Structure model' pdbx_initial_refinement_model 
# 
loop_
_pdbx_audit_revision_item.ordinal 
_pdbx_audit_revision_item.revision_ordinal 
_pdbx_audit_revision_item.data_content_type 
_pdbx_audit_revision_item.item 
1  2 'Structure model' '_citation.journal_volume'              
2  2 'Structure model' '_citation.page_first'                  
3  2 'Structure model' '_citation.page_last'                   
4  2 'Structure model' '_citation.pdbx_database_id_DOI'        
5  2 'Structure model' '_citation.pdbx_database_id_PubMed'     
6  2 'Structure model' '_citation.title'                       
7  2 'Structure model' '_struct_ncs_dom_lim.beg_auth_comp_id'  
8  2 'Structure model' '_struct_ncs_dom_lim.beg_label_asym_id' 
9  2 'Structure model' '_struct_ncs_dom_lim.beg_label_comp_id' 
10 2 'Structure model' '_struct_ncs_dom_lim.beg_label_seq_id'  
11 2 'Structure model' '_struct_ncs_dom_lim.end_auth_comp_id'  
12 2 'Structure model' '_struct_ncs_dom_lim.end_label_asym_id' 
13 2 'Structure model' '_struct_ncs_dom_lim.end_label_comp_id' 
14 2 'Structure model' '_struct_ncs_dom_lim.end_label_seq_id'  
# 
_pdbx_database_status.status_code                     REL 
_pdbx_database_status.status_code_sf                  REL 
_pdbx_database_status.status_code_mr                  ? 
_pdbx_database_status.entry_id                        8EDB 
_pdbx_database_status.recvd_initial_deposition_date   2022-09-03 
_pdbx_database_status.SG_entry                        N 
_pdbx_database_status.deposit_site                    RCSB 
_pdbx_database_status.process_site                    RCSB 
_pdbx_database_status.status_code_cs                  ? 
_pdbx_database_status.status_code_nmr_data            ? 
_pdbx_database_status.methods_development_category    ? 
_pdbx_database_status.pdb_format_compatible           Y 
# 
_pdbx_contact_author.id                 2 
_pdbx_contact_author.email              wdw@gsu.edu 
_pdbx_contact_author.name_first         'W David' 
_pdbx_contact_author.name_last          Wilson 
_pdbx_contact_author.name_mi            ? 
_pdbx_contact_author.role               'principal investigator/group leader' 
_pdbx_contact_author.identifier_ORCID   0000-0001-5225-5089 
# 
loop_
_audit_author.name 
_audit_author.pdbx_ordinal 
_audit_author.identifier_ORCID 
'Ogbonna, E.N.' 1 0000-0002-0762-0603 
'Wilson, W.D.'  2 0000-0001-5225-5089 
# 
_citation.abstract                  ? 
_citation.abstract_id_CAS           ? 
_citation.book_id_ISBN              ? 
_citation.book_publisher            ? 
_citation.book_publisher_city       ? 
_citation.book_title                ? 
_citation.coordinate_linkage        ? 
_citation.country                   US 
_citation.database_id_Medline       ? 
_citation.details                   ? 
_citation.id                        primary 
_citation.journal_abbrev            'Acs Bio Med Chem Au' 
_citation.journal_id_ASTM           ? 
_citation.journal_id_CSD            ? 
_citation.journal_id_ISSN           2694-2437 
_citation.journal_full              ? 
_citation.journal_issue             ? 
_citation.journal_volume            3 
_citation.language                  ? 
_citation.page_first                335 
_citation.page_last                 348 
_citation.title                     'X-ray Structure Characterization of the Selective Recognition of AT Base Pair Sequences.' 
_citation.year                      2023 
_citation.database_id_CSD           ? 
_citation.pdbx_database_id_DOI      10.1021/acsbiomedchemau.3c00002 
_citation.pdbx_database_id_PubMed   37599788 
_citation.pdbx_database_id_patent   ? 
_citation.unpublished_flag          ? 
# 
loop_
_citation_author.citation_id 
_citation_author.name 
_citation_author.ordinal 
_citation_author.identifier_ORCID 
primary 'Ogbonna, E.N.' 1 ?                   
primary 'Paul, A.'      2 0000-0003-4592-3442 
primary 'Farahat, A.A.' 3 ?                   
primary 'Terrell, J.R.' 4 ?                   
primary 'Mineva, E.'    5 ?                   
primary 'Ogbonna, V.'   6 ?                   
primary 'Boykin, D.W.'  7 ?                   
primary 'Wilson, W.D.'  8 0000-0001-5225-5089 
# 
loop_
_entity.id 
_entity.type 
_entity.src_method 
_entity.pdbx_description 
_entity.formula_weight 
_entity.pdbx_number_of_molecules 
_entity.pdbx_ec 
_entity.pdbx_mutation 
_entity.pdbx_fragment 
_entity.details 
1 polymer     syn 
;DNA (5'-D(*CP*GP*CP*GP*AP*AP*TP*TP*CP*GP*CP*G)-3')
;
3663.392 2   ? ? ? 
;A self-complementary DNA (5'-CGCGAATTCGCG-3') bound by the ligand DB1884.
;
2 non-polymer syn "4,4'-(1H-indole-2,6-diyl)dibenzenecarboximidamide"  353.420  1   ? ? ? ? 
3 non-polymer syn 'MAGNESIUM ION'                                      24.305   1   ? ? ? ? 
4 water       nat water                                                18.015   108 ? ? ? ? 
# 
_entity_poly.entity_id                      1 
_entity_poly.type                           polydeoxyribonucleotide 
_entity_poly.nstd_linkage                   no 
_entity_poly.nstd_monomer                   no 
_entity_poly.pdbx_seq_one_letter_code       '(DC)(DG)(DC)(DG)(DA)(DA)(DT)(DT)(DC)(DG)(DC)(DG)' 
_entity_poly.pdbx_seq_one_letter_code_can   CGCGAATTCGCG 
_entity_poly.pdbx_strand_id                 B,C 
_entity_poly.pdbx_target_identifier         ? 
# 
loop_
_pdbx_entity_nonpoly.entity_id 
_pdbx_entity_nonpoly.name 
_pdbx_entity_nonpoly.comp_id 
2 "4,4'-(1H-indole-2,6-diyl)dibenzenecarboximidamide" 884 
3 'MAGNESIUM ION'                                     MG  
4 water                                               HOH 
# 
loop_
_entity_poly_seq.entity_id 
_entity_poly_seq.num 
_entity_poly_seq.mon_id 
_entity_poly_seq.hetero 
1 1  DC n 
1 2  DG n 
1 3  DC n 
1 4  DG n 
1 5  DA n 
1 6  DA n 
1 7  DT n 
1 8  DT n 
1 9  DC n 
1 10 DG n 
1 11 DC n 
1 12 DG n 
# 
_pdbx_entity_src_syn.entity_id              1 
_pdbx_entity_src_syn.pdbx_src_id            1 
_pdbx_entity_src_syn.pdbx_alt_source_flag   sample 
_pdbx_entity_src_syn.pdbx_beg_seq_num       1 
_pdbx_entity_src_syn.pdbx_end_seq_num       12 
_pdbx_entity_src_syn.organism_scientific    'Homo sapiens' 
_pdbx_entity_src_syn.organism_common_name   ? 
_pdbx_entity_src_syn.ncbi_taxonomy_id       9606 
_pdbx_entity_src_syn.details                ? 
# 
loop_
_chem_comp.id 
_chem_comp.type 
_chem_comp.mon_nstd_flag 
_chem_comp.name 
_chem_comp.pdbx_synonyms 
_chem_comp.formula 
_chem_comp.formula_weight 
884 non-polymer   . "4,4'-(1H-indole-2,6-diyl)dibenzenecarboximidamide" ? 'C22 H19 N5'      353.420 
DA  'DNA linking' y "2'-DEOXYADENOSINE-5'-MONOPHOSPHATE"                ? 'C10 H14 N5 O6 P' 331.222 
DC  'DNA linking' y "2'-DEOXYCYTIDINE-5'-MONOPHOSPHATE"                 ? 'C9 H14 N3 O7 P'  307.197 
DG  'DNA linking' y "2'-DEOXYGUANOSINE-5'-MONOPHOSPHATE"                ? 'C10 H14 N5 O7 P' 347.221 
DT  'DNA linking' y "THYMIDINE-5'-MONOPHOSPHATE"                        ? 'C10 H15 N2 O8 P' 322.208 
HOH non-polymer   . WATER                                               ? 'H2 O'            18.015  
MG  non-polymer   . 'MAGNESIUM ION'                                     ? 'Mg 2'            24.305  
# 
loop_
_pdbx_poly_seq_scheme.asym_id 
_pdbx_poly_seq_scheme.entity_id 
_pdbx_poly_seq_scheme.seq_id 
_pdbx_poly_seq_scheme.mon_id 
_pdbx_poly_seq_scheme.ndb_seq_num 
_pdbx_poly_seq_scheme.pdb_seq_num 
_pdbx_poly_seq_scheme.auth_seq_num 
_pdbx_poly_seq_scheme.pdb_mon_id 
_pdbx_poly_seq_scheme.auth_mon_id 
_pdbx_poly_seq_scheme.pdb_strand_id 
_pdbx_poly_seq_scheme.pdb_ins_code 
_pdbx_poly_seq_scheme.hetero 
A 1 1  DC 1  1  1  DC DC B . n 
A 1 2  DG 2  2  2  DG DG B . n 
A 1 3  DC 3  3  3  DC DC B . n 
A 1 4  DG 4  4  4  DG DG B . n 
A 1 5  DA 5  5  5  DA DA B . n 
A 1 6  DA 6  6  6  DA DA B . n 
A 1 7  DT 7  7  7  DT DT B . n 
A 1 8  DT 8  8  8  DT DT B . n 
A 1 9  DC 9  9  9  DC DC B . n 
A 1 10 DG 10 10 10 DG DG B . n 
A 1 11 DC 11 11 11 DC DC B . n 
A 1 12 DG 12 12 12 DG DG B . n 
B 1 1  DC 1  13 13 DC DC C . n 
B 1 2  DG 2  14 14 DG DG C . n 
B 1 3  DC 3  15 15 DC DC C . n 
B 1 4  DG 4  16 16 DG DG C . n 
B 1 5  DA 5  17 17 DA DA C . n 
B 1 6  DA 6  18 18 DA DA C . n 
B 1 7  DT 7  19 19 DT DT C . n 
B 1 8  DT 8  20 20 DT DT C . n 
B 1 9  DC 9  21 21 DC DC C . n 
B 1 10 DG 10 22 22 DG DG C . n 
B 1 11 DC 11 23 23 DC DC C . n 
B 1 12 DG 12 24 24 DG DG C . n 
# 
loop_
_pdbx_nonpoly_scheme.asym_id 
_pdbx_nonpoly_scheme.entity_id 
_pdbx_nonpoly_scheme.mon_id 
_pdbx_nonpoly_scheme.ndb_seq_num 
_pdbx_nonpoly_scheme.pdb_seq_num 
_pdbx_nonpoly_scheme.auth_seq_num 
_pdbx_nonpoly_scheme.pdb_mon_id 
_pdbx_nonpoly_scheme.auth_mon_id 
_pdbx_nonpoly_scheme.pdb_strand_id 
_pdbx_nonpoly_scheme.pdb_ins_code 
C 2 884 1  101 101 884 SML B . 
D 3 MG  1  102 1   MG  MG  B . 
E 4 HOH 1  201 94  HOH HOH B . 
E 4 HOH 2  202 39  HOH HOH B . 
E 4 HOH 3  203 34  HOH HOH B . 
E 4 HOH 4  204 12  HOH HOH B . 
E 4 HOH 5  205 45  HOH HOH B . 
E 4 HOH 6  206 77  HOH HOH B . 
E 4 HOH 7  207 83  HOH HOH B . 
E 4 HOH 8  208 25  HOH HOH B . 
E 4 HOH 9  209 47  HOH HOH B . 
E 4 HOH 10 210 22  HOH HOH B . 
E 4 HOH 11 211 60  HOH HOH B . 
E 4 HOH 12 212 2   HOH HOH B . 
E 4 HOH 13 213 23  HOH HOH B . 
E 4 HOH 14 214 85  HOH HOH B . 
E 4 HOH 15 215 51  HOH HOH B . 
E 4 HOH 16 216 36  HOH HOH B . 
E 4 HOH 17 217 93  HOH HOH B . 
E 4 HOH 18 218 11  HOH HOH B . 
E 4 HOH 19 219 75  HOH HOH B . 
E 4 HOH 20 220 26  HOH HOH B . 
E 4 HOH 21 221 41  HOH HOH B . 
E 4 HOH 22 222 4   HOH HOH B . 
E 4 HOH 23 223 104 HOH HOH B . 
E 4 HOH 24 224 53  HOH HOH B . 
E 4 HOH 25 225 15  HOH HOH B . 
E 4 HOH 26 226 61  HOH HOH B . 
E 4 HOH 27 227 67  HOH HOH B . 
E 4 HOH 28 228 43  HOH HOH B . 
E 4 HOH 29 229 3   HOH HOH B . 
E 4 HOH 30 230 7   HOH HOH B . 
E 4 HOH 31 231 91  HOH HOH B . 
E 4 HOH 32 232 5   HOH HOH B . 
E 4 HOH 33 233 96  HOH HOH B . 
E 4 HOH 34 234 6   HOH HOH B . 
E 4 HOH 35 235 95  HOH HOH B . 
E 4 HOH 36 236 81  HOH HOH B . 
E 4 HOH 37 237 71  HOH HOH B . 
E 4 HOH 38 238 30  HOH HOH B . 
E 4 HOH 39 239 99  HOH HOH B . 
E 4 HOH 40 240 27  HOH HOH B . 
E 4 HOH 41 241 46  HOH HOH B . 
E 4 HOH 42 242 10  HOH HOH B . 
E 4 HOH 43 243 14  HOH HOH B . 
E 4 HOH 44 244 64  HOH HOH B . 
E 4 HOH 45 245 87  HOH HOH B . 
E 4 HOH 46 246 58  HOH HOH B . 
E 4 HOH 47 247 84  HOH HOH B . 
E 4 HOH 48 248 108 HOH HOH B . 
E 4 HOH 49 249 106 HOH HOH B . 
E 4 HOH 50 250 8   HOH HOH B . 
E 4 HOH 51 251 86  HOH HOH B . 
E 4 HOH 52 252 63  HOH HOH B . 
E 4 HOH 53 253 103 HOH HOH B . 
E 4 HOH 54 254 89  HOH HOH B . 
E 4 HOH 55 255 17  HOH HOH B . 
E 4 HOH 56 256 20  HOH HOH B . 
E 4 HOH 57 257 100 HOH HOH B . 
E 4 HOH 58 258 56  HOH HOH B . 
E 4 HOH 59 259 16  HOH HOH B . 
E 4 HOH 60 260 50  HOH HOH B . 
E 4 HOH 61 261 57  HOH HOH B . 
E 4 HOH 62 262 54  HOH HOH B . 
E 4 HOH 63 263 74  HOH HOH B . 
E 4 HOH 64 264 42  HOH HOH B . 
F 4 HOH 1  101 48  HOH HOH C . 
F 4 HOH 2  102 31  HOH HOH C . 
F 4 HOH 3  103 68  HOH HOH C . 
F 4 HOH 4  104 49  HOH HOH C . 
F 4 HOH 5  105 98  HOH HOH C . 
F 4 HOH 6  106 21  HOH HOH C . 
F 4 HOH 7  107 76  HOH HOH C . 
F 4 HOH 8  108 32  HOH HOH C . 
F 4 HOH 9  109 9   HOH HOH C . 
F 4 HOH 10 110 69  HOH HOH C . 
F 4 HOH 11 111 52  HOH HOH C . 
F 4 HOH 12 112 82  HOH HOH C . 
F 4 HOH 13 113 72  HOH HOH C . 
F 4 HOH 14 114 44  HOH HOH C . 
F 4 HOH 15 115 18  HOH HOH C . 
F 4 HOH 16 116 107 HOH HOH C . 
F 4 HOH 17 117 59  HOH HOH C . 
F 4 HOH 18 118 38  HOH HOH C . 
F 4 HOH 19 119 19  HOH HOH C . 
F 4 HOH 20 120 109 HOH HOH C . 
F 4 HOH 21 121 33  HOH HOH C . 
F 4 HOH 22 122 24  HOH HOH C . 
F 4 HOH 23 123 35  HOH HOH C . 
F 4 HOH 24 124 79  HOH HOH C . 
F 4 HOH 25 125 88  HOH HOH C . 
F 4 HOH 26 126 105 HOH HOH C . 
F 4 HOH 27 127 90  HOH HOH C . 
F 4 HOH 28 128 28  HOH HOH C . 
F 4 HOH 29 129 40  HOH HOH C . 
F 4 HOH 30 130 29  HOH HOH C . 
F 4 HOH 31 131 13  HOH HOH C . 
F 4 HOH 32 132 92  HOH HOH C . 
F 4 HOH 33 133 66  HOH HOH C . 
F 4 HOH 34 134 62  HOH HOH C . 
F 4 HOH 35 135 78  HOH HOH C . 
F 4 HOH 36 136 37  HOH HOH C . 
F 4 HOH 37 137 65  HOH HOH C . 
F 4 HOH 38 138 101 HOH HOH C . 
F 4 HOH 39 139 97  HOH HOH C . 
F 4 HOH 40 140 80  HOH HOH C . 
F 4 HOH 41 141 73  HOH HOH C . 
F 4 HOH 42 142 102 HOH HOH C . 
F 4 HOH 43 143 70  HOH HOH C . 
F 4 HOH 44 144 55  HOH HOH C . 
# 
loop_
_software.citation_id 
_software.classification 
_software.compiler_name 
_software.compiler_version 
_software.contact_author 
_software.contact_author_email 
_software.date 
_software.description 
_software.dependencies 
_software.hardware 
_software.language 
_software.location 
_software.mods 
_software.name 
_software.os 
_software.os_version 
_software.type 
_software.version 
_software.pdbx_ordinal 
? refinement        ? ? ? ? ? ? ? ? ? ? ? PHENIX   ? ? ? 1.19.2-4158 1 
? 'data scaling'    ? ? ? ? ? ? ? ? ? ? ? XDS      ? ? ? .           2 
? 'data reduction'  ? ? ? ? ? ? ? ? ? ? ? XDS      ? ? ? .           3 
? 'data processing' ? ? ? ? ? ? ? ? ? ? ? autoPROC ? ? ? .           4 
? phasing           ? ? ? ? ? ? ? ? ? ? ? PHASER   ? ? ? .           5 
# 
_cell.angle_alpha                  90.000 
_cell.angle_alpha_esd              ? 
_cell.angle_beta                   90.000 
_cell.angle_beta_esd               ? 
_cell.angle_gamma                  90.000 
_cell.angle_gamma_esd              ? 
_cell.entry_id                     8EDB 
_cell.details                      ? 
_cell.formula_units_Z              ? 
_cell.length_a                     25.770 
_cell.length_a_esd                 ? 
_cell.length_b                     39.760 
_cell.length_b_esd                 ? 
_cell.length_c                     65.350 
_cell.length_c_esd                 ? 
_cell.volume                       ? 
_cell.volume_esd                   ? 
_cell.Z_PDB                        8 
_cell.reciprocal_angle_alpha       ? 
_cell.reciprocal_angle_beta        ? 
_cell.reciprocal_angle_gamma       ? 
_cell.reciprocal_angle_alpha_esd   ? 
_cell.reciprocal_angle_beta_esd    ? 
_cell.reciprocal_angle_gamma_esd   ? 
_cell.reciprocal_length_a          ? 
_cell.reciprocal_length_b          ? 
_cell.reciprocal_length_c          ? 
_cell.reciprocal_length_a_esd      ? 
_cell.reciprocal_length_b_esd      ? 
_cell.reciprocal_length_c_esd      ? 
_cell.pdbx_unique_axis             ? 
_cell.pdbx_esd_method              ? 
# 
_symmetry.entry_id                         8EDB 
_symmetry.cell_setting                     ? 
_symmetry.Int_Tables_number                19 
_symmetry.space_group_name_Hall            ? 
_symmetry.space_group_name_H-M             'P 21 21 21' 
_symmetry.pdbx_full_space_group_name_H-M   ? 
# 
_exptl.absorpt_coefficient_mu     ? 
_exptl.absorpt_correction_T_max   ? 
_exptl.absorpt_correction_T_min   ? 
_exptl.absorpt_correction_type    ? 
_exptl.absorpt_process_details    ? 
_exptl.entry_id                   8EDB 
_exptl.crystals_number            1 
_exptl.details                    ? 
_exptl.method                     'X-RAY DIFFRACTION' 
_exptl.method_details             ? 
# 
_exptl_crystal.colour                       ? 
_exptl_crystal.density_diffrn               ? 
_exptl_crystal.density_Matthews             2.28 
_exptl_crystal.density_method               ? 
_exptl_crystal.density_percent_sol          46.16 
_exptl_crystal.description                  ? 
_exptl_crystal.F_000                        ? 
_exptl_crystal.id                           1 
_exptl_crystal.preparation                  ? 
_exptl_crystal.size_max                     ? 
_exptl_crystal.size_mid                     ? 
_exptl_crystal.size_min                     ? 
_exptl_crystal.size_rad                     ? 
_exptl_crystal.colour_lustre                ? 
_exptl_crystal.colour_modifier              ? 
_exptl_crystal.colour_primary               ? 
_exptl_crystal.density_meas                 ? 
_exptl_crystal.density_meas_esd             ? 
_exptl_crystal.density_meas_gt              ? 
_exptl_crystal.density_meas_lt              ? 
_exptl_crystal.density_meas_temp            ? 
_exptl_crystal.density_meas_temp_esd        ? 
_exptl_crystal.density_meas_temp_gt         ? 
_exptl_crystal.density_meas_temp_lt         ? 
_exptl_crystal.pdbx_crystal_image_url       ? 
_exptl_crystal.pdbx_crystal_image_format    ? 
_exptl_crystal.pdbx_mosaicity               ? 
_exptl_crystal.pdbx_mosaicity_esd           ? 
_exptl_crystal.pdbx_mosaic_method           ? 
_exptl_crystal.pdbx_mosaic_block_size       ? 
_exptl_crystal.pdbx_mosaic_block_size_esd   ? 
# 
_exptl_crystal_grow.apparatus       ? 
_exptl_crystal_grow.atmosphere      ? 
_exptl_crystal_grow.crystal_id      1 
_exptl_crystal_grow.details         ? 
_exptl_crystal_grow.method          'VAPOR DIFFUSION, HANGING DROP' 
_exptl_crystal_grow.method_ref      ? 
_exptl_crystal_grow.pH              7.0 
_exptl_crystal_grow.pressure        ? 
_exptl_crystal_grow.pressure_esd    ? 
_exptl_crystal_grow.seeding         ? 
_exptl_crystal_grow.seeding_ref     ? 
_exptl_crystal_grow.temp_details    ? 
_exptl_crystal_grow.temp_esd        ? 
_exptl_crystal_grow.time            ? 
_exptl_crystal_grow.pdbx_details    
'MPD, SODIUM CACODYLATE TRIHYDRATE, SPERMINE TETRAHYDROCHLORIDE, POTASSIUM CHLORIDE, MAGNESIUM CHLORIDE HEXAHYDRATE' 
_exptl_crystal_grow.pdbx_pH_range   ? 
_exptl_crystal_grow.temp            298 
# 
_diffrn.ambient_environment              ? 
_diffrn.ambient_temp                     100 
_diffrn.ambient_temp_details             ? 
_diffrn.ambient_temp_esd                 ? 
_diffrn.crystal_id                       1 
_diffrn.crystal_support                  ? 
_diffrn.crystal_treatment                ? 
_diffrn.details                          ? 
_diffrn.id                               1 
_diffrn.ambient_pressure                 ? 
_diffrn.ambient_pressure_esd             ? 
_diffrn.ambient_pressure_gt              ? 
_diffrn.ambient_pressure_lt              ? 
_diffrn.ambient_temp_gt                  ? 
_diffrn.ambient_temp_lt                  ? 
_diffrn.pdbx_serial_crystal_experiment   N 
# 
_diffrn_detector.details                      ? 
_diffrn_detector.detector                     PIXEL 
_diffrn_detector.diffrn_id                    1 
_diffrn_detector.type                         'DECTRIS EIGER X 9M' 
_diffrn_detector.area_resol_mean              ? 
_diffrn_detector.dtime                        ? 
_diffrn_detector.pdbx_frames_total            ? 
_diffrn_detector.pdbx_collection_time_total   ? 
_diffrn_detector.pdbx_collection_date         2022-03-07 
_diffrn_detector.pdbx_frequency               ? 
_diffrn_detector.id                           ? 
_diffrn_detector.number_of_axes               ? 
# 
_diffrn_radiation.collimation                      ? 
_diffrn_radiation.diffrn_id                        1 
_diffrn_radiation.filter_edge                      ? 
_diffrn_radiation.inhomogeneity                    ? 
_diffrn_radiation.monochromator                    ? 
_diffrn_radiation.polarisn_norm                    ? 
_diffrn_radiation.polarisn_ratio                   ? 
_diffrn_radiation.probe                            ? 
_diffrn_radiation.type                             ? 
_diffrn_radiation.xray_symbol                      ? 
_diffrn_radiation.wavelength_id                    1 
_diffrn_radiation.pdbx_monochromatic_or_laue_m_l   M 
_diffrn_radiation.pdbx_wavelength_list             ? 
_diffrn_radiation.pdbx_wavelength                  ? 
_diffrn_radiation.pdbx_diffrn_protocol             'SINGLE WAVELENGTH' 
_diffrn_radiation.pdbx_analyzer                    ? 
_diffrn_radiation.pdbx_scattering_type             x-ray 
# 
_diffrn_radiation_wavelength.id           1 
_diffrn_radiation_wavelength.wavelength   1 
_diffrn_radiation_wavelength.wt           1.0 
# 
_diffrn_source.current                     ? 
_diffrn_source.details                     ? 
_diffrn_source.diffrn_id                   1 
_diffrn_source.power                       ? 
_diffrn_source.size                        ? 
_diffrn_source.source                      SYNCHROTRON 
_diffrn_source.target                      ? 
_diffrn_source.type                        'NSLS-II BEAMLINE 17-ID-1' 
_diffrn_source.voltage                     ? 
_diffrn_source.take-off_angle              ? 
_diffrn_source.pdbx_wavelength_list        1 
_diffrn_source.pdbx_wavelength             ? 
_diffrn_source.pdbx_synchrotron_beamline   17-ID-1 
_diffrn_source.pdbx_synchrotron_site       NSLS-II 
# 
_reflns.B_iso_Wilson_estimate                          ? 
_reflns.entry_id                                       8EDB 
_reflns.data_reduction_details                         ? 
_reflns.data_reduction_method                          ? 
_reflns.d_resolution_high                              1.55 
_reflns.d_resolution_low                               25.24 
_reflns.details                                        ? 
_reflns.limit_h_max                                    ? 
_reflns.limit_h_min                                    ? 
_reflns.limit_k_max                                    ? 
_reflns.limit_k_min                                    ? 
_reflns.limit_l_max                                    ? 
_reflns.limit_l_min                                    ? 
_reflns.number_all                                     ? 
_reflns.number_obs                                     10249 
_reflns.observed_criterion                             ? 
_reflns.observed_criterion_F_max                       ? 
_reflns.observed_criterion_F_min                       ? 
_reflns.observed_criterion_I_max                       ? 
_reflns.observed_criterion_I_min                       ? 
_reflns.observed_criterion_sigma_F                     ? 
_reflns.observed_criterion_sigma_I                     ? 
_reflns.percent_possible_obs                           99.5 
_reflns.R_free_details                                 ? 
_reflns.Rmerge_F_all                                   ? 
_reflns.Rmerge_F_obs                                   ? 
_reflns.Friedel_coverage                               ? 
_reflns.number_gt                                      ? 
_reflns.threshold_expression                           ? 
_reflns.pdbx_redundancy                                2.0 
_reflns.pdbx_netI_over_av_sigmaI                       ? 
_reflns.pdbx_netI_over_sigmaI                          17.92 
_reflns.pdbx_res_netI_over_av_sigmaI_2                 ? 
_reflns.pdbx_res_netI_over_sigmaI_2                    ? 
_reflns.pdbx_chi_squared                               ? 
_reflns.pdbx_scaling_rejects                           ? 
_reflns.pdbx_d_res_high_opt                            ? 
_reflns.pdbx_d_res_low_opt                             ? 
_reflns.pdbx_d_res_opt_method                          ? 
_reflns.phase_calculation_details                      ? 
_reflns.pdbx_Rrim_I_all                                ? 
_reflns.pdbx_Rpim_I_all                                ? 
_reflns.pdbx_d_opt                                     ? 
_reflns.pdbx_number_measured_all                       ? 
_reflns.pdbx_diffrn_id                                 1 
_reflns.pdbx_ordinal                                   1 
_reflns.pdbx_CC_half                                   0.99 
_reflns.pdbx_CC_star                                   ? 
_reflns.pdbx_R_split                                   ? 
_reflns.pdbx_Rmerge_I_obs                              ? 
_reflns.pdbx_Rmerge_I_all                              ? 
_reflns.pdbx_Rsym_value                                ? 
_reflns.pdbx_CC_split_method                           ? 
_reflns.pdbx_aniso_diffraction_limit_axis_1_ortho[1]   ? 
_reflns.pdbx_aniso_diffraction_limit_axis_1_ortho[2]   ? 
_reflns.pdbx_aniso_diffraction_limit_axis_1_ortho[3]   ? 
_reflns.pdbx_aniso_diffraction_limit_axis_2_ortho[1]   ? 
_reflns.pdbx_aniso_diffraction_limit_axis_2_ortho[2]   ? 
_reflns.pdbx_aniso_diffraction_limit_axis_2_ortho[3]   ? 
_reflns.pdbx_aniso_diffraction_limit_axis_3_ortho[1]   ? 
_reflns.pdbx_aniso_diffraction_limit_axis_3_ortho[2]   ? 
_reflns.pdbx_aniso_diffraction_limit_axis_3_ortho[3]   ? 
_reflns.pdbx_aniso_diffraction_limit_1                 ? 
_reflns.pdbx_aniso_diffraction_limit_2                 ? 
_reflns.pdbx_aniso_diffraction_limit_3                 ? 
_reflns.pdbx_aniso_B_tensor_eigenvector_1_ortho[1]     ? 
_reflns.pdbx_aniso_B_tensor_eigenvector_1_ortho[2]     ? 
_reflns.pdbx_aniso_B_tensor_eigenvector_1_ortho[3]     ? 
_reflns.pdbx_aniso_B_tensor_eigenvector_2_ortho[1]     ? 
_reflns.pdbx_aniso_B_tensor_eigenvector_2_ortho[2]     ? 
_reflns.pdbx_aniso_B_tensor_eigenvector_2_ortho[3]     ? 
_reflns.pdbx_aniso_B_tensor_eigenvector_3_ortho[1]     ? 
_reflns.pdbx_aniso_B_tensor_eigenvector_3_ortho[2]     ? 
_reflns.pdbx_aniso_B_tensor_eigenvector_3_ortho[3]     ? 
_reflns.pdbx_aniso_B_tensor_eigenvalue_1               ? 
_reflns.pdbx_aniso_B_tensor_eigenvalue_2               ? 
_reflns.pdbx_aniso_B_tensor_eigenvalue_3               ? 
_reflns.pdbx_orthogonalization_convention              ? 
_reflns.pdbx_percent_possible_ellipsoidal              ? 
_reflns.pdbx_percent_possible_spherical                ? 
_reflns.pdbx_percent_possible_ellipsoidal_anomalous    ? 
_reflns.pdbx_percent_possible_spherical_anomalous      ? 
_reflns.pdbx_redundancy_anomalous                      ? 
_reflns.pdbx_CC_half_anomalous                         ? 
_reflns.pdbx_absDiff_over_sigma_anomalous              ? 
_reflns.pdbx_percent_possible_anomalous                ? 
_reflns.pdbx_observed_signal_threshold                 ? 
_reflns.pdbx_signal_type                               ? 
_reflns.pdbx_signal_details                            ? 
_reflns.pdbx_signal_software_id                        ? 
# 
_reflns_shell.d_res_high                                    1.55 
_reflns_shell.d_res_low                                     1.60 
_reflns_shell.meanI_over_sigI_all                           ? 
_reflns_shell.meanI_over_sigI_obs                           ? 
_reflns_shell.number_measured_all                           ? 
_reflns_shell.number_measured_obs                           ? 
_reflns_shell.number_possible                               ? 
_reflns_shell.number_unique_all                             ? 
_reflns_shell.number_unique_obs                             1004 
_reflns_shell.percent_possible_obs                          ? 
_reflns_shell.Rmerge_F_all                                  ? 
_reflns_shell.Rmerge_F_obs                                  ? 
_reflns_shell.meanI_over_sigI_gt                            ? 
_reflns_shell.meanI_over_uI_all                             ? 
_reflns_shell.meanI_over_uI_gt                              ? 
_reflns_shell.number_measured_gt                            ? 
_reflns_shell.number_unique_gt                              ? 
_reflns_shell.percent_possible_gt                           ? 
_reflns_shell.Rmerge_F_gt                                   ? 
_reflns_shell.Rmerge_I_gt                                   ? 
_reflns_shell.pdbx_redundancy                               ? 
_reflns_shell.pdbx_chi_squared                              ? 
_reflns_shell.pdbx_netI_over_sigmaI_all                     ? 
_reflns_shell.pdbx_netI_over_sigmaI_obs                     ? 
_reflns_shell.pdbx_Rrim_I_all                               ? 
_reflns_shell.pdbx_Rpim_I_all                               ? 
_reflns_shell.pdbx_rejects                                  ? 
_reflns_shell.pdbx_ordinal                                  1 
_reflns_shell.pdbx_diffrn_id                                1 
_reflns_shell.pdbx_CC_half                                  0.99 
_reflns_shell.pdbx_CC_star                                  ? 
_reflns_shell.pdbx_R_split                                  ? 
_reflns_shell.percent_possible_all                          ? 
_reflns_shell.Rmerge_I_all                                  ? 
_reflns_shell.Rmerge_I_obs                                  ? 
_reflns_shell.pdbx_Rsym_value                               ? 
_reflns_shell.pdbx_percent_possible_ellipsoidal             ? 
_reflns_shell.pdbx_percent_possible_spherical               ? 
_reflns_shell.pdbx_percent_possible_ellipsoidal_anomalous   ? 
_reflns_shell.pdbx_percent_possible_spherical_anomalous     ? 
_reflns_shell.pdbx_redundancy_anomalous                     ? 
_reflns_shell.pdbx_CC_half_anomalous                        ? 
_reflns_shell.pdbx_absDiff_over_sigma_anomalous             ? 
_reflns_shell.pdbx_percent_possible_anomalous               ? 
# 
_refine.aniso_B[1][1]                            ? 
_refine.aniso_B[1][2]                            ? 
_refine.aniso_B[1][3]                            ? 
_refine.aniso_B[2][2]                            ? 
_refine.aniso_B[2][3]                            ? 
_refine.aniso_B[3][3]                            ? 
_refine.B_iso_max                                52.080 
_refine.B_iso_mean                               24.2403 
_refine.B_iso_min                                12.230 
_refine.correlation_coeff_Fo_to_Fc               ? 
_refine.correlation_coeff_Fo_to_Fc_free          ? 
_refine.details                                  ? 
_refine.diff_density_max                         ? 
_refine.diff_density_max_esd                     ? 
_refine.diff_density_min                         ? 
_refine.diff_density_min_esd                     ? 
_refine.diff_density_rms                         ? 
_refine.diff_density_rms_esd                     ? 
_refine.entry_id                                 8EDB 
_refine.pdbx_refine_id                           'X-RAY DIFFRACTION' 
_refine.ls_abs_structure_details                 ? 
_refine.ls_abs_structure_Flack                   ? 
_refine.ls_abs_structure_Flack_esd               ? 
_refine.ls_abs_structure_Rogers                  ? 
_refine.ls_abs_structure_Rogers_esd              ? 
_refine.ls_d_res_high                            1.5500 
_refine.ls_d_res_low                             25.2400 
_refine.ls_extinction_coef                       ? 
_refine.ls_extinction_coef_esd                   ? 
_refine.ls_extinction_expression                 ? 
_refine.ls_extinction_method                     ? 
_refine.ls_goodness_of_fit_all                   ? 
_refine.ls_goodness_of_fit_all_esd               ? 
_refine.ls_goodness_of_fit_obs                   ? 
_refine.ls_goodness_of_fit_obs_esd               ? 
_refine.ls_hydrogen_treatment                    ? 
_refine.ls_matrix_type                           ? 
_refine.ls_number_constraints                    ? 
_refine.ls_number_parameters                     ? 
_refine.ls_number_reflns_all                     ? 
_refine.ls_number_reflns_obs                     10202 
_refine.ls_number_reflns_R_free                  1019 
_refine.ls_number_reflns_R_work                  9183 
_refine.ls_number_restraints                     ? 
_refine.ls_percent_reflns_obs                    99.4600 
_refine.ls_percent_reflns_R_free                 9.9900 
_refine.ls_R_factor_all                          ? 
_refine.ls_R_factor_obs                          0.2012 
_refine.ls_R_factor_R_free                       0.2157 
_refine.ls_R_factor_R_free_error                 ? 
_refine.ls_R_factor_R_free_error_details         ? 
_refine.ls_R_factor_R_work                       0.1997 
_refine.ls_R_Fsqd_factor_obs                     ? 
_refine.ls_R_I_factor_obs                        ? 
_refine.ls_redundancy_reflns_all                 ? 
_refine.ls_redundancy_reflns_obs                 ? 
_refine.ls_restrained_S_all                      ? 
_refine.ls_restrained_S_obs                      ? 
_refine.ls_shift_over_esd_max                    ? 
_refine.ls_shift_over_esd_mean                   ? 
_refine.ls_structure_factor_coef                 ? 
_refine.ls_weighting_details                     ? 
_refine.ls_weighting_scheme                      ? 
_refine.ls_wR_factor_all                         ? 
_refine.ls_wR_factor_obs                         ? 
_refine.ls_wR_factor_R_free                      ? 
_refine.ls_wR_factor_R_work                      ? 
_refine.occupancy_max                            ? 
_refine.occupancy_min                            ? 
_refine.solvent_model_details                    'FLAT BULK SOLVENT MODEL' 
_refine.solvent_model_param_bsol                 ? 
_refine.solvent_model_param_ksol                 ? 
_refine.pdbx_R_complete                          ? 
_refine.ls_R_factor_gt                           ? 
_refine.ls_goodness_of_fit_gt                    ? 
_refine.ls_goodness_of_fit_ref                   ? 
_refine.ls_shift_over_su_max                     ? 
_refine.ls_shift_over_su_max_lt                  ? 
_refine.ls_shift_over_su_mean                    ? 
_refine.ls_shift_over_su_mean_lt                 ? 
_refine.pdbx_ls_sigma_I                          ? 
_refine.pdbx_ls_sigma_F                          1.350 
_refine.pdbx_ls_sigma_Fsqd                       ? 
_refine.pdbx_data_cutoff_high_absF               ? 
_refine.pdbx_data_cutoff_high_rms_absF           ? 
_refine.pdbx_data_cutoff_low_absF                ? 
_refine.pdbx_isotropic_thermal_model             ? 
_refine.pdbx_ls_cross_valid_method               THROUGHOUT 
_refine.pdbx_method_to_determine_struct          'MOLECULAR REPLACEMENT' 
_refine.pdbx_starting_model                      IBNA 
_refine.pdbx_stereochemistry_target_values       ML 
_refine.pdbx_R_Free_selection_details            ? 
_refine.pdbx_stereochem_target_val_spec_case     ? 
_refine.pdbx_overall_ESU_R                       ? 
_refine.pdbx_overall_ESU_R_Free                  ? 
_refine.pdbx_solvent_vdw_probe_radii             1.1100 
_refine.pdbx_solvent_ion_probe_radii             ? 
_refine.pdbx_solvent_shrinkage_radii             0.9000 
_refine.pdbx_real_space_R                        ? 
_refine.pdbx_density_correlation                 ? 
_refine.pdbx_pd_number_of_powder_patterns        ? 
_refine.pdbx_pd_number_of_points                 ? 
_refine.pdbx_pd_meas_number_of_points            ? 
_refine.pdbx_pd_proc_ls_prof_R_factor            ? 
_refine.pdbx_pd_proc_ls_prof_wR_factor           ? 
_refine.pdbx_pd_Marquardt_correlation_coeff      ? 
_refine.pdbx_pd_Fsqrd_R_factor                   ? 
_refine.pdbx_pd_ls_matrix_band_width             ? 
_refine.pdbx_overall_phase_error                 23.7100 
_refine.pdbx_overall_SU_R_free_Cruickshank_DPI   ? 
_refine.pdbx_overall_SU_R_free_Blow_DPI          ? 
_refine.pdbx_overall_SU_R_Blow_DPI               ? 
_refine.pdbx_TLS_residual_ADP_flag               ? 
_refine.pdbx_diffrn_id                           1 
_refine.overall_SU_B                             ? 
_refine.overall_SU_ML                            0.1800 
_refine.overall_SU_R_Cruickshank_DPI             ? 
_refine.overall_SU_R_free                        ? 
_refine.overall_FOM_free_R_set                   ? 
_refine.overall_FOM_work_R_set                   ? 
_refine.pdbx_average_fsc_overall                 ? 
_refine.pdbx_average_fsc_work                    ? 
_refine.pdbx_average_fsc_free                    ? 
# 
_refine_hist.pdbx_refine_id                   'X-RAY DIFFRACTION' 
_refine_hist.cycle_id                         final 
_refine_hist.details                          ? 
_refine_hist.d_res_high                       1.5500 
_refine_hist.d_res_low                        25.2400 
_refine_hist.number_atoms_solvent             108 
_refine_hist.number_atoms_total               643 
_refine_hist.number_reflns_all                ? 
_refine_hist.number_reflns_obs                ? 
_refine_hist.number_reflns_R_free             ? 
_refine_hist.number_reflns_R_work             ? 
_refine_hist.R_factor_all                     ? 
_refine_hist.R_factor_obs                     ? 
_refine_hist.R_factor_R_free                  ? 
_refine_hist.R_factor_R_work                  ? 
_refine_hist.pdbx_number_residues_total       24 
_refine_hist.pdbx_B_iso_mean_ligand           29.99 
_refine_hist.pdbx_B_iso_mean_solvent          33.03 
_refine_hist.pdbx_number_atoms_protein        0 
_refine_hist.pdbx_number_atoms_nucleic_acid   486 
_refine_hist.pdbx_number_atoms_ligand         49 
_refine_hist.pdbx_number_atoms_lipid          ? 
_refine_hist.pdbx_number_atoms_carb           ? 
_refine_hist.pdbx_pseudo_atom_details         ? 
# 
loop_
_refine_ls_restr.pdbx_refine_id 
_refine_ls_restr.criterion 
_refine_ls_restr.dev_ideal 
_refine_ls_restr.dev_ideal_target 
_refine_ls_restr.number 
_refine_ls_restr.rejects 
_refine_ls_restr.type 
_refine_ls_restr.weight 
_refine_ls_restr.pdbx_restraint_function 
'X-RAY DIFFRACTION' ? 0.013   ? 574 ? f_bond_d           ? ? 
'X-RAY DIFFRACTION' ? 1.521   ? 879 ? f_angle_d          ? ? 
'X-RAY DIFFRACTION' ? 29.4089 ? 258 ? f_dihedral_angle_d ? ? 
'X-RAY DIFFRACTION' ? 0.079   ? 94  ? f_chiral_restr     ? ? 
'X-RAY DIFFRACTION' ? 0.018   ? 29  ? f_plane_restr      ? ? 
# 
loop_
_refine_ls_restr_ncs.pdbx_refine_id 
_refine_ls_restr_ncs.dom_id 
_refine_ls_restr_ncs.ncs_model_details 
_refine_ls_restr_ncs.rms_dev_B_iso 
_refine_ls_restr_ncs.rms_dev_position 
_refine_ls_restr_ncs.weight_B_iso 
_refine_ls_restr_ncs.weight_position 
_refine_ls_restr_ncs.pdbx_ordinal 
_refine_ls_restr_ncs.pdbx_type 
_refine_ls_restr_ncs.pdbx_asym_id 
_refine_ls_restr_ncs.pdbx_auth_asym_id 
_refine_ls_restr_ncs.pdbx_number 
_refine_ls_restr_ncs.pdbx_rms 
_refine_ls_restr_ncs.pdbx_weight 
_refine_ls_restr_ncs.pdbx_ens_id 
'X-RAY DIFFRACTION' 1 ? ? ? ? ? 1 TORSIONAL ? B 232 8.555 ? 1 
'X-RAY DIFFRACTION' 2 ? ? ? ? ? 2 TORSIONAL ? C 232 8.555 ? 1 
# 
loop_
_refine_ls_shell.pdbx_refine_id 
_refine_ls_shell.d_res_high 
_refine_ls_shell.d_res_low 
_refine_ls_shell.number_reflns_all 
_refine_ls_shell.number_reflns_obs 
_refine_ls_shell.number_reflns_R_free 
_refine_ls_shell.number_reflns_R_work 
_refine_ls_shell.percent_reflns_obs 
_refine_ls_shell.percent_reflns_R_free 
_refine_ls_shell.R_factor_all 
_refine_ls_shell.R_factor_obs 
_refine_ls_shell.R_factor_R_free_error 
_refine_ls_shell.R_factor_R_work 
_refine_ls_shell.redundancy_reflns_all 
_refine_ls_shell.redundancy_reflns_obs 
_refine_ls_shell.wR_factor_all 
_refine_ls_shell.wR_factor_obs 
_refine_ls_shell.wR_factor_R_free 
_refine_ls_shell.wR_factor_R_work 
_refine_ls_shell.pdbx_R_complete 
_refine_ls_shell.pdbx_total_number_of_bins_used 
_refine_ls_shell.pdbx_phase_error 
_refine_ls_shell.pdbx_fsc_work 
_refine_ls_shell.pdbx_fsc_free 
_refine_ls_shell.R_factor_R_free 
'X-RAY DIFFRACTION' 1.5500 1.6300  1419 . 140 1279 99.0000  . . . 0.0000 0.2661 . . . . . . . 7 . . . 0.3176 
'X-RAY DIFFRACTION' 1.6300 1.7300  1410 . 141 1269 99.0000  . . . 0.0000 0.2250 . . . . . . . 7 . . . 0.2191 
'X-RAY DIFFRACTION' 1.7300 1.8700  1431 . 143 1288 100.0000 . . . 0.0000 0.2058 . . . . . . . 7 . . . 0.2502 
'X-RAY DIFFRACTION' 1.8700 2.0600  1446 . 145 1301 100.0000 . . . 0.0000 0.2274 . . . . . . . 7 . . . 0.2557 
'X-RAY DIFFRACTION' 2.0600 2.3500  1474 . 148 1326 100.0000 . . . 0.0000 0.2107 . . . . . . . 7 . . . 0.2524 
'X-RAY DIFFRACTION' 2.3500 2.9600  1474 . 147 1327 100.0000 . . . 0.0000 0.2203 . . . . . . . 7 . . . 0.2358 
'X-RAY DIFFRACTION' 2.9700 25.2400 1548 . 155 1393 99.0000  . . . 0.0000 0.1734 . . . . . . . 7 . . . 0.1782 
# 
loop_
_struct_ncs_dom.pdbx_ens_id 
_struct_ncs_dom.id 
_struct_ncs_dom.details 
1 1 '(chain B and resid 1 through 12)' 
1 2 'chain C'                          
# 
loop_
_struct_ncs_dom_lim.pdbx_ens_id 
_struct_ncs_dom_lim.dom_id 
_struct_ncs_dom_lim.pdbx_component_id 
_struct_ncs_dom_lim.beg_label_asym_id 
_struct_ncs_dom_lim.beg_label_comp_id 
_struct_ncs_dom_lim.beg_label_seq_id 
_struct_ncs_dom_lim.beg_label_alt_id 
_struct_ncs_dom_lim.end_label_asym_id 
_struct_ncs_dom_lim.end_label_comp_id 
_struct_ncs_dom_lim.end_label_seq_id 
_struct_ncs_dom_lim.end_label_alt_id 
_struct_ncs_dom_lim.beg_auth_asym_id 
_struct_ncs_dom_lim.beg_auth_comp_id 
_struct_ncs_dom_lim.beg_auth_seq_id 
_struct_ncs_dom_lim.end_auth_asym_id 
_struct_ncs_dom_lim.end_auth_comp_id 
_struct_ncs_dom_lim.end_auth_seq_id 
_struct_ncs_dom_lim.pdbx_refine_code 
_struct_ncs_dom_lim.selection_details 
1 1 1 A DC 1 . A DG 12 . B DC 1  B DG 12 ? '(chain B and resid 1 through 12)' 
1 2 1 B DC 1 . B DG 12 . C DC 13 C DG 24 ? 'chain C'                          
# 
_struct_ncs_ens.id        1 
_struct_ncs_ens.details   ? 
# 
_struct.entry_id                     8EDB 
_struct.title                        
;5'-CGCGAATTCGCG-3' and an AT-specific binder (DB1884) complex
;
_struct.pdbx_model_details           ? 
_struct.pdbx_formula_weight          ? 
_struct.pdbx_formula_weight_method   ? 
_struct.pdbx_model_type_details      ? 
_struct.pdbx_CASP_flag               N 
# 
_struct_keywords.entry_id        8EDB 
_struct_keywords.text            'DNA, SMALL MOLECULE, MINOR GROOVE' 
_struct_keywords.pdbx_keywords   DNA 
# 
loop_
_struct_asym.id 
_struct_asym.pdbx_blank_PDB_chainid_flag 
_struct_asym.pdbx_modified 
_struct_asym.entity_id 
_struct_asym.details 
A N N 1 ? 
B N N 1 ? 
C N N 2 ? 
D N N 3 ? 
E N N 4 ? 
F N N 4 ? 
# 
_struct_ref.id                         1 
_struct_ref.db_name                    PDB 
_struct_ref.db_code                    8EDB 
_struct_ref.pdbx_db_accession          8EDB 
_struct_ref.pdbx_db_isoform            ? 
_struct_ref.entity_id                  1 
_struct_ref.pdbx_seq_one_letter_code   ? 
_struct_ref.pdbx_align_begin           1 
# 
loop_
_struct_ref_seq.align_id 
_struct_ref_seq.ref_id 
_struct_ref_seq.pdbx_PDB_id_code 
_struct_ref_seq.pdbx_strand_id 
_struct_ref_seq.seq_align_beg 
_struct_ref_seq.pdbx_seq_align_beg_ins_code 
_struct_ref_seq.seq_align_end 
_struct_ref_seq.pdbx_seq_align_end_ins_code 
_struct_ref_seq.pdbx_db_accession 
_struct_ref_seq.db_align_beg 
_struct_ref_seq.pdbx_db_align_beg_ins_code 
_struct_ref_seq.db_align_end 
_struct_ref_seq.pdbx_db_align_end_ins_code 
_struct_ref_seq.pdbx_auth_seq_align_beg 
_struct_ref_seq.pdbx_auth_seq_align_end 
1 1 8EDB B 1 ? 12 ? 8EDB 1  ? 12 ? 1  12 
2 1 8EDB C 1 ? 12 ? 8EDB 13 ? 24 ? 13 24 
# 
_pdbx_struct_assembly.id                   1 
_pdbx_struct_assembly.details              author_defined_assembly 
_pdbx_struct_assembly.method_details       ? 
_pdbx_struct_assembly.oligomeric_details   dimeric 
_pdbx_struct_assembly.oligomeric_count     2 
# 
_pdbx_struct_assembly_gen.assembly_id       1 
_pdbx_struct_assembly_gen.oper_expression   1 
_pdbx_struct_assembly_gen.asym_id_list      A,B,C,D,E,F 
# 
_pdbx_struct_assembly_auth_evidence.id                     1 
_pdbx_struct_assembly_auth_evidence.assembly_id            1 
_pdbx_struct_assembly_auth_evidence.experimental_support   'mass spectrometry' 
_pdbx_struct_assembly_auth_evidence.details                ? 
# 
_pdbx_struct_oper_list.id                   1 
_pdbx_struct_oper_list.type                 'identity operation' 
_pdbx_struct_oper_list.name                 1_555 
_pdbx_struct_oper_list.symmetry_operation   x,y,z 
_pdbx_struct_oper_list.matrix[1][1]         1.0000000000 
_pdbx_struct_oper_list.matrix[1][2]         0.0000000000 
_pdbx_struct_oper_list.matrix[1][3]         0.0000000000 
_pdbx_struct_oper_list.vector[1]            0.0000000000 
_pdbx_struct_oper_list.matrix[2][1]         0.0000000000 
_pdbx_struct_oper_list.matrix[2][2]         1.0000000000 
_pdbx_struct_oper_list.matrix[2][3]         0.0000000000 
_pdbx_struct_oper_list.vector[2]            0.0000000000 
_pdbx_struct_oper_list.matrix[3][1]         0.0000000000 
_pdbx_struct_oper_list.matrix[3][2]         0.0000000000 
_pdbx_struct_oper_list.matrix[3][3]         1.0000000000 
_pdbx_struct_oper_list.vector[3]            0.0000000000 
# 
loop_
_struct_conn.id 
_struct_conn.conn_type_id 
_struct_conn.pdbx_leaving_atom_flag 
_struct_conn.pdbx_PDB_id 
_struct_conn.ptnr1_label_asym_id 
_struct_conn.ptnr1_label_comp_id 
_struct_conn.ptnr1_label_seq_id 
_struct_conn.ptnr1_label_atom_id 
_struct_conn.pdbx_ptnr1_label_alt_id 
_struct_conn.pdbx_ptnr1_PDB_ins_code 
_struct_conn.pdbx_ptnr1_standard_comp_id 
_struct_conn.ptnr1_symmetry 
_struct_conn.ptnr2_label_asym_id 
_struct_conn.ptnr2_label_comp_id 
_struct_conn.ptnr2_label_seq_id 
_struct_conn.ptnr2_label_atom_id 
_struct_conn.pdbx_ptnr2_label_alt_id 
_struct_conn.pdbx_ptnr2_PDB_ins_code 
_struct_conn.ptnr1_auth_asym_id 
_struct_conn.ptnr1_auth_comp_id 
_struct_conn.ptnr1_auth_seq_id 
_struct_conn.ptnr2_auth_asym_id 
_struct_conn.ptnr2_auth_comp_id 
_struct_conn.ptnr2_auth_seq_id 
_struct_conn.ptnr2_symmetry 
_struct_conn.pdbx_ptnr3_label_atom_id 
_struct_conn.pdbx_ptnr3_label_seq_id 
_struct_conn.pdbx_ptnr3_label_comp_id 
_struct_conn.pdbx_ptnr3_label_asym_id 
_struct_conn.pdbx_ptnr3_label_alt_id 
_struct_conn.pdbx_ptnr3_PDB_ins_code 
_struct_conn.details 
_struct_conn.pdbx_dist_value 
_struct_conn.pdbx_value_order 
_struct_conn.pdbx_role 
metalc1  metalc ? ? D MG .  MG ? ? ? 1_555 E HOH .  O  ? ? B MG 102 B HOH 212 1_555 ? ? ? ? ? ? ?            2.006 ? ? 
metalc2  metalc ? ? D MG .  MG ? ? ? 1_555 E HOH .  O  ? ? B MG 102 B HOH 222 3_655 ? ? ? ? ? ? ?            2.039 ? ? 
metalc3  metalc ? ? D MG .  MG ? ? ? 1_555 E HOH .  O  ? ? B MG 102 B HOH 225 3_655 ? ? ? ? ? ? ?            2.043 ? ? 
metalc4  metalc ? ? D MG .  MG ? ? ? 1_555 E HOH .  O  ? ? B MG 102 B HOH 229 3_655 ? ? ? ? ? ? ?            2.111 ? ? 
metalc5  metalc ? ? D MG .  MG ? ? ? 1_555 E HOH .  O  ? ? B MG 102 B HOH 230 1_555 ? ? ? ? ? ? ?            2.110 ? ? 
metalc6  metalc ? ? D MG .  MG ? ? ? 1_555 F HOH .  O  ? ? B MG 102 C HOH 109 1_555 ? ? ? ? ? ? ?            2.113 ? ? 
hydrog1  hydrog ? ? A DC 1  N3 ? ? ? 1_555 B DG  12 N1 ? ? B DC 1   C DG  24  1_555 ? ? ? ? ? ? WATSON-CRICK ?     ? ? 
hydrog2  hydrog ? ? A DC 1  N4 ? ? ? 1_555 B DG  12 O6 ? ? B DC 1   C DG  24  1_555 ? ? ? ? ? ? WATSON-CRICK ?     ? ? 
hydrog3  hydrog ? ? A DC 1  O2 ? ? ? 1_555 B DG  12 N2 ? ? B DC 1   C DG  24  1_555 ? ? ? ? ? ? WATSON-CRICK ?     ? ? 
hydrog4  hydrog ? ? A DG 2  N1 ? ? ? 1_555 B DC  11 N3 ? ? B DG 2   C DC  23  1_555 ? ? ? ? ? ? WATSON-CRICK ?     ? ? 
hydrog5  hydrog ? ? A DG 2  N2 ? ? ? 1_555 B DC  11 O2 ? ? B DG 2   C DC  23  1_555 ? ? ? ? ? ? WATSON-CRICK ?     ? ? 
hydrog6  hydrog ? ? A DG 2  O6 ? ? ? 1_555 B DC  11 N4 ? ? B DG 2   C DC  23  1_555 ? ? ? ? ? ? WATSON-CRICK ?     ? ? 
hydrog7  hydrog ? ? A DC 3  N3 ? ? ? 1_555 B DG  10 N1 ? ? B DC 3   C DG  22  1_555 ? ? ? ? ? ? WATSON-CRICK ?     ? ? 
hydrog8  hydrog ? ? A DC 3  N4 ? ? ? 1_555 B DG  10 O6 ? ? B DC 3   C DG  22  1_555 ? ? ? ? ? ? WATSON-CRICK ?     ? ? 
hydrog9  hydrog ? ? A DC 3  O2 ? ? ? 1_555 B DG  10 N2 ? ? B DC 3   C DG  22  1_555 ? ? ? ? ? ? WATSON-CRICK ?     ? ? 
hydrog10 hydrog ? ? A DG 4  N1 ? ? ? 1_555 B DC  9  N3 ? ? B DG 4   C DC  21  1_555 ? ? ? ? ? ? WATSON-CRICK ?     ? ? 
hydrog11 hydrog ? ? A DG 4  N2 ? ? ? 1_555 B DC  9  O2 ? ? B DG 4   C DC  21  1_555 ? ? ? ? ? ? WATSON-CRICK ?     ? ? 
hydrog12 hydrog ? ? A DG 4  O6 ? ? ? 1_555 B DC  9  N4 ? ? B DG 4   C DC  21  1_555 ? ? ? ? ? ? WATSON-CRICK ?     ? ? 
hydrog13 hydrog ? ? A DA 5  N1 ? ? ? 1_555 B DT  8  N3 ? ? B DA 5   C DT  20  1_555 ? ? ? ? ? ? WATSON-CRICK ?     ? ? 
hydrog14 hydrog ? ? A DA 5  N6 ? ? ? 1_555 B DT  8  O4 ? ? B DA 5   C DT  20  1_555 ? ? ? ? ? ? WATSON-CRICK ?     ? ? 
hydrog15 hydrog ? ? A DA 6  N1 ? ? ? 1_555 B DT  7  N3 ? ? B DA 6   C DT  19  1_555 ? ? ? ? ? ? WATSON-CRICK ?     ? ? 
hydrog16 hydrog ? ? A DA 6  N6 ? ? ? 1_555 B DT  7  O4 ? ? B DA 6   C DT  19  1_555 ? ? ? ? ? ? WATSON-CRICK ?     ? ? 
hydrog17 hydrog ? ? A DT 7  N3 ? ? ? 1_555 B DA  6  N1 ? ? B DT 7   C DA  18  1_555 ? ? ? ? ? ? WATSON-CRICK ?     ? ? 
hydrog18 hydrog ? ? A DT 7  O4 ? ? ? 1_555 B DA  6  N6 ? ? B DT 7   C DA  18  1_555 ? ? ? ? ? ? WATSON-CRICK ?     ? ? 
hydrog19 hydrog ? ? A DT 8  N3 ? ? ? 1_555 B DA  5  N1 ? ? B DT 8   C DA  17  1_555 ? ? ? ? ? ? WATSON-CRICK ?     ? ? 
hydrog20 hydrog ? ? A DT 8  O4 ? ? ? 1_555 B DA  5  N6 ? ? B DT 8   C DA  17  1_555 ? ? ? ? ? ? WATSON-CRICK ?     ? ? 
hydrog21 hydrog ? ? A DC 9  N3 ? ? ? 1_555 B DG  4  N1 ? ? B DC 9   C DG  16  1_555 ? ? ? ? ? ? WATSON-CRICK ?     ? ? 
hydrog22 hydrog ? ? A DC 9  N4 ? ? ? 1_555 B DG  4  O6 ? ? B DC 9   C DG  16  1_555 ? ? ? ? ? ? WATSON-CRICK ?     ? ? 
hydrog23 hydrog ? ? A DC 9  O2 ? ? ? 1_555 B DG  4  N2 ? ? B DC 9   C DG  16  1_555 ? ? ? ? ? ? WATSON-CRICK ?     ? ? 
hydrog24 hydrog ? ? A DG 10 N1 ? ? ? 1_555 B DC  3  N3 ? ? B DG 10  C DC  15  1_555 ? ? ? ? ? ? WATSON-CRICK ?     ? ? 
hydrog25 hydrog ? ? A DG 10 N2 ? ? ? 1_555 B DC  3  O2 ? ? B DG 10  C DC  15  1_555 ? ? ? ? ? ? WATSON-CRICK ?     ? ? 
hydrog26 hydrog ? ? A DG 10 O6 ? ? ? 1_555 B DC  3  N4 ? ? B DG 10  C DC  15  1_555 ? ? ? ? ? ? WATSON-CRICK ?     ? ? 
hydrog27 hydrog ? ? A DC 11 N3 ? ? ? 1_555 B DG  2  N1 ? ? B DC 11  C DG  14  1_555 ? ? ? ? ? ? WATSON-CRICK ?     ? ? 
hydrog28 hydrog ? ? A DC 11 N4 ? ? ? 1_555 B DG  2  O6 ? ? B DC 11  C DG  14  1_555 ? ? ? ? ? ? WATSON-CRICK ?     ? ? 
hydrog29 hydrog ? ? A DC 11 O2 ? ? ? 1_555 B DG  2  N2 ? ? B DC 11  C DG  14  1_555 ? ? ? ? ? ? WATSON-CRICK ?     ? ? 
hydrog30 hydrog ? ? A DG 12 N1 ? ? ? 1_555 B DC  1  N3 ? ? B DG 12  C DC  13  1_555 ? ? ? ? ? ? WATSON-CRICK ?     ? ? 
hydrog31 hydrog ? ? A DG 12 N2 ? ? ? 1_555 B DC  1  O2 ? ? B DG 12  C DC  13  1_555 ? ? ? ? ? ? WATSON-CRICK ?     ? ? 
hydrog32 hydrog ? ? A DG 12 O6 ? ? ? 1_555 B DC  1  N4 ? ? B DG 12  C DC  13  1_555 ? ? ? ? ? ? WATSON-CRICK ?     ? ? 
# 
loop_
_struct_conn_type.id 
_struct_conn_type.criteria 
_struct_conn_type.reference 
metalc ? ? 
hydrog ? ? 
# 
loop_
_pdbx_struct_conn_angle.id 
_pdbx_struct_conn_angle.ptnr1_label_atom_id 
_pdbx_struct_conn_angle.ptnr1_label_alt_id 
_pdbx_struct_conn_angle.ptnr1_label_asym_id 
_pdbx_struct_conn_angle.ptnr1_label_comp_id 
_pdbx_struct_conn_angle.ptnr1_label_seq_id 
_pdbx_struct_conn_angle.ptnr1_auth_atom_id 
_pdbx_struct_conn_angle.ptnr1_auth_asym_id 
_pdbx_struct_conn_angle.ptnr1_auth_comp_id 
_pdbx_struct_conn_angle.ptnr1_auth_seq_id 
_pdbx_struct_conn_angle.ptnr1_PDB_ins_code 
_pdbx_struct_conn_angle.ptnr1_symmetry 
_pdbx_struct_conn_angle.ptnr2_label_atom_id 
_pdbx_struct_conn_angle.ptnr2_label_alt_id 
_pdbx_struct_conn_angle.ptnr2_label_asym_id 
_pdbx_struct_conn_angle.ptnr2_label_comp_id 
_pdbx_struct_conn_angle.ptnr2_label_seq_id 
_pdbx_struct_conn_angle.ptnr2_auth_atom_id 
_pdbx_struct_conn_angle.ptnr2_auth_asym_id 
_pdbx_struct_conn_angle.ptnr2_auth_comp_id 
_pdbx_struct_conn_angle.ptnr2_auth_seq_id 
_pdbx_struct_conn_angle.ptnr2_PDB_ins_code 
_pdbx_struct_conn_angle.ptnr2_symmetry 
_pdbx_struct_conn_angle.ptnr3_label_atom_id 
_pdbx_struct_conn_angle.ptnr3_label_alt_id 
_pdbx_struct_conn_angle.ptnr3_label_asym_id 
_pdbx_struct_conn_angle.ptnr3_label_comp_id 
_pdbx_struct_conn_angle.ptnr3_label_seq_id 
_pdbx_struct_conn_angle.ptnr3_auth_atom_id 
_pdbx_struct_conn_angle.ptnr3_auth_asym_id 
_pdbx_struct_conn_angle.ptnr3_auth_comp_id 
_pdbx_struct_conn_angle.ptnr3_auth_seq_id 
_pdbx_struct_conn_angle.ptnr3_PDB_ins_code 
_pdbx_struct_conn_angle.ptnr3_symmetry 
_pdbx_struct_conn_angle.value 
_pdbx_struct_conn_angle.value_esd 
1  O ? E HOH . ? B HOH 212 ? 1_555 MG ? D MG . ? B MG 102 ? 1_555 O ? E HOH . ? B HOH 222 ? 3_655 90.6  ? 
2  O ? E HOH . ? B HOH 212 ? 1_555 MG ? D MG . ? B MG 102 ? 1_555 O ? E HOH . ? B HOH 225 ? 3_655 174.5 ? 
3  O ? E HOH . ? B HOH 222 ? 3_655 MG ? D MG . ? B MG 102 ? 1_555 O ? E HOH . ? B HOH 225 ? 3_655 94.9  ? 
4  O ? E HOH . ? B HOH 212 ? 1_555 MG ? D MG . ? B MG 102 ? 1_555 O ? E HOH . ? B HOH 229 ? 3_655 90.8  ? 
5  O ? E HOH . ? B HOH 222 ? 3_655 MG ? D MG . ? B MG 102 ? 1_555 O ? E HOH . ? B HOH 229 ? 3_655 86.0  ? 
6  O ? E HOH . ? B HOH 225 ? 3_655 MG ? D MG . ? B MG 102 ? 1_555 O ? E HOH . ? B HOH 229 ? 3_655 89.1  ? 
7  O ? E HOH . ? B HOH 212 ? 1_555 MG ? D MG . ? B MG 102 ? 1_555 O ? E HOH . ? B HOH 230 ? 1_555 91.4  ? 
8  O ? E HOH . ? B HOH 222 ? 3_655 MG ? D MG . ? B MG 102 ? 1_555 O ? E HOH . ? B HOH 230 ? 1_555 88.5  ? 
9  O ? E HOH . ? B HOH 225 ? 3_655 MG ? D MG . ? B MG 102 ? 1_555 O ? E HOH . ? B HOH 230 ? 1_555 89.3  ? 
10 O ? E HOH . ? B HOH 229 ? 3_655 MG ? D MG . ? B MG 102 ? 1_555 O ? E HOH . ? B HOH 230 ? 1_555 174.1 ? 
11 O ? E HOH . ? B HOH 212 ? 1_555 MG ? D MG . ? B MG 102 ? 1_555 O ? F HOH . ? C HOH 109 ? 1_555 87.4  ? 
12 O ? E HOH . ? B HOH 222 ? 3_655 MG ? D MG . ? B MG 102 ? 1_555 O ? F HOH . ? C HOH 109 ? 1_555 178.0 ? 
13 O ? E HOH . ? B HOH 225 ? 3_655 MG ? D MG . ? B MG 102 ? 1_555 O ? F HOH . ? C HOH 109 ? 1_555 87.1  ? 
14 O ? E HOH . ? B HOH 229 ? 3_655 MG ? D MG . ? B MG 102 ? 1_555 O ? F HOH . ? C HOH 109 ? 1_555 93.5  ? 
15 O ? E HOH . ? B HOH 230 ? 1_555 MG ? D MG . ? B MG 102 ? 1_555 O ? F HOH . ? C HOH 109 ? 1_555 92.0  ? 
# 
loop_
_pdbx_validate_close_contact.id 
_pdbx_validate_close_contact.PDB_model_num 
_pdbx_validate_close_contact.auth_atom_id_1 
_pdbx_validate_close_contact.auth_asym_id_1 
_pdbx_validate_close_contact.auth_comp_id_1 
_pdbx_validate_close_contact.auth_seq_id_1 
_pdbx_validate_close_contact.PDB_ins_code_1 
_pdbx_validate_close_contact.label_alt_id_1 
_pdbx_validate_close_contact.auth_atom_id_2 
_pdbx_validate_close_contact.auth_asym_id_2 
_pdbx_validate_close_contact.auth_comp_id_2 
_pdbx_validate_close_contact.auth_seq_id_2 
_pdbx_validate_close_contact.PDB_ins_code_2 
_pdbx_validate_close_contact.label_alt_id_2 
_pdbx_validate_close_contact.dist 
1 1 H73 C DT  19  ? ? O C HOH 116 ? ? 1.37 
2 1 O   B HOH 220 ? ? O C HOH 115 ? ? 1.82 
3 1 OP1 B DC  11  ? ? O B HOH 201 ? ? 1.90 
4 1 O   C HOH 108 ? ? O C HOH 116 ? ? 1.91 
# 
loop_
_pdbx_validate_rmsd_bond.id 
_pdbx_validate_rmsd_bond.PDB_model_num 
_pdbx_validate_rmsd_bond.auth_atom_id_1 
_pdbx_validate_rmsd_bond.auth_asym_id_1 
_pdbx_validate_rmsd_bond.auth_comp_id_1 
_pdbx_validate_rmsd_bond.auth_seq_id_1 
_pdbx_validate_rmsd_bond.PDB_ins_code_1 
_pdbx_validate_rmsd_bond.label_alt_id_1 
_pdbx_validate_rmsd_bond.auth_atom_id_2 
_pdbx_validate_rmsd_bond.auth_asym_id_2 
_pdbx_validate_rmsd_bond.auth_comp_id_2 
_pdbx_validate_rmsd_bond.auth_seq_id_2 
_pdbx_validate_rmsd_bond.PDB_ins_code_2 
_pdbx_validate_rmsd_bond.label_alt_id_2 
_pdbx_validate_rmsd_bond.bond_value 
_pdbx_validate_rmsd_bond.bond_target_value 
_pdbx_validate_rmsd_bond.bond_deviation 
_pdbx_validate_rmsd_bond.bond_standard_deviation 
_pdbx_validate_rmsd_bond.linker_flag 
1 1 "O3'" B DC 3  ? ? "C3'" B DC 3  ? ? 1.383 1.419 -0.036 0.006 N 
2 1 "O3'" B DG 10 ? ? "C3'" B DG 10 ? ? 1.376 1.419 -0.043 0.006 N 
3 1 "O3'" C DC 23 ? ? "C3'" C DC 23 ? ? 1.376 1.419 -0.043 0.006 N 
# 
_pdbx_entry_details.entry_id                 8EDB 
_pdbx_entry_details.nonpolymer_details       ? 
_pdbx_entry_details.sequence_details         ? 
_pdbx_entry_details.compound_details         ? 
_pdbx_entry_details.source_details           ? 
_pdbx_entry_details.has_ligand_of_interest   Y 
# 
loop_
_chem_comp_atom.comp_id 
_chem_comp_atom.atom_id 
_chem_comp_atom.type_symbol 
_chem_comp_atom.pdbx_aromatic_flag 
_chem_comp_atom.pdbx_stereo_config 
_chem_comp_atom.pdbx_ordinal 
884 C1     C  Y N 1   
884 C2     C  Y N 2   
884 C3     C  Y N 3   
884 C4     C  Y N 4   
884 C5     C  Y N 5   
884 C6     C  Y N 6   
884 C7     C  Y N 7   
884 C8     C  Y N 8   
884 C9     C  Y N 9   
884 N10    N  Y N 10  
884 C11    C  Y N 11  
884 C12    C  Y N 12  
884 C13    C  Y N 13  
884 C14    C  Y N 14  
884 C15    C  Y N 15  
884 C16    C  Y N 16  
884 C17    C  Y N 17  
884 C18    C  Y N 18  
884 C19    C  Y N 19  
884 C20    C  Y N 20  
884 C21    C  Y N 21  
884 C22    C  N N 22  
884 N23    N  N N 23  
884 N24    N  N N 24  
884 C25    C  N N 25  
884 N26    N  N N 26  
884 N27    N  N N 27  
884 H2     H  N N 28  
884 H3     H  N N 29  
884 H5     H  N N 30  
884 H6     H  N N 31  
884 H8     H  N N 32  
884 HN10   H  N N 33  
884 H12    H  N N 34  
884 H14    H  N N 35  
884 H15    H  N N 36  
884 H17    H  N N 37  
884 H18    H  N N 38  
884 H20    H  N N 39  
884 H21    H  N N 40  
884 HN23   H  N N 41  
884 HN2A   H  N N 42  
884 HN24   H  N N 43  
884 HN26   H  N N 44  
884 HN2B   H  N N 45  
884 HN27   H  N N 46  
DA  OP3    O  N N 47  
DA  P      P  N N 48  
DA  OP1    O  N N 49  
DA  OP2    O  N N 50  
DA  "O5'"  O  N N 51  
DA  "C5'"  C  N N 52  
DA  "C4'"  C  N R 53  
DA  "O4'"  O  N N 54  
DA  "C3'"  C  N S 55  
DA  "O3'"  O  N N 56  
DA  "C2'"  C  N N 57  
DA  "C1'"  C  N R 58  
DA  N9     N  Y N 59  
DA  C8     C  Y N 60  
DA  N7     N  Y N 61  
DA  C5     C  Y N 62  
DA  C6     C  Y N 63  
DA  N6     N  N N 64  
DA  N1     N  Y N 65  
DA  C2     C  Y N 66  
DA  N3     N  Y N 67  
DA  C4     C  Y N 68  
DA  HOP3   H  N N 69  
DA  HOP2   H  N N 70  
DA  "H5'"  H  N N 71  
DA  "H5''" H  N N 72  
DA  "H4'"  H  N N 73  
DA  "H3'"  H  N N 74  
DA  "HO3'" H  N N 75  
DA  "H2'"  H  N N 76  
DA  "H2''" H  N N 77  
DA  "H1'"  H  N N 78  
DA  H8     H  N N 79  
DA  H61    H  N N 80  
DA  H62    H  N N 81  
DA  H2     H  N N 82  
DC  OP3    O  N N 83  
DC  P      P  N N 84  
DC  OP1    O  N N 85  
DC  OP2    O  N N 86  
DC  "O5'"  O  N N 87  
DC  "C5'"  C  N N 88  
DC  "C4'"  C  N R 89  
DC  "O4'"  O  N N 90  
DC  "C3'"  C  N S 91  
DC  "O3'"  O  N N 92  
DC  "C2'"  C  N N 93  
DC  "C1'"  C  N R 94  
DC  N1     N  N N 95  
DC  C2     C  N N 96  
DC  O2     O  N N 97  
DC  N3     N  N N 98  
DC  C4     C  N N 99  
DC  N4     N  N N 100 
DC  C5     C  N N 101 
DC  C6     C  N N 102 
DC  HOP3   H  N N 103 
DC  HOP2   H  N N 104 
DC  "H5'"  H  N N 105 
DC  "H5''" H  N N 106 
DC  "H4'"  H  N N 107 
DC  "H3'"  H  N N 108 
DC  "HO3'" H  N N 109 
DC  "H2'"  H  N N 110 
DC  "H2''" H  N N 111 
DC  "H1'"  H  N N 112 
DC  H41    H  N N 113 
DC  H42    H  N N 114 
DC  H5     H  N N 115 
DC  H6     H  N N 116 
DG  OP3    O  N N 117 
DG  P      P  N N 118 
DG  OP1    O  N N 119 
DG  OP2    O  N N 120 
DG  "O5'"  O  N N 121 
DG  "C5'"  C  N N 122 
DG  "C4'"  C  N R 123 
DG  "O4'"  O  N N 124 
DG  "C3'"  C  N S 125 
DG  "O3'"  O  N N 126 
DG  "C2'"  C  N N 127 
DG  "C1'"  C  N R 128 
DG  N9     N  Y N 129 
DG  C8     C  Y N 130 
DG  N7     N  Y N 131 
DG  C5     C  Y N 132 
DG  C6     C  N N 133 
DG  O6     O  N N 134 
DG  N1     N  N N 135 
DG  C2     C  N N 136 
DG  N2     N  N N 137 
DG  N3     N  N N 138 
DG  C4     C  Y N 139 
DG  HOP3   H  N N 140 
DG  HOP2   H  N N 141 
DG  "H5'"  H  N N 142 
DG  "H5''" H  N N 143 
DG  "H4'"  H  N N 144 
DG  "H3'"  H  N N 145 
DG  "HO3'" H  N N 146 
DG  "H2'"  H  N N 147 
DG  "H2''" H  N N 148 
DG  "H1'"  H  N N 149 
DG  H8     H  N N 150 
DG  H1     H  N N 151 
DG  H21    H  N N 152 
DG  H22    H  N N 153 
DT  OP3    O  N N 154 
DT  P      P  N N 155 
DT  OP1    O  N N 156 
DT  OP2    O  N N 157 
DT  "O5'"  O  N N 158 
DT  "C5'"  C  N N 159 
DT  "C4'"  C  N R 160 
DT  "O4'"  O  N N 161 
DT  "C3'"  C  N S 162 
DT  "O3'"  O  N N 163 
DT  "C2'"  C  N N 164 
DT  "C1'"  C  N R 165 
DT  N1     N  N N 166 
DT  C2     C  N N 167 
DT  O2     O  N N 168 
DT  N3     N  N N 169 
DT  C4     C  N N 170 
DT  O4     O  N N 171 
DT  C5     C  N N 172 
DT  C7     C  N N 173 
DT  C6     C  N N 174 
DT  HOP3   H  N N 175 
DT  HOP2   H  N N 176 
DT  "H5'"  H  N N 177 
DT  "H5''" H  N N 178 
DT  "H4'"  H  N N 179 
DT  "H3'"  H  N N 180 
DT  "HO3'" H  N N 181 
DT  "H2'"  H  N N 182 
DT  "H2''" H  N N 183 
DT  "H1'"  H  N N 184 
DT  H3     H  N N 185 
DT  H71    H  N N 186 
DT  H72    H  N N 187 
DT  H73    H  N N 188 
DT  H6     H  N N 189 
HOH O      O  N N 190 
HOH H1     H  N N 191 
HOH H2     H  N N 192 
MG  MG     MG N N 193 
# 
loop_
_chem_comp_bond.comp_id 
_chem_comp_bond.atom_id_1 
_chem_comp_bond.atom_id_2 
_chem_comp_bond.value_order 
_chem_comp_bond.pdbx_aromatic_flag 
_chem_comp_bond.pdbx_stereo_config 
_chem_comp_bond.pdbx_ordinal 
884 N26   C25    sing N N 1   
884 N27   C25    doub N N 2   
884 C25   C19    sing N N 3   
884 C19   C20    doub Y N 4   
884 C19   C18    sing Y N 5   
884 C20   C21    sing Y N 6   
884 C18   C17    doub Y N 7   
884 C17   C16    sing Y N 8   
884 C21   C16    doub Y N 9   
884 C16   C11    sing Y N 10  
884 C11   C12    doub Y N 11  
884 C11   N10    sing Y N 12  
884 C12   C13    sing Y N 13  
884 N10   C9     sing Y N 14  
884 C13   C9     doub Y N 15  
884 C13   C14    sing Y N 16  
884 C9    C8     sing Y N 17  
884 C14   C15    doub Y N 18  
884 C8    C7     doub Y N 19  
884 C15   C7     sing Y N 20  
884 C7    C4     sing Y N 21  
884 C4    C3     doub Y N 22  
884 C4    C5     sing Y N 23  
884 C3    C2     sing Y N 24  
884 C5    C6     doub Y N 25  
884 C2    C1     doub Y N 26  
884 C6    C1     sing Y N 27  
884 C1    C22    sing N N 28  
884 C22   N23    sing N N 29  
884 C22   N24    doub N N 30  
884 C2    H2     sing N N 31  
884 C3    H3     sing N N 32  
884 C5    H5     sing N N 33  
884 C6    H6     sing N N 34  
884 C8    H8     sing N N 35  
884 N10   HN10   sing N N 36  
884 C12   H12    sing N N 37  
884 C14   H14    sing N N 38  
884 C15   H15    sing N N 39  
884 C17   H17    sing N N 40  
884 C18   H18    sing N N 41  
884 C20   H20    sing N N 42  
884 C21   H21    sing N N 43  
884 N23   HN23   sing N N 44  
884 N23   HN2A   sing N N 45  
884 N24   HN24   sing N N 46  
884 N26   HN26   sing N N 47  
884 N26   HN2B   sing N N 48  
884 N27   HN27   sing N N 49  
DA  OP3   P      sing N N 50  
DA  OP3   HOP3   sing N N 51  
DA  P     OP1    doub N N 52  
DA  P     OP2    sing N N 53  
DA  P     "O5'"  sing N N 54  
DA  OP2   HOP2   sing N N 55  
DA  "O5'" "C5'"  sing N N 56  
DA  "C5'" "C4'"  sing N N 57  
DA  "C5'" "H5'"  sing N N 58  
DA  "C5'" "H5''" sing N N 59  
DA  "C4'" "O4'"  sing N N 60  
DA  "C4'" "C3'"  sing N N 61  
DA  "C4'" "H4'"  sing N N 62  
DA  "O4'" "C1'"  sing N N 63  
DA  "C3'" "O3'"  sing N N 64  
DA  "C3'" "C2'"  sing N N 65  
DA  "C3'" "H3'"  sing N N 66  
DA  "O3'" "HO3'" sing N N 67  
DA  "C2'" "C1'"  sing N N 68  
DA  "C2'" "H2'"  sing N N 69  
DA  "C2'" "H2''" sing N N 70  
DA  "C1'" N9     sing N N 71  
DA  "C1'" "H1'"  sing N N 72  
DA  N9    C8     sing Y N 73  
DA  N9    C4     sing Y N 74  
DA  C8    N7     doub Y N 75  
DA  C8    H8     sing N N 76  
DA  N7    C5     sing Y N 77  
DA  C5    C6     sing Y N 78  
DA  C5    C4     doub Y N 79  
DA  C6    N6     sing N N 80  
DA  C6    N1     doub Y N 81  
DA  N6    H61    sing N N 82  
DA  N6    H62    sing N N 83  
DA  N1    C2     sing Y N 84  
DA  C2    N3     doub Y N 85  
DA  C2    H2     sing N N 86  
DA  N3    C4     sing Y N 87  
DC  OP3   P      sing N N 88  
DC  OP3   HOP3   sing N N 89  
DC  P     OP1    doub N N 90  
DC  P     OP2    sing N N 91  
DC  P     "O5'"  sing N N 92  
DC  OP2   HOP2   sing N N 93  
DC  "O5'" "C5'"  sing N N 94  
DC  "C5'" "C4'"  sing N N 95  
DC  "C5'" "H5'"  sing N N 96  
DC  "C5'" "H5''" sing N N 97  
DC  "C4'" "O4'"  sing N N 98  
DC  "C4'" "C3'"  sing N N 99  
DC  "C4'" "H4'"  sing N N 100 
DC  "O4'" "C1'"  sing N N 101 
DC  "C3'" "O3'"  sing N N 102 
DC  "C3'" "C2'"  sing N N 103 
DC  "C3'" "H3'"  sing N N 104 
DC  "O3'" "HO3'" sing N N 105 
DC  "C2'" "C1'"  sing N N 106 
DC  "C2'" "H2'"  sing N N 107 
DC  "C2'" "H2''" sing N N 108 
DC  "C1'" N1     sing N N 109 
DC  "C1'" "H1'"  sing N N 110 
DC  N1    C2     sing N N 111 
DC  N1    C6     sing N N 112 
DC  C2    O2     doub N N 113 
DC  C2    N3     sing N N 114 
DC  N3    C4     doub N N 115 
DC  C4    N4     sing N N 116 
DC  C4    C5     sing N N 117 
DC  N4    H41    sing N N 118 
DC  N4    H42    sing N N 119 
DC  C5    C6     doub N N 120 
DC  C5    H5     sing N N 121 
DC  C6    H6     sing N N 122 
DG  OP3   P      sing N N 123 
DG  OP3   HOP3   sing N N 124 
DG  P     OP1    doub N N 125 
DG  P     OP2    sing N N 126 
DG  P     "O5'"  sing N N 127 
DG  OP2   HOP2   sing N N 128 
DG  "O5'" "C5'"  sing N N 129 
DG  "C5'" "C4'"  sing N N 130 
DG  "C5'" "H5'"  sing N N 131 
DG  "C5'" "H5''" sing N N 132 
DG  "C4'" "O4'"  sing N N 133 
DG  "C4'" "C3'"  sing N N 134 
DG  "C4'" "H4'"  sing N N 135 
DG  "O4'" "C1'"  sing N N 136 
DG  "C3'" "O3'"  sing N N 137 
DG  "C3'" "C2'"  sing N N 138 
DG  "C3'" "H3'"  sing N N 139 
DG  "O3'" "HO3'" sing N N 140 
DG  "C2'" "C1'"  sing N N 141 
DG  "C2'" "H2'"  sing N N 142 
DG  "C2'" "H2''" sing N N 143 
DG  "C1'" N9     sing N N 144 
DG  "C1'" "H1'"  sing N N 145 
DG  N9    C8     sing Y N 146 
DG  N9    C4     sing Y N 147 
DG  C8    N7     doub Y N 148 
DG  C8    H8     sing N N 149 
DG  N7    C5     sing Y N 150 
DG  C5    C6     sing N N 151 
DG  C5    C4     doub Y N 152 
DG  C6    O6     doub N N 153 
DG  C6    N1     sing N N 154 
DG  N1    C2     sing N N 155 
DG  N1    H1     sing N N 156 
DG  C2    N2     sing N N 157 
DG  C2    N3     doub N N 158 
DG  N2    H21    sing N N 159 
DG  N2    H22    sing N N 160 
DG  N3    C4     sing N N 161 
DT  OP3   P      sing N N 162 
DT  OP3   HOP3   sing N N 163 
DT  P     OP1    doub N N 164 
DT  P     OP2    sing N N 165 
DT  P     "O5'"  sing N N 166 
DT  OP2   HOP2   sing N N 167 
DT  "O5'" "C5'"  sing N N 168 
DT  "C5'" "C4'"  sing N N 169 
DT  "C5'" "H5'"  sing N N 170 
DT  "C5'" "H5''" sing N N 171 
DT  "C4'" "O4'"  sing N N 172 
DT  "C4'" "C3'"  sing N N 173 
DT  "C4'" "H4'"  sing N N 174 
DT  "O4'" "C1'"  sing N N 175 
DT  "C3'" "O3'"  sing N N 176 
DT  "C3'" "C2'"  sing N N 177 
DT  "C3'" "H3'"  sing N N 178 
DT  "O3'" "HO3'" sing N N 179 
DT  "C2'" "C1'"  sing N N 180 
DT  "C2'" "H2'"  sing N N 181 
DT  "C2'" "H2''" sing N N 182 
DT  "C1'" N1     sing N N 183 
DT  "C1'" "H1'"  sing N N 184 
DT  N1    C2     sing N N 185 
DT  N1    C6     sing N N 186 
DT  C2    O2     doub N N 187 
DT  C2    N3     sing N N 188 
DT  N3    C4     sing N N 189 
DT  N3    H3     sing N N 190 
DT  C4    O4     doub N N 191 
DT  C4    C5     sing N N 192 
DT  C5    C7     sing N N 193 
DT  C5    C6     doub N N 194 
DT  C7    H71    sing N N 195 
DT  C7    H72    sing N N 196 
DT  C7    H73    sing N N 197 
DT  C6    H6     sing N N 198 
HOH O     H1     sing N N 199 
HOH O     H2     sing N N 200 
# 
_ndb_struct_conf_na.entry_id   8EDB 
_ndb_struct_conf_na.feature    'b-form double helix' 
# 
loop_
_ndb_struct_na_base_pair.model_number 
_ndb_struct_na_base_pair.i_label_asym_id 
_ndb_struct_na_base_pair.i_label_comp_id 
_ndb_struct_na_base_pair.i_label_seq_id 
_ndb_struct_na_base_pair.i_symmetry 
_ndb_struct_na_base_pair.j_label_asym_id 
_ndb_struct_na_base_pair.j_label_comp_id 
_ndb_struct_na_base_pair.j_label_seq_id 
_ndb_struct_na_base_pair.j_symmetry 
_ndb_struct_na_base_pair.shear 
_ndb_struct_na_base_pair.stretch 
_ndb_struct_na_base_pair.stagger 
_ndb_struct_na_base_pair.buckle 
_ndb_struct_na_base_pair.propeller 
_ndb_struct_na_base_pair.opening 
_ndb_struct_na_base_pair.pair_number 
_ndb_struct_na_base_pair.pair_name 
_ndb_struct_na_base_pair.i_auth_asym_id 
_ndb_struct_na_base_pair.i_auth_seq_id 
_ndb_struct_na_base_pair.i_PDB_ins_code 
_ndb_struct_na_base_pair.j_auth_asym_id 
_ndb_struct_na_base_pair.j_auth_seq_id 
_ndb_struct_na_base_pair.j_PDB_ins_code 
_ndb_struct_na_base_pair.hbond_type_28 
_ndb_struct_na_base_pair.hbond_type_12 
1 A DC 1  1_555 B DG 12 1_555 0.258  -0.193 0.150  4.162   -14.288 -0.623 1  B_DC1:DG24_C  B 1  ? C 24 ? 19 1 
1 A DG 2  1_555 B DC 11 1_555 -0.220 -0.298 0.373  5.430   -12.145 -2.442 2  B_DG2:DC23_C  B 2  ? C 23 ? 19 1 
1 A DC 3  1_555 B DG 10 1_555 0.177  -0.212 0.217  -5.876  -5.715  -0.114 3  B_DC3:DG22_C  B 3  ? C 22 ? 19 1 
1 A DG 4  1_555 B DC 9  1_555 -0.125 -0.150 0.004  11.570  -6.478  -1.278 4  B_DG4:DC21_C  B 4  ? C 21 ? 19 1 
1 A DA 5  1_555 B DT 8  1_555 0.161  -0.106 0.005  6.117   -17.332 3.575  5  B_DA5:DT20_C  B 5  ? C 20 ? 20 1 
1 A DA 6  1_555 B DT 7  1_555 0.066  -0.133 0.030  1.264   -17.830 6.543  6  B_DA6:DT19_C  B 6  ? C 19 ? 20 1 
1 A DT 7  1_555 B DA 6  1_555 -0.065 -0.121 0.078  0.271   -18.302 7.713  7  B_DT7:DA18_C  B 7  ? C 18 ? 20 1 
1 A DT 8  1_555 B DA 5  1_555 -0.052 -0.221 -0.098 -3.023  -16.613 5.703  8  B_DT8:DA17_C  B 8  ? C 17 ? 20 1 
1 A DC 9  1_555 B DG 4  1_555 0.127  -0.160 -0.012 -11.248 -6.728  -1.621 9  B_DC9:DG16_C  B 9  ? C 16 ? 19 1 
1 A DG 10 1_555 B DC 3  1_555 -0.145 -0.183 0.226  8.757   -6.073  2.687  10 B_DG10:DC15_C B 10 ? C 15 ? 19 1 
1 A DC 11 1_555 B DG 2  1_555 0.100  -0.263 0.266  1.974   -21.142 -2.904 11 B_DC11:DG14_C B 11 ? C 14 ? 19 1 
1 A DG 12 1_555 B DC 1  1_555 -0.254 -0.180 0.477  3.945   -9.100  -1.638 12 B_DG12:DC13_C B 12 ? C 13 ? 19 1 
# 
loop_
_ndb_struct_na_base_pair_step.model_number 
_ndb_struct_na_base_pair_step.i_label_asym_id_1 
_ndb_struct_na_base_pair_step.i_label_comp_id_1 
_ndb_struct_na_base_pair_step.i_label_seq_id_1 
_ndb_struct_na_base_pair_step.i_symmetry_1 
_ndb_struct_na_base_pair_step.j_label_asym_id_1 
_ndb_struct_na_base_pair_step.j_label_comp_id_1 
_ndb_struct_na_base_pair_step.j_label_seq_id_1 
_ndb_struct_na_base_pair_step.j_symmetry_1 
_ndb_struct_na_base_pair_step.i_label_asym_id_2 
_ndb_struct_na_base_pair_step.i_label_comp_id_2 
_ndb_struct_na_base_pair_step.i_label_seq_id_2 
_ndb_struct_na_base_pair_step.i_symmetry_2 
_ndb_struct_na_base_pair_step.j_label_asym_id_2 
_ndb_struct_na_base_pair_step.j_label_comp_id_2 
_ndb_struct_na_base_pair_step.j_label_seq_id_2 
_ndb_struct_na_base_pair_step.j_symmetry_2 
_ndb_struct_na_base_pair_step.shift 
_ndb_struct_na_base_pair_step.slide 
_ndb_struct_na_base_pair_step.rise 
_ndb_struct_na_base_pair_step.tilt 
_ndb_struct_na_base_pair_step.roll 
_ndb_struct_na_base_pair_step.twist 
_ndb_struct_na_base_pair_step.x_displacement 
_ndb_struct_na_base_pair_step.y_displacement 
_ndb_struct_na_base_pair_step.helical_rise 
_ndb_struct_na_base_pair_step.inclination 
_ndb_struct_na_base_pair_step.tip 
_ndb_struct_na_base_pair_step.helical_twist 
_ndb_struct_na_base_pair_step.step_number 
_ndb_struct_na_base_pair_step.step_name 
_ndb_struct_na_base_pair_step.i_auth_asym_id_1 
_ndb_struct_na_base_pair_step.i_auth_seq_id_1 
_ndb_struct_na_base_pair_step.i_PDB_ins_code_1 
_ndb_struct_na_base_pair_step.j_auth_asym_id_1 
_ndb_struct_na_base_pair_step.j_auth_seq_id_1 
_ndb_struct_na_base_pair_step.j_PDB_ins_code_1 
_ndb_struct_na_base_pair_step.i_auth_asym_id_2 
_ndb_struct_na_base_pair_step.i_auth_seq_id_2 
_ndb_struct_na_base_pair_step.i_PDB_ins_code_2 
_ndb_struct_na_base_pair_step.j_auth_asym_id_2 
_ndb_struct_na_base_pair_step.j_auth_seq_id_2 
_ndb_struct_na_base_pair_step.j_PDB_ins_code_2 
1 A DC 1  1_555 B DG 12 1_555 A DG 2  1_555 B DC 11 1_555 -0.033 0.052  3.220 -1.610 6.508   33.879 -0.907 -0.190 3.173 11.033  
2.729  34.517 1  BB_DC1DG2:DC23DG24_CC   B 1  ? C 24 ? B 2  ? C 23 ? 
1 A DG 2  1_555 B DC 11 1_555 A DC 3  1_555 B DG 10 1_555 0.589  0.483  3.577 1.767  -6.516  42.875 1.341  -0.610 3.491 -8.849  
-2.400 43.378 2  BB_DG2DC3:DG22DC23_CC   B 2  ? C 23 ? B 3  ? C 22 ? 
1 A DC 3  1_555 B DG 10 1_555 A DG 4  1_555 B DC 9  1_555 -0.204 0.668  2.967 2.397  8.050   26.591 -0.412 0.959  3.007 16.971  
-5.053 27.864 3  BB_DC3DG4:DC21DG22_CC   B 3  ? C 22 ? B 4  ? C 21 ? 
1 A DG 4  1_555 B DC 9  1_555 A DA 5  1_555 B DT 8  1_555 -0.121 -0.109 3.418 -0.743 2.876   38.067 -0.546 0.087  3.403 4.401   
1.136  38.179 4  BB_DG4DA5:DT20DC21_CC   B 4  ? C 21 ? B 5  ? C 20 ? 
1 A DA 5  1_555 B DT 8  1_555 A DA 6  1_555 B DT 7  1_555 0.226  -0.353 3.319 -0.866 1.579   34.836 -0.830 -0.510 3.294 2.635   
1.446  34.881 5  BB_DA5DA6:DT19DT20_CC   B 5  ? C 20 ? B 6  ? C 19 ? 
1 A DA 6  1_555 B DT 7  1_555 A DT 7  1_555 B DA 6  1_555 0.002  -0.575 3.231 -0.509 0.290   30.991 -1.131 -0.100 3.226 0.543   
0.952  30.996 6  BB_DA6DT7:DA18DT19_CC   B 6  ? C 19 ? B 7  ? C 18 ? 
1 A DT 7  1_555 B DA 6  1_555 A DT 8  1_555 B DA 5  1_555 -0.040 -0.280 3.255 1.925  0.896   34.300 -0.613 0.366  3.240 1.518   
-3.260 34.363 7  BB_DT7DT8:DA17DA18_CC   B 7  ? C 18 ? B 8  ? C 17 ? 
1 A DT 8  1_555 B DA 5  1_555 A DC 9  1_555 B DG 4  1_555 -0.315 -0.181 3.448 0.131  -0.297  40.611 -0.226 0.470  3.448 -0.427  
-0.189 40.612 8  BB_DT8DC9:DG16DA17_CC   B 8  ? C 17 ? B 9  ? C 16 ? 
1 A DC 9  1_555 B DG 4  1_555 A DG 10 1_555 B DC 3  1_555 0.494  0.868  2.935 -3.227 5.139   26.893 0.674  -1.758 2.967 10.874  
6.829  27.557 9  BB_DC9DG10:DC15DG16_CC  B 9  ? C 16 ? B 10 ? C 15 ? 
1 A DG 10 1_555 B DC 3  1_555 A DC 11 1_555 B DG 2  1_555 -1.136 0.728  3.501 -2.921 -11.149 43.580 2.012  1.206  3.294 -14.713 
3.855  45.007 10 BB_DG10DC11:DG14DC15_CC B 10 ? C 15 ? B 11 ? C 14 ? 
1 A DC 11 1_555 B DG 2  1_555 A DG 12 1_555 B DC 1  1_555 -0.038 0.356  3.170 -2.094 6.804   33.507 -0.447 -0.259 3.176 11.639  
3.582  34.234 11 BB_DC11DG12:DC13DG14_CC B 11 ? C 14 ? B 12 ? C 13 ? 
# 
_pdbx_audit_support.funding_organization   
'National Institutes of Health/National Institute of General Medical Sciences (NIH/NIGMS)' 
_pdbx_audit_support.country                'United States' 
_pdbx_audit_support.grant_number           GM111749 
_pdbx_audit_support.ordinal                1 
# 
_pdbx_initial_refinement_model.accession_code   1BNA 
_pdbx_initial_refinement_model.id               1 
_pdbx_initial_refinement_model.entity_id_list   ? 
_pdbx_initial_refinement_model.type             'experimental model' 
_pdbx_initial_refinement_model.source_name      PDB 
_pdbx_initial_refinement_model.details          ? 
# 
_atom_sites.entry_id                    8EDB 
_atom_sites.Cartn_transf_matrix[1][1]   ? 
_atom_sites.Cartn_transf_matrix[1][2]   ? 
_atom_sites.Cartn_transf_matrix[1][3]   ? 
_atom_sites.Cartn_transf_matrix[2][1]   ? 
_atom_sites.Cartn_transf_matrix[2][2]   ? 
_atom_sites.Cartn_transf_matrix[2][3]   ? 
_atom_sites.Cartn_transf_matrix[3][1]   ? 
_atom_sites.Cartn_transf_matrix[3][2]   ? 
_atom_sites.Cartn_transf_matrix[3][3]   ? 
_atom_sites.Cartn_transf_vector[1]      ? 
_atom_sites.Cartn_transf_vector[2]      ? 
_atom_sites.Cartn_transf_vector[3]      ? 
_atom_sites.fract_transf_matrix[1][1]   -0.03683227 
_atom_sites.fract_transf_matrix[1][2]   -0.00696709 
_atom_sites.fract_transf_matrix[1][3]   0.01003351 
_atom_sites.fract_transf_matrix[2][1]   0.00768341 
_atom_sites.fract_transf_matrix[2][2]   -0.00823105 
_atom_sites.fract_transf_matrix[2][3]   0.02248973 
_atom_sites.fract_transf_matrix[3][1]   -0.00116181 
_atom_sites.fract_transf_matrix[3][2]   0.01419596 
_atom_sites.fract_transf_matrix[3][3]   0.00559252 
_atom_sites.fract_transf_vector[1]      0.577240 
_atom_sites.fract_transf_vector[2]      0.524697 
_atom_sites.fract_transf_vector[3]      0.128611 
_atom_sites.solution_primary            ? 
_atom_sites.solution_secondary          ? 
_atom_sites.solution_hydrogens          ? 
_atom_sites.special_details             ? 
# 
loop_
_atom_type.symbol 
C  
H  
MG 
N  
O  
P  
# 
loop_
_atom_site.group_PDB 
_atom_site.id 
_atom_site.type_symbol 
_atom_site.label_atom_id 
_atom_site.label_alt_id 
_atom_site.label_comp_id 
_atom_site.label_asym_id 
_atom_site.label_entity_id 
_atom_site.label_seq_id 
_atom_site.pdbx_PDB_ins_code 
_atom_site.Cartn_x 
_atom_site.Cartn_y 
_atom_site.Cartn_z 
_atom_site.occupancy 
_atom_site.B_iso_or_equiv 
_atom_site.pdbx_formal_charge 
_atom_site.auth_seq_id 
_atom_site.auth_comp_id 
_atom_site.auth_asym_id 
_atom_site.auth_atom_id 
_atom_site.pdbx_PDB_model_num 
ATOM   1   O  "O5'"  . DC  A 1 1  ? -1.991  9.677   19.285  1.00 41.92 ? 1   DC  B "O5'"  1 
ATOM   2   C  "C5'"  . DC  A 1 1  ? -2.037  9.044   18.047  1.00 26.41 ? 1   DC  B "C5'"  1 
ATOM   3   C  "C4'"  . DC  A 1 1  ? -3.360  9.283   17.357  1.00 22.94 ? 1   DC  B "C4'"  1 
ATOM   4   O  "O4'"  . DC  A 1 1  ? -3.250  10.390  16.418  1.00 18.37 ? 1   DC  B "O4'"  1 
ATOM   5   C  "C3'"  . DC  A 1 1  ? -3.845  8.112   16.542  1.00 23.06 ? 1   DC  B "C3'"  1 
ATOM   6   O  "O3'"  . DC  A 1 1  ? -5.253  8.063   16.536  1.00 25.50 ? 1   DC  B "O3'"  1 
ATOM   7   C  "C2'"  . DC  A 1 1  ? -3.268  8.401   15.181  1.00 20.10 ? 1   DC  B "C2'"  1 
ATOM   8   C  "C1'"  . DC  A 1 1  ? -3.457  9.905   15.095  1.00 16.67 ? 1   DC  B "C1'"  1 
ATOM   9   N  N1     . DC  A 1 1  ? -2.515  10.624  14.228  1.00 15.26 ? 1   DC  B N1     1 
ATOM   10  C  C2     . DC  A 1 1  ? -2.991  11.620  13.359  1.00 15.95 ? 1   DC  B C2     1 
ATOM   11  O  O2     . DC  A 1 1  ? -4.212  11.824  13.291  1.00 18.75 ? 1   DC  B O2     1 
ATOM   12  N  N3     . DC  A 1 1  ? -2.102  12.328  12.626  1.00 15.80 ? 1   DC  B N3     1 
ATOM   13  C  C4     . DC  A 1 1  ? -0.800  12.085  12.744  1.00 17.56 ? 1   DC  B C4     1 
ATOM   14  N  N4     . DC  A 1 1  ? 0.039   12.786  11.990  1.00 19.90 ? 1   DC  B N4     1 
ATOM   15  C  C5     . DC  A 1 1  ? -0.301  11.083  13.607  1.00 17.87 ? 1   DC  B C5     1 
ATOM   16  C  C6     . DC  A 1 1  ? -1.179  10.401  14.347  1.00 19.08 ? 1   DC  B C6     1 
ATOM   17  H  "H5'"  . DC  A 1 1  ? -1.912  8.090   18.173  1.00 31.71 ? 1   DC  B "H5'"  1 
ATOM   18  H  "H5''" . DC  A 1 1  ? -1.321  9.385   17.488  1.00 31.71 ? 1   DC  B "H5''" 1 
ATOM   19  H  "H4'"  . DC  A 1 1  ? -4.025  9.523   18.024  1.00 27.55 ? 1   DC  B "H4'"  1 
ATOM   20  H  "H3'"  . DC  A 1 1  ? -3.488  7.279   16.886  1.00 27.69 ? 1   DC  B "H3'"  1 
ATOM   21  H  "H2'"  . DC  A 1 1  ? -2.331  8.155   15.131  1.00 24.14 ? 1   DC  B "H2'"  1 
ATOM   22  H  "H2''" . DC  A 1 1  ? -3.753  7.939   14.481  1.00 24.14 ? 1   DC  B "H2''" 1 
ATOM   23  H  "H1'"  . DC  A 1 1  ? -4.358  10.074  14.778  1.00 20.02 ? 1   DC  B "H1'"  1 
ATOM   24  H  H41    . DC  A 1 1  ? 0.885   12.649  12.047  1.00 23.89 ? 1   DC  B H41    1 
ATOM   25  H  H42    . DC  A 1 1  ? -0.266  13.377  11.444  1.00 23.89 ? 1   DC  B H42    1 
ATOM   26  H  H5     . DC  A 1 1  ? 0.611   10.905  13.658  1.00 21.46 ? 1   DC  B H5     1 
ATOM   27  H  H6     . DC  A 1 1  ? -0.873  9.765   14.953  1.00 22.91 ? 1   DC  B H6     1 
ATOM   28  H  "HO5'" . DC  A 1 1  ? -1.841  10.507  19.320  1.00 50.33 ? 1   DC  B "HO5'" 1 
ATOM   29  P  P      . DG  A 1 2  ? -5.981  6.734   16.014  1.00 26.99 ? 2   DG  B P      1 
ATOM   30  O  OP1    . DG  A 1 2  ? -7.187  6.572   16.864  1.00 32.45 ? 2   DG  B OP1    1 
ATOM   31  O  OP2    . DG  A 1 2  ? -4.993  5.643   15.806  1.00 25.09 ? 2   DG  B OP2    1 
ATOM   32  O  "O5'"  . DG  A 1 2  ? -6.474  7.096   14.557  1.00 26.06 ? 2   DG  B "O5'"  1 
ATOM   33  C  "C5'"  . DG  A 1 2  ? -7.372  8.126   14.369  1.00 23.41 ? 2   DG  B "C5'"  1 
ATOM   34  C  "C4'"  . DG  A 1 2  ? -7.603  8.309   12.911  1.00 21.15 ? 2   DG  B "C4'"  1 
ATOM   35  O  "O4'"  . DG  A 1 2  ? -6.495  8.990   12.319  1.00 24.65 ? 2   DG  B "O4'"  1 
ATOM   36  C  "C3'"  . DG  A 1 2  ? -7.789  7.014   12.148  1.00 22.21 ? 2   DG  B "C3'"  1 
ATOM   37  O  "O3'"  . DG  A 1 2  ? -9.024  7.108   11.489  1.00 26.87 ? 2   DG  B "O3'"  1 
ATOM   38  C  "C2'"  . DG  A 1 2  ? -6.567  6.937   11.224  1.00 22.07 ? 2   DG  B "C2'"  1 
ATOM   39  C  "C1'"  . DG  A 1 2  ? -6.171  8.400   11.092  1.00 19.14 ? 2   DG  B "C1'"  1 
ATOM   40  N  N9     . DG  A 1 2  ? -4.769  8.677   10.892  1.00 15.74 ? 2   DG  B N9     1 
ATOM   41  C  C8     . DG  A 1 2  ? -3.700  8.135   11.550  1.00 17.54 ? 2   DG  B C8     1 
ATOM   42  N  N7     . DG  A 1 2  ? -2.557  8.670   11.209  1.00 16.85 ? 2   DG  B N7     1 
ATOM   43  C  C5     . DG  A 1 2  ? -2.908  9.667   10.328  1.00 14.27 ? 2   DG  B C5     1 
ATOM   44  C  C6     . DG  A 1 2  ? -2.102  10.582  9.616   1.00 13.94 ? 2   DG  B C6     1 
ATOM   45  O  O6     . DG  A 1 2  ? -0.879  10.710  9.660   1.00 16.85 ? 2   DG  B O6     1 
ATOM   46  N  N1     . DG  A 1 2  ? -2.860  11.413  8.813   1.00 14.11 ? 2   DG  B N1     1 
ATOM   47  C  C2     . DG  A 1 2  ? -4.227  11.347  8.683   1.00 12.23 ? 2   DG  B C2     1 
ATOM   48  N  N2     . DG  A 1 2  ? -4.784  12.233  7.865   1.00 16.26 ? 2   DG  B N2     1 
ATOM   49  N  N3     . DG  A 1 2  ? -4.991  10.501  9.350   1.00 14.00 ? 2   DG  B N3     1 
ATOM   50  C  C4     . DG  A 1 2  ? -4.266  9.687   10.127  1.00 14.17 ? 2   DG  B C4     1 
ATOM   51  H  "H5'"  . DG  A 1 2  ? -7.015  8.944   14.748  1.00 28.10 ? 2   DG  B "H5'"  1 
ATOM   52  H  "H5''" . DG  A 1 2  ? -8.210  7.914   14.808  1.00 28.10 ? 2   DG  B "H5''" 1 
ATOM   53  H  "H4'"  . DG  A 1 2  ? -8.384  8.868   12.772  1.00 25.39 ? 2   DG  B "H4'"  1 
ATOM   54  H  "H3'"  . DG  A 1 2  ? -7.750  6.229   12.718  1.00 26.67 ? 2   DG  B "H3'"  1 
ATOM   55  H  "H2'"  . DG  A 1 2  ? -5.854  6.412   11.623  1.00 26.50 ? 2   DG  B "H2'"  1 
ATOM   56  H  "H2''" . DG  A 1 2  ? -6.797  6.553   10.364  1.00 26.50 ? 2   DG  B "H2''" 1 
ATOM   57  H  "H1'"  . DG  A 1 2  ? -6.676  8.763   10.347  1.00 22.98 ? 2   DG  B "H1'"  1 
ATOM   58  H  H8     . DG  A 1 2  ? -3.777  7.453   12.178  1.00 21.06 ? 2   DG  B H8     1 
ATOM   59  H  H1     . DG  A 1 2  ? -2.446  12.015  8.361   1.00 16.95 ? 2   DG  B H1     1 
ATOM   60  H  H21    . DG  A 1 2  ? -5.639  12.254  7.772   1.00 19.53 ? 2   DG  B H21    1 
ATOM   61  H  H22    . DG  A 1 2  ? -4.290  12.785  7.429   1.00 19.53 ? 2   DG  B H22    1 
ATOM   62  P  P      . DC  A 1 3  ? -9.601  5.921   10.607  1.00 29.95 ? 3   DC  B P      1 
ATOM   63  O  OP1    . DC  A 1 3  ? -11.030 5.932   10.997  1.00 40.23 ? 3   DC  B OP1    1 
ATOM   64  O  OP2    . DC  A 1 3  ? -8.773  4.700   10.719  1.00 31.17 ? 3   DC  B OP2    1 
ATOM   65  O  "O5'"  . DC  A 1 3  ? -9.437  6.438   9.125   1.00 27.44 ? 3   DC  B "O5'"  1 
ATOM   66  C  "C5'"  . DC  A 1 3  ? -9.992  7.680   8.777   1.00 23.94 ? 3   DC  B "C5'"  1 
ATOM   67  C  "C4'"  . DC  A 1 3  ? -9.292  8.243   7.568   1.00 17.13 ? 3   DC  B "C4'"  1 
ATOM   68  O  "O4'"  . DC  A 1 3  ? -7.924  8.514   7.916   1.00 16.89 ? 3   DC  B "O4'"  1 
ATOM   69  C  "C3'"  . DC  A 1 3  ? -9.219  7.312   6.390   1.00 21.48 ? 3   DC  B "C3'"  1 
ATOM   70  O  "O3'"  . DC  A 1 3  ? -10.300 7.520   5.552   1.00 27.06 ? 3   DC  B "O3'"  1 
ATOM   71  C  "C2'"  . DC  A 1 3  ? -7.906  7.676   5.707   1.00 24.11 ? 3   DC  B "C2'"  1 
ATOM   72  C  "C1'"  . DC  A 1 3  ? -7.143  8.484   6.739   1.00 21.89 ? 3   DC  B "C1'"  1 
ATOM   73  N  N1     . DC  A 1 3  ? -5.845  7.946   7.115   1.00 17.90 ? 3   DC  B N1     1 
ATOM   74  C  C2     . DC  A 1 3  ? -4.689  8.578   6.668   1.00 14.87 ? 3   DC  B C2     1 
ATOM   75  O  O2     . DC  A 1 3  ? -4.791  9.541   5.921   1.00 17.05 ? 3   DC  B O2     1 
ATOM   76  N  N3     . DC  A 1 3  ? -3.495  8.140   7.108   1.00 15.70 ? 3   DC  B N3     1 
ATOM   77  C  C4     . DC  A 1 3  ? -3.433  7.102   7.927   1.00 16.77 ? 3   DC  B C4     1 
ATOM   78  N  N4     . DC  A 1 3  ? -2.228  6.692   8.315   1.00 17.84 ? 3   DC  B N4     1 
ATOM   79  C  C5     . DC  A 1 3  ? -4.603  6.432   8.383   1.00 20.13 ? 3   DC  B C5     1 
ATOM   80  C  C6     . DC  A 1 3  ? -5.777  6.892   7.955   1.00 19.79 ? 3   DC  B C6     1 
ATOM   81  H  "H5'"  . DC  A 1 3  ? -9.897  8.296   9.521   1.00 28.75 ? 3   DC  B "H5'"  1 
ATOM   82  H  "H5''" . DC  A 1 3  ? -10.936 7.567   8.579   1.00 28.75 ? 3   DC  B "H5''" 1 
ATOM   83  H  "H4'"  . DC  A 1 3  ? -9.729  9.064   7.294   1.00 20.58 ? 3   DC  B "H4'"  1 
ATOM   84  H  "H3'"  . DC  A 1 3  ? -9.185  6.395   6.702   1.00 25.79 ? 3   DC  B "H3'"  1 
ATOM   85  H  "H2'"  . DC  A 1 3  ? -7.413  6.877   5.463   1.00 28.94 ? 3   DC  B "H2'"  1 
ATOM   86  H  "H2''" . DC  A 1 3  ? -8.068  8.202   4.909   1.00 28.94 ? 3   DC  B "H2''" 1 
ATOM   87  H  "H1'"  . DC  A 1 3  ? -7.034  9.377   6.377   1.00 26.29 ? 3   DC  B "H1'"  1 
ATOM   88  H  H41    . DC  A 1 3  ? -2.155  6.020   8.846   1.00 21.42 ? 3   DC  B H41    1 
ATOM   89  H  H42    . DC  A 1 3  ? -1.525  7.098   8.034   1.00 21.42 ? 3   DC  B H42    1 
ATOM   90  H  H5     . DC  A 1 3  ? -4.550  5.701   8.957   1.00 24.17 ? 3   DC  B H5     1 
ATOM   91  H  H6     . DC  A 1 3  ? -6.561  6.482   8.240   1.00 23.77 ? 3   DC  B H6     1 
ATOM   92  P  P      . DG  A 1 4  ? -10.550 6.513   4.331   1.00 30.95 ? 4   DG  B P      1 
ATOM   93  O  OP1    . DG  A 1 4  ? -11.973 6.690   3.965   1.00 36.19 ? 4   DG  B OP1    1 
ATOM   94  O  OP2    . DG  A 1 4  ? -10.008 5.180   4.676   1.00 32.75 ? 4   DG  B OP2    1 
ATOM   95  O  "O5'"  . DG  A 1 4  ? -9.622  7.094   3.197   1.00 24.25 ? 4   DG  B "O5'"  1 
ATOM   96  C  "C5'"  . DG  A 1 4  ? -9.815  8.399   2.733   1.00 23.90 ? 4   DG  B "C5'"  1 
ATOM   97  C  "C4'"  . DG  A 1 4  ? -8.742  8.731   1.738   1.00 25.78 ? 4   DG  B "C4'"  1 
ATOM   98  O  "O4'"  . DG  A 1 4  ? -7.444  8.575   2.360   1.00 24.27 ? 4   DG  B "O4'"  1 
ATOM   99  C  "C3'"  . DG  A 1 4  ? -8.759  7.808   0.521   1.00 29.81 ? 4   DG  B "C3'"  1 
ATOM   100 O  "O3'"  . DG  A 1 4  ? -8.505  8.560   -0.664  1.00 30.45 ? 4   DG  B "O3'"  1 
ATOM   101 C  "C2'"  . DG  A 1 4  ? -7.667  6.780   0.868   1.00 24.47 ? 4   DG  B "C2'"  1 
ATOM   102 C  "C1'"  . DG  A 1 4  ? -6.673  7.610   1.673   1.00 25.09 ? 4   DG  B "C1'"  1 
ATOM   103 N  N9     . DG  A 1 4  ? -5.876  6.883   2.662   1.00 19.72 ? 4   DG  B N9     1 
ATOM   104 C  C8     . DG  A 1 4  ? -6.279  5.879   3.496   1.00 18.99 ? 4   DG  B C8     1 
ATOM   105 N  N7     . DG  A 1 4  ? -5.339  5.443   4.289   1.00 18.68 ? 4   DG  B N7     1 
ATOM   106 C  C5     . DG  A 1 4  ? -4.244  6.246   3.989   1.00 16.03 ? 4   DG  B C5     1 
ATOM   107 C  C6     . DG  A 1 4  ? -2.916  6.242   4.521   1.00 15.33 ? 4   DG  B C6     1 
ATOM   108 O  O6     . DG  A 1 4  ? -2.426  5.520   5.402   1.00 19.04 ? 4   DG  B O6     1 
ATOM   109 N  N1     . DG  A 1 4  ? -2.127  7.199   3.904   1.00 16.47 ? 4   DG  B N1     1 
ATOM   110 C  C2     . DG  A 1 4  ? -2.542  8.047   2.930   1.00 14.97 ? 4   DG  B C2     1 
ATOM   111 N  N2     . DG  A 1 4  ? -1.627  8.906   2.459   1.00 19.08 ? 4   DG  B N2     1 
ATOM   112 N  N3     . DG  A 1 4  ? -3.768  8.058   2.416   1.00 18.58 ? 4   DG  B N3     1 
ATOM   113 C  C4     . DG  A 1 4  ? -4.555  7.131   2.991   1.00 17.14 ? 4   DG  B C4     1 
ATOM   114 H  "H5'"  . DG  A 1 4  ? -9.774  9.020   3.478   1.00 28.70 ? 4   DG  B "H5'"  1 
ATOM   115 H  "H5''" . DG  A 1 4  ? -10.686 8.470   2.311   1.00 28.70 ? 4   DG  B "H5''" 1 
ATOM   116 H  "H4'"  . DG  A 1 4  ? -8.816  9.654   1.448   1.00 30.95 ? 4   DG  B "H4'"  1 
ATOM   117 H  "H3'"  . DG  A 1 4  ? -9.606  7.345   0.431   1.00 35.79 ? 4   DG  B "H3'"  1 
ATOM   118 H  "H2'"  . DG  A 1 4  ? -8.027  6.050   1.396   1.00 29.38 ? 4   DG  B "H2'"  1 
ATOM   119 H  "H2''" . DG  A 1 4  ? -7.258  6.418   0.067   1.00 29.38 ? 4   DG  B "H2''" 1 
ATOM   120 H  "H1'"  . DG  A 1 4  ? -6.060  8.029   1.048   1.00 30.13 ? 4   DG  B "H1'"  1 
ATOM   121 H  H8     . DG  A 1 4  ? -7.144  5.537   3.499   1.00 22.81 ? 4   DG  B H8     1 
ATOM   122 H  H1     . DG  A 1 4  ? -1.308  7.261   4.160   1.00 19.77 ? 4   DG  B H1     1 
ATOM   123 H  H21    . DG  A 1 4  ? -1.835  9.455   1.831   1.00 22.91 ? 4   DG  B H21    1 
ATOM   124 H  H22    . DG  A 1 4  ? -0.830  8.907   2.784   1.00 22.91 ? 4   DG  B H22    1 
ATOM   125 P  P      . DA  A 1 5  ? -8.302  7.844   -2.092  1.00 28.45 ? 5   DA  B P      1 
ATOM   126 O  OP1    . DA  A 1 5  ? -9.028  8.735   -3.033  1.00 37.47 ? 5   DA  B OP1    1 
ATOM   127 O  OP2    . DA  A 1 5  ? -8.595  6.397   -1.999  1.00 30.99 ? 5   DA  B OP2    1 
ATOM   128 O  "O5'"  . DA  A 1 5  ? -6.750  8.017   -2.361  1.00 22.89 ? 5   DA  B "O5'"  1 
ATOM   129 C  "C5'"  . DA  A 1 5  ? -6.231  9.308   -2.321  1.00 22.47 ? 5   DA  B "C5'"  1 
ATOM   130 C  "C4'"  . DA  A 1 5  ? -4.737  9.335   -2.536  1.00 25.59 ? 5   DA  B "C4'"  1 
ATOM   131 O  "O4'"  . DA  A 1 5  ? -4.062  8.647   -1.438  1.00 22.38 ? 5   DA  B "O4'"  1 
ATOM   132 C  "C3'"  . DA  A 1 5  ? -4.246  8.670   -3.807  1.00 22.37 ? 5   DA  B "C3'"  1 
ATOM   133 O  "O3'"  . DA  A 1 5  ? -3.220  9.473   -4.349  1.00 22.18 ? 5   DA  B "O3'"  1 
ATOM   134 C  "C2'"  . DA  A 1 5  ? -3.765  7.303   -3.322  1.00 19.63 ? 5   DA  B "C2'"  1 
ATOM   135 C  "C1'"  . DA  A 1 5  ? -3.236  7.611   -1.921  1.00 22.03 ? 5   DA  B "C1'"  1 
ATOM   136 N  N9     . DA  A 1 5  ? -3.321  6.520   -0.946  1.00 19.21 ? 5   DA  B N9     1 
ATOM   137 C  C8     . DA  A 1 5  ? -4.429  5.776   -0.648  1.00 21.33 ? 5   DA  B C8     1 
ATOM   138 N  N7     . DA  A 1 5  ? -4.243  4.890   0.289   1.00 18.21 ? 5   DA  B N7     1 
ATOM   139 C  C5     . DA  A 1 5  ? -2.927  5.078   0.684   1.00 15.58 ? 5   DA  B C5     1 
ATOM   140 C  C6     . DA  A 1 5  ? -2.125  4.446   1.662   1.00 16.39 ? 5   DA  B C6     1 
ATOM   141 N  N6     . DA  A 1 5  ? -2.551  3.463   2.454   1.00 18.05 ? 5   DA  B N6     1 
ATOM   142 N  N1     . DA  A 1 5  ? -0.844  4.851   1.772   1.00 15.27 ? 5   DA  B N1     1 
ATOM   143 C  C2     . DA  A 1 5  ? -0.415  5.840   0.983   1.00 15.10 ? 5   DA  B C2     1 
ATOM   144 N  N3     . DA  A 1 5  ? -1.071  6.515   0.045   1.00 19.06 ? 5   DA  B N3     1 
ATOM   145 C  C4     . DA  A 1 5  ? -2.335  6.079   -0.065  1.00 15.68 ? 5   DA  B C4     1 
ATOM   146 H  "H5'"  . DA  A 1 5  ? -6.430  9.699   -1.455  1.00 26.98 ? 5   DA  B "H5'"  1 
ATOM   147 H  "H5''" . DA  A 1 5  ? -6.656  9.839   -3.012  1.00 26.98 ? 5   DA  B "H5''" 1 
ATOM   148 H  "H4'"  . DA  A 1 5  ? -4.446  10.261  -2.543  1.00 30.72 ? 5   DA  B "H4'"  1 
ATOM   149 H  "H3'"  . DA  A 1 5  ? -4.957  8.530   -4.453  1.00 26.86 ? 5   DA  B "H3'"  1 
ATOM   150 H  "H2'"  . DA  A 1 5  ? -4.494  6.665   -3.290  1.00 23.57 ? 5   DA  B "H2'"  1 
ATOM   151 H  "H2''" . DA  A 1 5  ? -3.064  6.954   -3.894  1.00 23.57 ? 5   DA  B "H2''" 1 
ATOM   152 H  "H1'"  . DA  A 1 5  ? -2.308  7.879   -2.001  1.00 26.45 ? 5   DA  B "H1'"  1 
ATOM   153 H  H8     . DA  A 1 5  ? -5.247  5.893   -1.076  1.00 25.61 ? 5   DA  B H8     1 
ATOM   154 H  H61    . DA  A 1 5  ? -2.013  3.102   3.020   1.00 21.67 ? 5   DA  B H61    1 
ATOM   155 H  H62    . DA  A 1 5  ? -3.366  3.189   2.400   1.00 21.67 ? 5   DA  B H62    1 
ATOM   156 H  H2     . DA  A 1 5  ? 0.471   6.092   1.107   1.00 18.13 ? 5   DA  B H2     1 
ATOM   157 P  P      . DA  A 1 6  ? -2.507  9.112   -5.731  1.00 24.37 ? 6   DA  B P      1 
ATOM   158 O  OP1    . DA  A 1 6  ? -2.057  10.418  -6.300  1.00 24.24 ? 6   DA  B OP1    1 
ATOM   159 O  OP2    . DA  A 1 6  ? -3.403  8.254   -6.530  1.00 24.50 ? 6   DA  B OP2    1 
ATOM   160 O  "O5'"  . DA  A 1 6  ? -1.237  8.255   -5.258  1.00 20.83 ? 6   DA  B "O5'"  1 
ATOM   161 C  "C5'"  . DA  A 1 6  ? -0.230  8.844   -4.474  1.00 22.43 ? 6   DA  B "C5'"  1 
ATOM   162 C  "C4'"  . DA  A 1 6  ? 0.847   7.838   -4.128  1.00 17.88 ? 6   DA  B "C4'"  1 
ATOM   163 O  "O4'"  . DA  A 1 6  ? 0.337   6.903   -3.177  1.00 19.36 ? 6   DA  B "O4'"  1 
ATOM   164 C  "C3'"  . DA  A 1 6  ? 1.354   7.017   -5.316  1.00 18.27 ? 6   DA  B "C3'"  1 
ATOM   165 O  "O3'"  . DA  A 1 6  ? 2.714   7.286   -5.462  1.00 20.14 ? 6   DA  B "O3'"  1 
ATOM   166 C  "C2'"  . DA  A 1 6  ? 1.035   5.554   -4.946  1.00 17.59 ? 6   DA  B "C2'"  1 
ATOM   167 C  "C1'"  . DA  A 1 6  ? 0.852   5.611   -3.444  1.00 18.80 ? 6   DA  B "C1'"  1 
ATOM   168 N  N9     . DA  A 1 6  ? -0.092  4.659   -2.878  1.00 15.11 ? 6   DA  B N9     1 
ATOM   169 C  C8     . DA  A 1 6  ? -1.400  4.478   -3.208  1.00 16.35 ? 6   DA  B C8     1 
ATOM   170 N  N7     . DA  A 1 6  ? -2.010  3.570   -2.469  1.00 15.69 ? 6   DA  B N7     1 
ATOM   171 C  C5     . DA  A 1 6  ? -1.042  3.152   -1.589  1.00 13.66 ? 6   DA  B C5     1 
ATOM   172 C  C6     . DA  A 1 6  ? -1.050  2.208   -0.534  1.00 14.58 ? 6   DA  B C6     1 
ATOM   173 N  N6     . DA  A 1 6  ? -2.124  1.495   -0.200  1.00 17.44 ? 6   DA  B N6     1 
ATOM   174 N  N1     . DA  A 1 6  ? 0.095   2.019   0.152   1.00 15.13 ? 6   DA  B N1     1 
ATOM   175 C  C2     . DA  A 1 6  ? 1.163   2.737   -0.185  1.00 17.67 ? 6   DA  B C2     1 
ATOM   176 N  N3     . DA  A 1 6  ? 1.289   3.650   -1.151  1.00 16.13 ? 6   DA  B N3     1 
ATOM   177 C  C4     . DA  A 1 6  ? 0.142   3.818   -1.810  1.00 15.05 ? 6   DA  B C4     1 
ATOM   178 H  "H5'"  . DA  A 1 6  ? -0.622  9.186   -3.656  1.00 26.93 ? 6   DA  B "H5'"  1 
ATOM   179 H  "H5''" . DA  A 1 6  ? 0.168   9.580   -4.965  1.00 26.93 ? 6   DA  B "H5''" 1 
ATOM   180 H  "H4'"  . DA  A 1 6  ? 1.601   8.295   -3.724  1.00 21.47 ? 6   DA  B "H4'"  1 
ATOM   181 H  "H3'"  . DA  A 1 6  ? 0.863   7.213   -6.130  1.00 21.94 ? 6   DA  B "H3'"  1 
ATOM   182 H  "H2'"  . DA  A 1 6  ? 0.225   5.250   -5.386  1.00 21.13 ? 6   DA  B "H2'"  1 
ATOM   183 H  "H2''" . DA  A 1 6  ? 1.766   4.964   -5.188  1.00 21.13 ? 6   DA  B "H2''" 1 
ATOM   184 H  "H1'"  . DA  A 1 6  ? 1.719   5.469   -3.032  1.00 22.57 ? 6   DA  B "H1'"  1 
ATOM   185 H  H8     . DA  A 1 6  ? -1.825  4.949   -3.889  1.00 19.64 ? 6   DA  B H8     1 
ATOM   186 H  H61    . DA  A 1 6  ? -2.079  0.925   0.443   1.00 20.95 ? 6   DA  B H61    1 
ATOM   187 H  H62    . DA  A 1 6  ? -2.862  1.603   -0.628  1.00 20.95 ? 6   DA  B H62    1 
ATOM   188 H  H2     . DA  A 1 6  ? 1.927   2.582   0.321   1.00 21.21 ? 6   DA  B H2     1 
ATOM   189 P  P      . DT  A 1 7  ? 3.586   6.627   -6.629  1.00 18.74 ? 7   DT  B P      1 
ATOM   190 O  OP1    . DT  A 1 7  ? 4.743   7.525   -6.783  1.00 21.20 ? 7   DT  B OP1    1 
ATOM   191 O  OP2    . DT  A 1 7  ? 2.784   6.187   -7.774  1.00 17.68 ? 7   DT  B OP2    1 
ATOM   192 O  "O5'"  . DT  A 1 7  ? 4.118   5.314   -5.924  1.00 16.83 ? 7   DT  B "O5'"  1 
ATOM   193 C  "C5'"  . DT  A 1 7  ? 4.848   5.453   -4.723  1.00 17.69 ? 7   DT  B "C5'"  1 
ATOM   194 C  "C4'"  . DT  A 1 7  ? 5.105   4.109   -4.097  1.00 17.04 ? 7   DT  B "C4'"  1 
ATOM   195 O  "O4'"  . DT  A 1 7  ? 3.873   3.538   -3.671  1.00 18.25 ? 7   DT  B "O4'"  1 
ATOM   196 C  "C3'"  . DT  A 1 7  ? 5.760   3.081   -5.032  1.00 18.04 ? 7   DT  B "C3'"  1 
ATOM   197 O  "O3'"  . DT  A 1 7  ? 7.068   2.860   -4.565  1.00 21.52 ? 7   DT  B "O3'"  1 
ATOM   198 C  "C2'"  . DT  A 1 7  ? 4.842   1.846   -4.943  1.00 16.64 ? 7   DT  B "C2'"  1 
ATOM   199 C  "C1'"  . DT  A 1 7  ? 4.025   2.127   -3.687  1.00 15.17 ? 7   DT  B "C1'"  1 
ATOM   200 N  N1     . DT  A 1 7  ? 2.669   1.547   -3.631  1.00 14.31 ? 7   DT  B N1     1 
ATOM   201 C  C2     . DT  A 1 7  ? 2.347   0.651   -2.617  1.00 15.06 ? 7   DT  B C2     1 
ATOM   202 O  O2     . DT  A 1 7  ? 3.149   0.258   -1.807  1.00 18.38 ? 7   DT  B O2     1 
ATOM   203 N  N3     . DT  A 1 7  ? 1.063   0.200   -2.634  1.00 15.80 ? 7   DT  B N3     1 
ATOM   204 C  C4     . DT  A 1 7  ? 0.074   0.547   -3.507  1.00 14.06 ? 7   DT  B C4     1 
ATOM   205 O  O4     . DT  A 1 7  ? -1.062  0.098   -3.418  1.00 16.28 ? 7   DT  B O4     1 
ATOM   206 C  C5     . DT  A 1 7  ? 0.464   1.486   -4.552  1.00 13.60 ? 7   DT  B C5     1 
ATOM   207 C  C7     . DT  A 1 7  ? -0.530  1.936   -5.576  1.00 18.07 ? 7   DT  B C7     1 
ATOM   208 C  C6     . DT  A 1 7  ? 1.729   1.939   -4.551  1.00 13.56 ? 7   DT  B C6     1 
ATOM   209 H  "H5'"  . DT  A 1 7  ? 4.343   6.002   -4.103  1.00 21.24 ? 7   DT  B "H5'"  1 
ATOM   210 H  "H5''" . DT  A 1 7  ? 5.695   5.885   -4.912  1.00 21.24 ? 7   DT  B "H5''" 1 
ATOM   211 H  "H4'"  . DT  A 1 7  ? 5.670   4.222   -3.316  1.00 20.47 ? 7   DT  B "H4'"  1 
ATOM   212 H  "H3'"  . DT  A 1 7  ? 5.759   3.371   -5.957  1.00 21.66 ? 7   DT  B "H3'"  1 
ATOM   213 H  "H2'"  . DT  A 1 7  ? 4.273   1.773   -5.725  1.00 19.98 ? 7   DT  B "H2'"  1 
ATOM   214 H  "H2''" . DT  A 1 7  ? 5.359   1.029   -4.851  1.00 19.98 ? 7   DT  B "H2''" 1 
ATOM   215 H  "H1'"  . DT  A 1 7  ? 4.521   1.791   -2.924  1.00 18.22 ? 7   DT  B "H1'"  1 
ATOM   216 H  H3     . DT  A 1 7  ? 0.850   -0.369  -2.025  1.00 18.98 ? 7   DT  B H3     1 
ATOM   217 H  H71    . DT  A 1 7  ? -1.376  1.491   -5.410  1.00 21.69 ? 7   DT  B H71    1 
ATOM   218 H  H72    . DT  A 1 7  ? -0.642  2.897   -5.506  1.00 21.69 ? 7   DT  B H72    1 
ATOM   219 H  H73    . DT  A 1 7  ? -0.202  1.704   -6.458  1.00 21.69 ? 7   DT  B H73    1 
ATOM   220 H  H6     . DT  A 1 7  ? 1.981   2.548   -5.207  1.00 16.28 ? 7   DT  B H6     1 
ATOM   221 P  P      . DT  A 1 8  ? 8.104   1.930   -5.353  1.00 21.30 ? 8   DT  B P      1 
ATOM   222 O  OP1    . DT  A 1 8  ? 9.417   2.435   -4.925  1.00 22.86 ? 8   DT  B OP1    1 
ATOM   223 O  OP2    . DT  A 1 8  ? 7.688   1.785   -6.753  1.00 25.84 ? 8   DT  B OP2    1 
ATOM   224 O  "O5'"  . DT  A 1 8  ? 7.901   0.507   -4.688  1.00 21.29 ? 8   DT  B "O5'"  1 
ATOM   225 C  "C5'"  . DT  A 1 8  ? 8.053   0.398   -3.331  1.00 20.51 ? 8   DT  B "C5'"  1 
ATOM   226 C  "C4'"  . DT  A 1 8  ? 7.550   -0.927  -2.852  1.00 20.94 ? 8   DT  B "C4'"  1 
ATOM   227 O  "O4'"  . DT  A 1 8  ? 6.129   -0.976  -3.034  1.00 19.44 ? 8   DT  B "O4'"  1 
ATOM   228 C  "C3'"  . DT  A 1 8  ? 8.115   -2.148  -3.610  1.00 23.82 ? 8   DT  B "C3'"  1 
ATOM   229 O  "O3'"  . DT  A 1 8  ? 8.997   -2.839  -2.757  1.00 23.90 ? 8   DT  B "O3'"  1 
ATOM   230 C  "C2'"  . DT  A 1 8  ? 6.877   -2.965  -4.017  1.00 21.11 ? 8   DT  B "C2'"  1 
ATOM   231 C  "C1'"  . DT  A 1 8  ? 5.769   -2.336  -3.181  1.00 20.12 ? 8   DT  B "C1'"  1 
ATOM   232 N  N1     . DT  A 1 8  ? 4.412   -2.367  -3.766  1.00 16.70 ? 8   DT  B N1     1 
ATOM   233 C  C2     . DT  A 1 8  ? 3.429   -3.039  -3.108  1.00 17.91 ? 8   DT  B C2     1 
ATOM   234 O  O2     . DT  A 1 8  ? 3.630   -3.690  -2.098  1.00 18.10 ? 8   DT  B O2     1 
ATOM   235 N  N3     . DT  A 1 8  ? 2.189   -2.959  -3.684  1.00 17.43 ? 8   DT  B N3     1 
ATOM   236 C  C4     . DT  A 1 8  ? 1.839   -2.259  -4.825  1.00 15.01 ? 8   DT  B C4     1 
ATOM   237 O  O4     . DT  A 1 8  ? 0.698   -2.237  -5.243  1.00 15.99 ? 8   DT  B O4     1 
ATOM   238 C  C5     . DT  A 1 8  ? 2.915   -1.578  -5.479  1.00 13.85 ? 8   DT  B C5     1 
ATOM   239 C  C7     . DT  A 1 8  ? 2.657   -0.793  -6.730  1.00 18.62 ? 8   DT  B C7     1 
ATOM   240 C  C6     . DT  A 1 8  ? 4.136   -1.636  -4.919  1.00 14.96 ? 8   DT  B C6     1 
ATOM   241 H  "H5'"  . DT  A 1 8  ? 7.555   1.107   -2.895  1.00 24.63 ? 8   DT  B "H5'"  1 
ATOM   242 H  "H5''" . DT  A 1 8  ? 8.991   0.486   -3.105  1.00 24.63 ? 8   DT  B "H5''" 1 
ATOM   243 H  "H4'"  . DT  A 1 8  ? 7.754   -1.029  -1.908  1.00 25.14 ? 8   DT  B "H4'"  1 
ATOM   244 H  "H3'"  . DT  A 1 8  ? 8.563   -1.873  -4.426  1.00 28.60 ? 8   DT  B "H3'"  1 
ATOM   245 H  "H2'"  . DT  A 1 8  ? 6.694   -2.878  -4.965  1.00 25.35 ? 8   DT  B "H2'"  1 
ATOM   246 H  "H2''" . DT  A 1 8  ? 6.989   -3.904  -3.801  1.00 25.35 ? 8   DT  B "H2''" 1 
ATOM   247 H  "H1'"  . DT  A 1 8  ? 5.745   -2.798  -2.329  1.00 24.15 ? 8   DT  B "H1'"  1 
ATOM   248 H  H3     . DT  A 1 8  ? 1.558   -3.393  -3.293  1.00 20.93 ? 8   DT  B H3     1 
ATOM   249 H  H71    . DT  A 1 8  ? 2.770   0.151   -6.540  1.00 22.36 ? 8   DT  B H71    1 
ATOM   250 H  H72    . DT  A 1 8  ? 3.288   -1.069  -7.413  1.00 22.36 ? 8   DT  B H72    1 
ATOM   251 H  H73    . DT  A 1 8  ? 1.750   -0.963  -7.030  1.00 22.36 ? 8   DT  B H73    1 
ATOM   252 H  H6     . DT  A 1 8  ? 4.830   -1.167  -5.324  1.00 17.96 ? 8   DT  B H6     1 
ATOM   253 P  P      . DC  A 1 9  ? 9.781   -4.172  -3.205  1.00 27.14 ? 9   DC  B P      1 
ATOM   254 O  OP1    . DC  A 1 9  ? 11.002  -4.168  -2.360  1.00 28.13 ? 9   DC  B OP1    1 
ATOM   255 O  OP2    . DC  A 1 9  ? 9.858   -4.383  -4.646  1.00 27.28 ? 9   DC  B OP2    1 
ATOM   256 O  "O5'"  . DC  A 1 9  ? 8.795   -5.322  -2.722  1.00 24.34 ? 9   DC  B "O5'"  1 
ATOM   257 C  "C5'"  . DC  A 1 9  ? 8.362   -5.316  -1.405  1.00 21.59 ? 9   DC  B "C5'"  1 
ATOM   258 C  "C4'"  . DC  A 1 9  ? 7.421   -6.460  -1.145  1.00 24.58 ? 9   DC  B "C4'"  1 
ATOM   259 O  "O4'"  . DC  A 1 9  ? 6.153   -6.185  -1.770  1.00 23.44 ? 9   DC  B "O4'"  1 
ATOM   260 C  "C3'"  . DC  A 1 9  ? 7.891   -7.809  -1.675  1.00 27.83 ? 9   DC  B "C3'"  1 
ATOM   261 O  "O3'"  . DC  A 1 9  ? 7.969   -8.700  -0.590  1.00 32.80 ? 9   DC  B "O3'"  1 
ATOM   262 C  "C2'"  . DC  A 1 9  ? 6.830   -8.208  -2.726  1.00 23.43 ? 9   DC  B "C2'"  1 
ATOM   263 C  "C1'"  . DC  A 1 9  ? 5.628   -7.371  -2.332  1.00 22.43 ? 9   DC  B "C1'"  1 
ATOM   264 N  N1     . DC  A 1 9  ? 4.765   -6.919  -3.434  1.00 18.92 ? 9   DC  B N1     1 
ATOM   265 C  C2     . DC  A 1 9  ? 3.393   -7.195  -3.428  1.00 19.35 ? 9   DC  B C2     1 
ATOM   266 O  O2     . DC  A 1 9  ? 2.923   -7.936  -2.565  1.00 19.23 ? 9   DC  B O2     1 
ATOM   267 N  N3     . DC  A 1 9  ? 2.617   -6.682  -4.420  1.00 16.42 ? 9   DC  B N3     1 
ATOM   268 C  C4     . DC  A 1 9  ? 3.155   -5.892  -5.347  1.00 17.53 ? 9   DC  B C4     1 
ATOM   269 N  N4     . DC  A 1 9  ? 2.356   -5.393  -6.279  1.00 16.53 ? 9   DC  B N4     1 
ATOM   270 C  C5     . DC  A 1 9  ? 4.535   -5.574  -5.345  1.00 18.54 ? 9   DC  B C5     1 
ATOM   271 C  C6     . DC  A 1 9  ? 5.289   -6.090  -4.373  1.00 21.07 ? 9   DC  B C6     1 
ATOM   272 H  "H5'"  . DC  A 1 9  ? 7.907   -4.480  -1.222  1.00 25.93 ? 9   DC  B "H5'"  1 
ATOM   273 H  "H5''" . DC  A 1 9  ? 9.129   -5.393  -0.816  1.00 25.93 ? 9   DC  B "H5''" 1 
ATOM   274 H  "H4'"  . DC  A 1 9  ? 7.273   -6.547  -0.191  1.00 29.51 ? 9   DC  B "H4'"  1 
ATOM   275 H  "H3'"  . DC  A 1 9  ? 8.740   -7.731  -2.136  1.00 33.42 ? 9   DC  B "H3'"  1 
ATOM   276 H  "H2'"  . DC  A 1 9  ? 7.128   -7.994  -3.624  1.00 28.13 ? 9   DC  B "H2'"  1 
ATOM   277 H  "H2''" . DC  A 1 9  ? 6.629   -9.156  -2.678  1.00 28.13 ? 9   DC  B "H2''" 1 
ATOM   278 H  "H1'"  . DC  A 1 9  ? 5.108   -7.895  -1.703  1.00 26.93 ? 9   DC  B "H1'"  1 
ATOM   279 H  H41    . DC  A 1 9  ? 2.677   -4.880  -6.891  1.00 19.86 ? 9   DC  B H41    1 
ATOM   280 H  H42    . DC  A 1 9  ? 1.517   -5.581  -6.272  1.00 19.86 ? 9   DC  B H42    1 
ATOM   281 H  H5     . DC  A 1 9  ? 4.903   -5.024  -5.999  1.00 22.27 ? 9   DC  B H5     1 
ATOM   282 H  H6     . DC  A 1 9  ? 6.193   -5.878  -4.338  1.00 25.30 ? 9   DC  B H6     1 
ATOM   283 P  P      . DG  A 1 10 ? 8.824   -10.057 -0.667  1.00 33.93 ? 10  DG  B P      1 
ATOM   284 O  OP1    . DG  A 1 10 ? 9.187   -10.310 0.741   1.00 41.81 ? 10  DG  B OP1    1 
ATOM   285 O  OP2    . DG  A 1 10 ? 9.835   -10.054 -1.740  1.00 27.65 ? 10  DG  B OP2    1 
ATOM   286 O  "O5'"  . DG  A 1 10 ? 7.747   -11.120 -1.146  1.00 27.55 ? 10  DG  B "O5'"  1 
ATOM   287 C  "C5'"  . DG  A 1 10 ? 6.627   -11.318 -0.369  1.00 20.04 ? 10  DG  B "C5'"  1 
ATOM   288 C  "C4'"  . DG  A 1 10 ? 5.602   -12.092 -1.144  1.00 26.34 ? 10  DG  B "C4'"  1 
ATOM   289 O  "O4'"  . DG  A 1 10 ? 5.014   -11.236 -2.165  1.00 22.80 ? 10  DG  B "O4'"  1 
ATOM   290 C  "C3'"  . DG  A 1 10 ? 6.141   -13.302 -1.899  1.00 26.06 ? 10  DG  B "C3'"  1 
ATOM   291 O  "O3'"  . DG  A 1 10 ? 5.169   -14.273 -1.826  1.00 28.22 ? 10  DG  B "O3'"  1 
ATOM   292 C  "C2'"  . DG  A 1 10 ? 6.308   -12.752 -3.315  1.00 25.52 ? 10  DG  B "C2'"  1 
ATOM   293 C  "C1'"  . DG  A 1 10 ? 5.043   -11.926 -3.385  1.00 23.83 ? 10  DG  B "C1'"  1 
ATOM   294 N  N9     . DG  A 1 10 ? 4.943   -10.953 -4.467  1.00 20.40 ? 10  DG  B N9     1 
ATOM   295 C  C8     . DG  A 1 10 ? 5.949   -10.263 -5.106  1.00 22.69 ? 10  DG  B C8     1 
ATOM   296 N  N7     . DG  A 1 10 ? 5.500   -9.436  -6.021  1.00 20.40 ? 10  DG  B N7     1 
ATOM   297 C  C5     . DG  A 1 10 ? 4.123   -9.609  -5.984  1.00 18.51 ? 10  DG  B C5     1 
ATOM   298 C  C6     . DG  A 1 10 ? 3.109   -9.011  -6.754  1.00 16.58 ? 10  DG  B C6     1 
ATOM   299 O  O6     . DG  A 1 10 ? 3.242   -8.157  -7.646  1.00 17.29 ? 10  DG  B O6     1 
ATOM   300 N  N1     . DG  A 1 10 ? 1.839   -9.468  -6.389  1.00 15.61 ? 10  DG  B N1     1 
ATOM   301 C  C2     . DG  A 1 10 ? 1.597   -10.401 -5.403  1.00 15.78 ? 10  DG  B C2     1 
ATOM   302 N  N2     . DG  A 1 10 ? 0.325   -10.736 -5.179  1.00 17.82 ? 10  DG  B N2     1 
ATOM   303 N  N3     . DG  A 1 10 ? 2.551   -10.964 -4.686  1.00 18.86 ? 10  DG  B N3     1 
ATOM   304 C  C4     . DG  A 1 10 ? 3.773   -10.535 -5.035  1.00 18.57 ? 10  DG  B C4     1 
ATOM   305 H  "H5'"  . DG  A 1 10 ? 6.256   -10.459 -0.111  1.00 24.06 ? 10  DG  B "H5'"  1 
ATOM   306 H  "H5''" . DG  A 1 10 ? 6.869   -11.810 0.430   1.00 24.06 ? 10  DG  B "H5''" 1 
ATOM   307 H  "H4'"  . DG  A 1 10 ? 4.907   -12.383 -0.533  1.00 31.63 ? 10  DG  B "H4'"  1 
ATOM   308 H  "H3'"  . DG  A 1 10 ? 6.999   -13.615 -1.572  1.00 31.29 ? 10  DG  B "H3'"  1 
ATOM   309 H  "H2'"  . DG  A 1 10 ? 7.106   -12.210 -3.407  1.00 30.64 ? 10  DG  B "H2'"  1 
ATOM   310 H  "H2''" . DG  A 1 10 ? 6.324   -13.455 -3.982  1.00 30.64 ? 10  DG  B "H2''" 1 
ATOM   311 H  "H1'"  . DG  A 1 10 ? 4.287   -12.526 -3.487  1.00 28.62 ? 10  DG  B "H1'"  1 
ATOM   312 H  H8     . DG  A 1 10 ? 6.851   -10.372 -4.911  1.00 27.25 ? 10  DG  B H8     1 
ATOM   313 H  H1     . DG  A 1 10 ? 1.161   -9.145  -6.809  1.00 18.75 ? 10  DG  B H1     1 
ATOM   314 H  H21    . DG  A 1 10 ? 0.135   -11.315 -4.572  1.00 21.40 ? 10  DG  B H21    1 
ATOM   315 H  H22    . DG  A 1 10 ? -0.303  -10.375 -5.642  1.00 21.40 ? 10  DG  B H22    1 
ATOM   316 P  P      . DC  A 1 11 ? 5.454   -15.726 -1.200  1.00 30.34 ? 11  DC  B P      1 
ATOM   317 O  OP1    . DC  A 1 11 ? 6.051   -15.484 0.130   1.00 33.30 ? 11  DC  B OP1    1 
ATOM   318 O  OP2    . DC  A 1 11 ? 6.147   -16.587 -2.180  1.00 30.83 ? 11  DC  B OP2    1 
ATOM   319 O  "O5'"  . DC  A 1 11 ? 3.954   -16.260 -1.046  1.00 26.67 ? 11  DC  B "O5'"  1 
ATOM   320 C  "C5'"  . DC  A 1 11 ? 3.040   -15.506 -0.272  1.00 26.08 ? 11  DC  B "C5'"  1 
ATOM   321 C  "C4'"  . DC  A 1 11 ? 1.688   -15.385 -0.958  1.00 26.23 ? 11  DC  B "C4'"  1 
ATOM   322 O  "O4'"  . DC  A 1 11 ? 1.830   -14.618 -2.158  1.00 22.30 ? 11  DC  B "O4'"  1 
ATOM   323 C  "C3'"  . DC  A 1 11 ? 1.006   -16.671 -1.371  1.00 22.04 ? 11  DC  B "C3'"  1 
ATOM   324 O  "O3'"  . DC  A 1 11 ? -0.355  -16.594 -0.974  1.00 24.56 ? 11  DC  B "O3'"  1 
ATOM   325 C  "C2'"  . DC  A 1 11 ? 1.158   -16.732 -2.895  1.00 24.59 ? 11  DC  B "C2'"  1 
ATOM   326 C  "C1'"  . DC  A 1 11 ? 1.198   -15.263 -3.262  1.00 20.03 ? 11  DC  B "C1'"  1 
ATOM   327 N  N1     . DC  A 1 11 ? 1.972   -14.847 -4.417  1.00 20.22 ? 11  DC  B N1     1 
ATOM   328 C  C2     . DC  A 1 11 ? 1.343   -14.101 -5.425  1.00 16.76 ? 11  DC  B C2     1 
ATOM   329 O  O2     . DC  A 1 11 ? 0.117   -13.918 -5.368  1.00 17.26 ? 11  DC  B O2     1 
ATOM   330 N  N3     . DC  A 1 11 ? 2.098   -13.603 -6.430  1.00 18.21 ? 11  DC  B N3     1 
ATOM   331 C  C4     . DC  A 1 11 ? 3.404   -13.803 -6.444  1.00 20.08 ? 11  DC  B C4     1 
ATOM   332 N  N4     . DC  A 1 11 ? 4.101   -13.289 -7.448  1.00 24.43 ? 11  DC  B N4     1 
ATOM   333 C  C5     . DC  A 1 11 ? 4.067   -14.547 -5.432  1.00 24.28 ? 11  DC  B C5     1 
ATOM   334 C  C6     . DC  A 1 11 ? 3.325   -15.020 -4.430  1.00 22.44 ? 11  DC  B C6     1 
ATOM   335 H  "H5'"  . DC  A 1 11 ? 3.402   -14.617 -0.129  1.00 31.31 ? 11  DC  B "H5'"  1 
ATOM   336 H  "H5''" . DC  A 1 11 ? 2.920   -15.939 0.588   1.00 31.31 ? 11  DC  B "H5''" 1 
ATOM   337 H  "H4'"  . DC  A 1 11 ? 1.090   -14.926 -0.348  1.00 31.49 ? 11  DC  B "H4'"  1 
ATOM   338 H  "H3'"  . DC  A 1 11 ? 1.464   -17.438 -0.991  1.00 26.46 ? 11  DC  B "H3'"  1 
ATOM   339 H  "H2'"  . DC  A 1 11 ? 1.976   -17.185 -3.153  1.00 29.53 ? 11  DC  B "H2'"  1 
ATOM   340 H  "H2''" . DC  A 1 11 ? 0.404   -17.182 -3.309  1.00 29.53 ? 11  DC  B "H2''" 1 
ATOM   341 H  "H1'"  . DC  A 1 11 ? 0.274   -15.010 -3.413  1.00 24.05 ? 11  DC  B "H1'"  1 
ATOM   342 H  H41    . DC  A 1 11 ? 4.953   -13.404 -7.482  1.00 29.34 ? 11  DC  B H41    1 
ATOM   343 H  H42    . DC  A 1 11 ? 3.702   -12.842 -8.064  1.00 29.34 ? 11  DC  B H42    1 
ATOM   344 H  H5     . DC  A 1 11 ? 4.985   -14.700 -5.467  1.00 29.16 ? 11  DC  B H5     1 
ATOM   345 H  H6     . DC  A 1 11 ? 3.735   -15.474 -3.730  1.00 26.94 ? 11  DC  B H6     1 
ATOM   346 P  P      . DG  A 1 12 ? -1.254  -17.923 -0.935  1.00 32.61 ? 12  DG  B P      1 
ATOM   347 O  OP1    . DG  A 1 12 ? -2.435  -17.596 -0.109  1.00 31.59 ? 12  DG  B OP1    1 
ATOM   348 O  OP2    . DG  A 1 12 ? -0.375  -19.065 -0.627  1.00 37.24 ? 12  DG  B OP2    1 
ATOM   349 O  "O5'"  . DG  A 1 12 ? -1.779  -18.116 -2.430  1.00 27.88 ? 12  DG  B "O5'"  1 
ATOM   350 C  "C5'"  . DG  A 1 12 ? -2.820  -17.296 -2.960  1.00 25.27 ? 12  DG  B "C5'"  1 
ATOM   351 C  "C4'"  . DG  A 1 12 ? -3.108  -17.713 -4.394  1.00 20.83 ? 12  DG  B "C4'"  1 
ATOM   352 O  "O4'"  . DG  A 1 12 ? -2.132  -17.183 -5.286  1.00 23.75 ? 12  DG  B "O4'"  1 
ATOM   353 C  "C3'"  . DG  A 1 12 ? -3.115  -19.225 -4.616  1.00 22.55 ? 12  DG  B "C3'"  1 
ATOM   354 O  "O3'"  . DG  A 1 12 ? -4.411  -19.653 -4.867  1.00 23.74 ? 12  DG  B "O3'"  1 
ATOM   355 C  "C2'"  . DG  A 1 12 ? -2.172  -19.476 -5.796  1.00 18.63 ? 12  DG  B "C2'"  1 
ATOM   356 C  "C1'"  . DG  A 1 12 ? -1.841  -18.089 -6.326  1.00 18.69 ? 12  DG  B "C1'"  1 
ATOM   357 N  N9     . DG  A 1 12 ? -0.473  -17.847 -6.710  1.00 17.93 ? 12  DG  B N9     1 
ATOM   358 C  C8     . DG  A 1 12 ? 0.672   -18.115 -5.992  1.00 18.94 ? 12  DG  B C8     1 
ATOM   359 N  N7     . DG  A 1 12 ? 1.753   -17.644 -6.552  1.00 19.66 ? 12  DG  B N7     1 
ATOM   360 C  C5     . DG  A 1 12 ? 1.275   -16.925 -7.643  1.00 18.12 ? 12  DG  B C5     1 
ATOM   361 C  C6     . DG  A 1 12 ? 1.954   -16.158 -8.631  1.00 16.40 ? 12  DG  B C6     1 
ATOM   362 O  O6     . DG  A 1 12 ? 3.158   -15.961 -8.749  1.00 21.69 ? 12  DG  B O6     1 
ATOM   363 N  N1     . DG  A 1 12 ? 1.083   -15.603 -9.556  1.00 18.15 ? 12  DG  B N1     1 
ATOM   364 C  C2     . DG  A 1 12 ? -0.273  -15.759 -9.546  1.00 16.98 ? 12  DG  B C2     1 
ATOM   365 N  N2     . DG  A 1 12 ? -0.946  -15.167 -10.536 1.00 16.65 ? 12  DG  B N2     1 
ATOM   366 N  N3     . DG  A 1 12 ? -0.925  -16.477 -8.638  1.00 16.63 ? 12  DG  B N3     1 
ATOM   367 C  C4     . DG  A 1 12 ? -0.092  -17.030 -7.729  1.00 17.88 ? 12  DG  B C4     1 
ATOM   368 H  "H5'"  . DG  A 1 12 ? -2.545  -16.367 -2.940  1.00 30.34 ? 12  DG  B "H5'"  1 
ATOM   369 H  "H5''" . DG  A 1 12 ? -3.621  -17.401 -2.424  1.00 30.34 ? 12  DG  B "H5''" 1 
ATOM   370 H  "H4'"  . DG  A 1 12 ? -3.963  -17.342 -4.661  1.00 25.01 ? 12  DG  B "H4'"  1 
ATOM   371 H  "H3'"  . DG  A 1 12 ? -2.740  -19.664 -3.837  1.00 27.08 ? 12  DG  B "H3'"  1 
ATOM   372 H  "HO3'" . DG  A 1 12 ? -4.757  -20.248 -4.386  1.00 28.50 ? 12  DG  B "HO3'" 1 
ATOM   373 H  "H2'"  . DG  A 1 12 ? -1.368  -19.933 -5.503  1.00 22.38 ? 12  DG  B "H2'"  1 
ATOM   374 H  "H2''" . DG  A 1 12 ? -2.608  -20.011 -6.477  1.00 22.38 ? 12  DG  B "H2''" 1 
ATOM   375 H  "H1'"  . DG  A 1 12 ? -2.409  -17.948 -7.100  1.00 22.45 ? 12  DG  B "H1'"  1 
ATOM   376 H  H8     . DG  A 1 12 ? 0.674   -18.584 -5.188  1.00 22.74 ? 12  DG  B H8     1 
ATOM   377 H  H1     . DG  A 1 12 ? 1.423   -15.123 -10.183 1.00 21.80 ? 12  DG  B H1     1 
ATOM   378 H  H21    . DG  A 1 12 ? -1.801  -15.251 -10.586 1.00 20.00 ? 12  DG  B H21    1 
ATOM   379 H  H22    . DG  A 1 12 ? -0.525  -14.702 -11.124 1.00 20.00 ? 12  DG  B H22    1 
ATOM   380 O  "O5'"  . DC  B 1 1  ? 4.153   -11.564 -16.703 1.00 35.24 ? 13  DC  C "O5'"  1 
ATOM   381 C  "C5'"  . DC  B 1 1  ? 3.330   -12.388 -17.505 1.00 29.71 ? 13  DC  C "C5'"  1 
ATOM   382 C  "C4'"  . DC  B 1 1  ? 1.896   -12.370 -17.007 1.00 28.90 ? 13  DC  C "C4'"  1 
ATOM   383 O  "O4'"  . DC  B 1 1  ? 1.812   -13.115 -15.755 1.00 26.52 ? 13  DC  C "O4'"  1 
ATOM   384 C  "C3'"  . DC  B 1 1  ? 1.342   -10.988 -16.708 1.00 26.92 ? 13  DC  C "C3'"  1 
ATOM   385 O  "O3'"  . DC  B 1 1  ? -0.026  -10.916 -17.085 1.00 27.77 ? 13  DC  C "O3'"  1 
ATOM   386 C  "C2'"  . DC  B 1 1  ? 1.557   -10.840 -15.202 1.00 21.64 ? 13  DC  C "C2'"  1 
ATOM   387 C  "C1'"  . DC  B 1 1  ? 1.375   -12.283 -14.704 1.00 23.93 ? 13  DC  C "C1'"  1 
ATOM   388 N  N1     . DC  B 1 1  ? 2.184   -12.666 -13.502 1.00 22.76 ? 13  DC  C N1     1 
ATOM   389 C  C2     . DC  B 1 1  ? 1.602   -13.420 -12.461 1.00 18.31 ? 13  DC  C C2     1 
ATOM   390 O  O2     . DC  B 1 1  ? 0.408   -13.699 -12.506 1.00 20.29 ? 13  DC  C O2     1 
ATOM   391 N  N3     . DC  B 1 1  ? 2.365   -13.788 -11.424 1.00 19.64 ? 13  DC  C N3     1 
ATOM   392 C  C4     . DC  B 1 1  ? 3.650   -13.441 -11.381 1.00 23.56 ? 13  DC  C C4     1 
ATOM   393 N  N4     . DC  B 1 1  ? 4.360   -13.831 -10.331 1.00 23.39 ? 13  DC  C N4     1 
ATOM   394 C  C5     . DC  B 1 1  ? 4.269   -12.710 -12.433 1.00 26.49 ? 13  DC  C C5     1 
ATOM   395 C  C6     . DC  B 1 1  ? 3.512   -12.360 -13.468 1.00 25.85 ? 13  DC  C C6     1 
ATOM   396 H  "H5'"  . DC  B 1 1  ? 3.666   -13.298 -17.478 1.00 35.67 ? 13  DC  C "H5'"  1 
ATOM   397 H  "H5''" . DC  B 1 1  ? 3.354   -12.069 -18.420 1.00 35.67 ? 13  DC  C "H5''" 1 
ATOM   398 H  "H4'"  . DC  B 1 1  ? 1.325   -12.799 -17.663 1.00 34.70 ? 13  DC  C "H4'"  1 
ATOM   399 H  "H3'"  . DC  B 1 1  ? 1.853   -10.307 -17.172 1.00 32.31 ? 13  DC  C "H3'"  1 
ATOM   400 H  "H2'"  . DC  B 1 1  ? 2.446   -10.506 -15.003 1.00 25.99 ? 13  DC  C "H2'"  1 
ATOM   401 H  "H2''" . DC  B 1 1  ? 0.900   -10.244 -14.808 1.00 25.99 ? 13  DC  C "H2''" 1 
ATOM   402 H  "H1'"  . DC  B 1 1  ? 0.433   -12.408 -14.507 1.00 28.73 ? 13  DC  C "H1'"  1 
ATOM   403 H  H41    . DC  B 1 1  ? 5.192   -13.621 -10.274 1.00 28.09 ? 13  DC  C H41    1 
ATOM   404 H  H42    . DC  B 1 1  ? 3.988   -14.292 -9.708  1.00 28.09 ? 13  DC  C H42    1 
ATOM   405 H  H5     . DC  B 1 1  ? 5.170   -12.486 -12.397 1.00 31.80 ? 13  DC  C H5     1 
ATOM   406 H  H6     . DC  B 1 1  ? 3.893   -11.900 -14.180 1.00 31.04 ? 13  DC  C H6     1 
ATOM   407 H  "HO5'" . DC  B 1 1  ? 4.948   -11.791 -16.552 1.00 42.30 ? 13  DC  C "HO5'" 1 
ATOM   408 P  P      . DG  B 1 2  ? -0.767  -9.488  -17.176 1.00 29.24 ? 14  DG  C P      1 
ATOM   409 O  OP1    . DG  B 1 2  ? -1.669  -9.524  -18.362 1.00 34.69 ? 14  DG  C OP1    1 
ATOM   410 O  OP2    . DG  B 1 2  ? 0.270   -8.462  -16.975 1.00 34.35 ? 14  DG  C OP2    1 
ATOM   411 O  "O5'"  . DG  B 1 2  ? -1.623  -9.489  -15.832 1.00 24.76 ? 14  DG  C "O5'"  1 
ATOM   412 C  "C5'"  . DG  B 1 2  ? -2.531  -10.532 -15.668 1.00 25.68 ? 14  DG  C "C5'"  1 
ATOM   413 C  "C4'"  . DG  B 1 2  ? -3.089  -10.565 -14.277 1.00 20.79 ? 14  DG  C "C4'"  1 
ATOM   414 O  "O4'"  . DG  B 1 2  ? -2.050  -11.012 -13.378 1.00 21.12 ? 14  DG  C "O4'"  1 
ATOM   415 C  "C3'"  . DG  B 1 2  ? -3.562  -9.219  -13.757 1.00 18.45 ? 14  DG  C "C3'"  1 
ATOM   416 O  "O3'"  . DG  B 1 2  ? -4.911  -9.307  -13.458 1.00 21.13 ? 14  DG  C "O3'"  1 
ATOM   417 C  "C2'"  . DG  B 1 2  ? -2.695  -8.941  -12.513 1.00 19.90 ? 14  DG  C "C2'"  1 
ATOM   418 C  "C1'"  . DG  B 1 2  ? -2.135  -10.318 -12.167 1.00 18.61 ? 14  DG  C "C1'"  1 
ATOM   419 N  N9     . DG  B 1 2  ? -0.800  -10.335 -11.576 1.00 17.01 ? 14  DG  C N9     1 
ATOM   420 C  C8     . DG  B 1 2  ? 0.315   -9.692  -12.032 1.00 19.70 ? 14  DG  C C8     1 
ATOM   421 N  N7     . DG  B 1 2  ? 1.383   -9.915  -11.315 1.00 18.90 ? 14  DG  C N7     1 
ATOM   422 C  C5     . DG  B 1 2  ? 0.945   -10.781 -10.323 1.00 15.53 ? 14  DG  C C5     1 
ATOM   423 C  C6     . DG  B 1 2  ? 1.655   -11.355 -9.237  1.00 15.59 ? 14  DG  C C6     1 
ATOM   424 O  O6     . DG  B 1 2  ? 2.840   -11.231 -8.958  1.00 18.24 ? 14  DG  C O6     1 
ATOM   425 N  N1     . DG  B 1 2  ? 0.840   -12.169 -8.458  1.00 15.17 ? 14  DG  C N1     1 
ATOM   426 C  C2     . DG  B 1 2  ? -0.497  -12.381 -8.687  1.00 14.03 ? 14  DG  C C2     1 
ATOM   427 N  N2     . DG  B 1 2  ? -1.119  -13.177 -7.823  1.00 16.31 ? 14  DG  C N2     1 
ATOM   428 N  N3     . DG  B 1 2  ? -1.178  -11.849 -9.700  1.00 15.19 ? 14  DG  C N3     1 
ATOM   429 C  C4     . DG  B 1 2  ? -0.396  -11.049 -10.465 1.00 18.70 ? 14  DG  C C4     1 
ATOM   430 H  "H5'"  . DG  B 1 2  ? -2.083  -11.372 -15.849 1.00 30.84 ? 14  DG  C "H5'"  1 
ATOM   431 H  "H5''" . DG  B 1 2  ? -3.259  -10.418 -16.299 1.00 30.84 ? 14  DG  C "H5''" 1 
ATOM   432 H  "H4'"  . DG  B 1 2  ? -3.832  -11.186 -14.228 1.00 24.97 ? 14  DG  C "H4'"  1 
ATOM   433 H  "H3'"  . DG  B 1 2  ? -3.382  -8.523  -14.409 1.00 22.15 ? 14  DG  C "H3'"  1 
ATOM   434 H  "H2'"  . DG  B 1 2  ? -1.982  -8.314  -12.715 1.00 23.89 ? 14  DG  C "H2'"  1 
ATOM   435 H  "H2''" . DG  B 1 2  ? -3.229  -8.588  -11.785 1.00 23.89 ? 14  DG  C "H2''" 1 
ATOM   436 H  "H1'"  . DG  B 1 2  ? -2.753  -10.742 -11.552 1.00 22.35 ? 14  DG  C "H1'"  1 
ATOM   437 H  H8     . DG  B 1 2  ? 0.315   -9.146  -12.785 1.00 23.65 ? 14  DG  C H8     1 
ATOM   438 H  H1     . DG  B 1 2  ? 1.199   -12.569 -7.786  1.00 18.21 ? 14  DG  C H1     1 
ATOM   439 H  H21    . DG  B 1 2  ? -1.957  -13.346 -7.921  1.00 19.59 ? 14  DG  C H21    1 
ATOM   440 H  H22    . DG  B 1 2  ? -0.684  -13.524 -7.167  1.00 19.59 ? 14  DG  C H22    1 
ATOM   441 P  P      . DC  B 1 3  ? -5.716  -8.048  -12.888 1.00 21.70 ? 15  DC  C P      1 
ATOM   442 O  OP1    . DC  B 1 3  ? -7.083  -8.220  -13.457 1.00 25.81 ? 15  DC  C OP1    1 
ATOM   443 O  OP2    . DC  B 1 3  ? -4.932  -6.805  -13.086 1.00 24.21 ? 15  DC  C OP2    1 
ATOM   444 O  "O5'"  . DC  B 1 3  ? -5.814  -8.348  -11.325 1.00 20.38 ? 15  DC  C "O5'"  1 
ATOM   445 C  "C5'"  . DC  B 1 3  ? -6.314  -9.602  -10.858 1.00 19.66 ? 15  DC  C "C5'"  1 
ATOM   446 C  "C4'"  . DC  B 1 3  ? -5.840  -9.855  -9.446  1.00 16.40 ? 15  DC  C "C4'"  1 
ATOM   447 O  "O4'"  . DC  B 1 3  ? -4.412  -9.947  -9.457  1.00 17.85 ? 15  DC  C "O4'"  1 
ATOM   448 C  "C3'"  . DC  B 1 3  ? -6.148  -8.753  -8.454  1.00 19.66 ? 15  DC  C "C3'"  1 
ATOM   449 O  "O3'"  . DC  B 1 3  ? -7.385  -8.975  -7.842  1.00 21.07 ? 15  DC  C "O3'"  1 
ATOM   450 C  "C2'"  . DC  B 1 3  ? -5.000  -8.816  -7.454  1.00 22.90 ? 15  DC  C "C2'"  1 
ATOM   451 C  "C1'"  . DC  B 1 3  ? -3.920  -9.605  -8.168  1.00 16.14 ? 15  DC  C "C1'"  1 
ATOM   452 N  N1     . DC  B 1 3  ? -2.662  -8.871  -8.372  1.00 15.76 ? 15  DC  C N1     1 
ATOM   453 C  C2     . DC  B 1 3  ? -1.559  -9.186  -7.593  1.00 14.91 ? 15  DC  C C2     1 
ATOM   454 O  O2     . DC  B 1 3  ? -1.673  -10.073 -6.745  1.00 17.86 ? 15  DC  C O2     1 
ATOM   455 N  N3     . DC  B 1 3  ? -0.396  -8.575  -7.833  1.00 14.20 ? 15  DC  C N3     1 
ATOM   456 C  C4     . DC  B 1 3  ? -0.326  -7.620  -8.765  1.00 16.39 ? 15  DC  C C4     1 
ATOM   457 N  N4     . DC  B 1 3  ? 0.841   -7.030  -8.961  1.00 17.29 ? 15  DC  C N4     1 
ATOM   458 C  C5     . DC  B 1 3  ? -1.446  -7.260  -9.554  1.00 16.57 ? 15  DC  C C5     1 
ATOM   459 C  C6     . DC  B 1 3  ? -2.587  -7.905  -9.328  1.00 16.95 ? 15  DC  C C6     1 
ATOM   460 H  "H5'"  . DC  B 1 3  ? -5.997  -10.312 -11.438 1.00 23.61 ? 15  DC  C "H5'"  1 
ATOM   461 H  "H5''" . DC  B 1 3  ? -7.284  -9.589  -10.876 1.00 23.61 ? 15  DC  C "H5''" 1 
ATOM   462 H  "H4'"  . DC  B 1 3  ? -6.227  -10.685 -9.123  1.00 19.69 ? 15  DC  C "H4'"  1 
ATOM   463 H  "H3'"  . DC  B 1 3  ? -6.136  -7.896  -8.909  1.00 23.61 ? 15  DC  C "H3'"  1 
ATOM   464 H  "H2'"  . DC  B 1 3  ? -4.687  -7.925  -7.232  1.00 27.50 ? 15  DC  C "H2'"  1 
ATOM   465 H  "H2''" . DC  B 1 3  ? -5.275  -9.267  -6.641  1.00 27.50 ? 15  DC  C "H2''" 1 
ATOM   466 H  "H1'"  . DC  B 1 3  ? -3.760  -10.409 -7.650  1.00 19.38 ? 15  DC  C "H1'"  1 
ATOM   467 H  H41    . DC  B 1 3  ? 0.918   -6.412  -9.554  1.00 20.77 ? 15  DC  C H41    1 
ATOM   468 H  H42    . DC  B 1 3  ? 1.525   -7.266  -8.494  1.00 20.77 ? 15  DC  C H42    1 
ATOM   469 H  H5     . DC  B 1 3  ? -1.386  -6.598  -10.205 1.00 19.90 ? 15  DC  C H5     1 
ATOM   470 H  H6     . DC  B 1 3  ? -3.341  -7.693  -9.829  1.00 20.36 ? 15  DC  C H6     1 
ATOM   471 P  P      . DG  B 1 4  ? -8.003  -7.833  -6.894  1.00 25.26 ? 16  DG  C P      1 
ATOM   472 O  OP1    . DG  B 1 4  ? -9.468  -8.032  -6.880  1.00 30.45 ? 16  DG  C OP1    1 
ATOM   473 O  OP2    . DG  B 1 4  ? -7.436  -6.532  -7.302  1.00 24.57 ? 16  DG  C OP2    1 
ATOM   474 O  "O5'"  . DG  B 1 4  ? -7.434  -8.166  -5.453  1.00 21.25 ? 16  DG  C "O5'"  1 
ATOM   475 C  "C5'"  . DG  B 1 4  ? -7.756  -9.401  -4.833  1.00 24.17 ? 16  DG  C "C5'"  1 
ATOM   476 C  "C4'"  . DG  B 1 4  ? -6.928  -9.601  -3.578  1.00 20.10 ? 16  DG  C "C4'"  1 
ATOM   477 O  "O4'"  . DG  B 1 4  ? -5.520  -9.439  -3.911  1.00 18.89 ? 16  DG  C "O4'"  1 
ATOM   478 C  "C3'"  . DG  B 1 4  ? -7.184  -8.624  -2.428  1.00 22.30 ? 16  DG  C "C3'"  1 
ATOM   479 O  "O3'"  . DG  B 1 4  ? -7.028  -9.303  -1.228  1.00 25.01 ? 16  DG  C "O3'"  1 
ATOM   480 C  "C2'"  . DG  B 1 4  ? -6.145  -7.550  -2.657  1.00 21.84 ? 16  DG  C "C2'"  1 
ATOM   481 C  "C1'"  . DG  B 1 4  ? -4.973  -8.349  -3.181  1.00 22.42 ? 16  DG  C "C1'"  1 
ATOM   482 N  N9     . DG  B 1 4  ? -4.100  -7.581  -4.056  1.00 17.84 ? 16  DG  C N9     1 
ATOM   483 C  C8     . DG  B 1 4  ? -4.464  -6.671  -5.010  1.00 17.36 ? 16  DG  C C8     1 
ATOM   484 N  N7     . DG  B 1 4  ? -3.451  -6.141  -5.636  1.00 17.40 ? 16  DG  C N7     1 
ATOM   485 C  C5     . DG  B 1 4  ? -2.351  -6.719  -5.031  1.00 13.40 ? 16  DG  C C5     1 
ATOM   486 C  C6     . DG  B 1 4  ? -0.991  -6.517  -5.255  1.00 15.48 ? 16  DG  C C6     1 
ATOM   487 O  O6     . DG  B 1 4  ? -0.452  -5.780  -6.083  1.00 15.26 ? 16  DG  C O6     1 
ATOM   488 N  N1     . DG  B 1 4  ? -0.212  -7.303  -4.408  1.00 14.28 ? 16  DG  C N1     1 
ATOM   489 C  C2     . DG  B 1 4  ? -0.701  -8.164  -3.461  1.00 15.84 ? 16  DG  C C2     1 
ATOM   490 N  N2     . DG  B 1 4  ? 0.198   -8.824  -2.759  1.00 15.72 ? 16  DG  C N2     1 
ATOM   491 N  N3     . DG  B 1 4  ? -1.981  -8.382  -3.252  1.00 16.48 ? 16  DG  C N3     1 
ATOM   492 C  C4     . DG  B 1 4  ? -2.743  -7.601  -4.047  1.00 15.97 ? 16  DG  C C4     1 
ATOM   493 H  "H5'"  . DG  B 1 4  ? -7.579  -10.125 -5.452  1.00 29.02 ? 16  DG  C "H5'"  1 
ATOM   494 H  "H5''" . DG  B 1 4  ? -8.697  -9.407  -4.599  1.00 29.02 ? 16  DG  C "H5''" 1 
ATOM   495 H  "H4'"  . DG  B 1 4  ? -7.091  -10.498 -3.248  1.00 24.14 ? 16  DG  C "H4'"  1 
ATOM   496 H  "H3'"  . DG  B 1 4  ? -8.065  -8.221  -2.480  1.00 26.77 ? 16  DG  C "H3'"  1 
ATOM   497 H  "H2'"  . DG  B 1 4  ? -6.448  -6.897  -3.307  1.00 26.22 ? 16  DG  C "H2'"  1 
ATOM   498 H  "H2''" . DG  B 1 4  ? -5.922  -7.093  -1.831  1.00 26.22 ? 16  DG  C "H2''" 1 
ATOM   499 H  "H1'"  . DG  B 1 4  ? -4.456  -8.699  -2.438  1.00 26.92 ? 16  DG  C "H1'"  1 
ATOM   500 H  H8     . DG  B 1 4  ? -5.348  -6.451  -5.195  1.00 20.84 ? 16  DG  C H8     1 
ATOM   501 H  H1     . DG  B 1 4  ? 0.643   -7.243  -4.485  1.00 17.15 ? 16  DG  C H1     1 
ATOM   502 H  H21    . DG  B 1 4  ? -0.053  -9.395  -2.167  1.00 18.88 ? 16  DG  C H21    1 
ATOM   503 H  H22    . DG  B 1 4  ? 1.036   -8.684  -2.895  1.00 18.88 ? 16  DG  C H22    1 
ATOM   504 P  P      . DA  B 1 5  ? -6.898  -8.535  0.174   1.00 25.48 ? 17  DA  C P      1 
ATOM   505 O  OP1    . DA  B 1 5  ? -7.561  -9.416  1.160   1.00 29.44 ? 17  DA  C OP1    1 
ATOM   506 O  OP2    . DA  B 1 5  ? -7.227  -7.102  0.089   1.00 25.96 ? 17  DA  C OP2    1 
ATOM   507 O  "O5'"  . DA  B 1 5  ? -5.351  -8.651  0.481   1.00 22.58 ? 17  DA  C "O5'"  1 
ATOM   508 C  "C5'"  . DA  B 1 5  ? -4.728  -9.902  0.463   1.00 25.13 ? 17  DA  C "C5'"  1 
ATOM   509 C  "C4'"  . DA  B 1 5  ? -3.299  -9.767  0.908   1.00 24.57 ? 17  DA  C "C4'"  1 
ATOM   510 O  "O4'"  . DA  B 1 5  ? -2.588  -8.902  -0.015  1.00 22.90 ? 17  DA  C "O4'"  1 
ATOM   511 C  "C3'"  . DA  B 1 5  ? -3.130  -9.141  2.282   1.00 22.29 ? 17  DA  C "C3'"  1 
ATOM   512 O  "O3'"  . DA  B 1 5  ? -2.082  -9.791  2.965   1.00 25.37 ? 17  DA  C "O3'"  1 
ATOM   513 C  "C2'"  . DA  B 1 5  ? -2.852  -7.667  1.957   1.00 23.02 ? 17  DA  C "C2'"  1 
ATOM   514 C  "C1'"  . DA  B 1 5  ? -2.070  -7.765  0.658   1.00 21.17 ? 17  DA  C "C1'"  1 
ATOM   515 N  N9     . DA  B 1 5  ? -2.222  -6.670  -0.290  1.00 18.51 ? 17  DA  C N9     1 
ATOM   516 C  C8     . DA  B 1 5  ? -3.390  -6.154  -0.773  1.00 17.39 ? 17  DA  C C8     1 
ATOM   517 N  N7     . DA  B 1 5  ? -3.232  -5.244  -1.694  1.00 19.53 ? 17  DA  C N7     1 
ATOM   518 C  C5     . DA  B 1 5  ? -1.860  -5.146  -1.824  1.00 16.51 ? 17  DA  C C5     1 
ATOM   519 C  C6     . DA  B 1 5  ? -1.037  -4.360  -2.666  1.00 13.11 ? 17  DA  C C6     1 
ATOM   520 N  N6     . DA  B 1 5  ? -1.503  -3.462  -3.553  1.00 15.32 ? 17  DA  C N6     1 
ATOM   521 N  N1     . DA  B 1 5  ? 0.287   -4.503  -2.530  1.00 14.23 ? 17  DA  C N1     1 
ATOM   522 C  C2     . DA  B 1 5  ? 0.760   -5.404  -1.679  1.00 16.62 ? 17  DA  C C2     1 
ATOM   523 N  N3     . DA  B 1 5  ? 0.092   -6.211  -0.852  1.00 16.30 ? 17  DA  C N3     1 
ATOM   524 C  C4     . DA  B 1 5  ? -1.225  -6.031  -0.986  1.00 14.75 ? 17  DA  C C4     1 
ATOM   525 H  "H5'"  . DA  B 1 5  ? -4.753  -10.264 -0.437  1.00 30.17 ? 17  DA  C "H5'"  1 
ATOM   526 H  "H5''" . DA  B 1 5  ? -5.197  -10.506 1.059   1.00 30.17 ? 17  DA  C "H5''" 1 
ATOM   527 H  "H4'"  . DA  B 1 5  ? -2.871  -10.638 0.903   1.00 29.50 ? 17  DA  C "H4'"  1 
ATOM   528 H  "H3'"  . DA  B 1 5  ? -3.946  -9.191  2.805   1.00 26.77 ? 17  DA  C "H3'"  1 
ATOM   529 H  "H2'"  . DA  B 1 5  ? -3.676  -7.170  1.838   1.00 27.65 ? 17  DA  C "H2'"  1 
ATOM   530 H  "H2''" . DA  B 1 5  ? -2.327  -7.244  2.655   1.00 27.65 ? 17  DA  C "H2''" 1 
ATOM   531 H  "H1'"  . DA  B 1 5  ? -1.135  -7.847  0.904   1.00 25.42 ? 17  DA  C "H1'"  1 
ATOM   532 H  H8     . DA  B 1 5  ? -4.225  -6.429  -0.472  1.00 20.88 ? 17  DA  C H8     1 
ATOM   533 H  H61    . DA  B 1 5  ? -0.953  -2.992  -4.018  1.00 18.40 ? 17  DA  C H61    1 
ATOM   534 H  H62    . DA  B 1 5  ? -2.350  -3.356  -3.654  1.00 18.40 ? 17  DA  C H62    1 
ATOM   535 H  H2     . DA  B 1 5  ? 1.687   -5.485  -1.656  1.00 19.96 ? 17  DA  C H2     1 
ATOM   536 P  P      . DA  B 1 6  ? -1.739  -9.401  4.481   1.00 28.81 ? 18  DA  C P      1 
ATOM   537 O  OP1    . DA  B 1 6  ? -1.194  -10.641 5.085   1.00 31.23 ? 18  DA  C OP1    1 
ATOM   538 O  OP2    . DA  B 1 6  ? -2.893  -8.660  5.043   1.00 27.68 ? 18  DA  C OP2    1 
ATOM   539 O  "O5'"  . DA  B 1 6  ? -0.594  -8.316  4.306   1.00 24.59 ? 18  DA  C "O5'"  1 
ATOM   540 C  "C5'"  . DA  B 1 6  ? 0.599   -8.678  3.693   1.00 25.51 ? 18  DA  C "C5'"  1 
ATOM   541 C  "C4'"  . DA  B 1 6  ? 1.494   -7.482  3.567   1.00 25.43 ? 18  DA  C "C4'"  1 
ATOM   542 O  "O4'"  . DA  B 1 6  ? 0.961   -6.597  2.573   1.00 22.11 ? 18  DA  C "O4'"  1 
ATOM   543 C  "C3'"  . DA  B 1 6  ? 1.637   -6.663  4.838   1.00 26.42 ? 18  DA  C "C3'"  1 
ATOM   544 O  "O3'"  . DA  B 1 6  ? 2.994   -6.696  5.204   1.00 27.78 ? 18  DA  C "O3'"  1 
ATOM   545 C  "C2'"  . DA  B 1 6  ? 1.113   -5.253  4.466   1.00 24.77 ? 18  DA  C "C2'"  1 
ATOM   546 C  "C1'"  . DA  B 1 6  ? 1.193   -5.257  2.952   1.00 20.27 ? 18  DA  C "C1'"  1 
ATOM   547 N  N9     . DA  B 1 6  ? 0.225   -4.431  2.231   1.00 17.47 ? 18  DA  C N9     1 
ATOM   548 C  C8     . DA  B 1 6  ? -1.138  -4.476  2.306   1.00 15.54 ? 18  DA  C C8     1 
ATOM   549 N  N7     . DA  B 1 6  ? -1.750  -3.646  1.490   1.00 19.49 ? 18  DA  C N7     1 
ATOM   550 C  C5     . DA  B 1 6  ? -0.723  -3.045  0.798   1.00 15.63 ? 18  DA  C C5     1 
ATOM   551 C  C6     . DA  B 1 6  ? -0.719  -2.075  -0.234  1.00 14.77 ? 18  DA  C C6     1 
ATOM   552 N  N6     . DA  B 1 6  ? -1.824  -1.572  -0.756  1.00 15.73 ? 18  DA  C N6     1 
ATOM   553 N  N1     . DA  B 1 6  ? 0.469   -1.676  -0.711  1.00 15.86 ? 18  DA  C N1     1 
ATOM   554 C  C2     . DA  B 1 6  ? 1.575   -2.208  -0.196  1.00 16.41 ? 18  DA  C C2     1 
ATOM   555 N  N3     . DA  B 1 6  ? 1.702   -3.145  0.761   1.00 16.89 ? 18  DA  C N3     1 
ATOM   556 C  C4     . DA  B 1 6  ? 0.501   -3.504  1.229   1.00 15.96 ? 18  DA  C C4     1 
ATOM   557 H  "H5'"  . DA  B 1 6  ? 0.413   -9.038  2.811   1.00 30.62 ? 18  DA  C "H5'"  1 
ATOM   558 H  "H5''" . DA  B 1 6  ? 1.042   -9.358  4.224   1.00 30.62 ? 18  DA  C "H5''" 1 
ATOM   559 H  "H4'"  . DA  B 1 6  ? 2.377   -7.763  3.279   1.00 30.53 ? 18  DA  C "H4'"  1 
ATOM   560 H  "H3'"  . DA  B 1 6  ? 1.065   -6.993  5.550   1.00 31.73 ? 18  DA  C "H3'"  1 
ATOM   561 H  "H2'"  . DA  B 1 6  ? 0.200   -5.126  4.770   1.00 29.74 ? 18  DA  C "H2'"  1 
ATOM   562 H  "H2''" . DA  B 1 6  ? 1.672   -4.558  4.847   1.00 29.74 ? 18  DA  C "H2''" 1 
ATOM   563 H  "H1'"  . DA  B 1 6  ? 2.079   -4.949  2.705   1.00 24.34 ? 18  DA  C "H1'"  1 
ATOM   564 H  H8     . DA  B 1 6  ? -1.593  -5.045  2.884   1.00 18.66 ? 18  DA  C H8     1 
ATOM   565 H  H61    . DA  B 1 6  ? -1.774  -0.994  -1.393  1.00 18.89 ? 18  DA  C H61    1 
ATOM   566 H  H62    . DA  B 1 6  ? -2.591  -1.819  -0.459  1.00 18.89 ? 18  DA  C H62    1 
ATOM   567 H  H2     . DA  B 1 6  ? 2.374   -1.888  -0.549  1.00 19.71 ? 18  DA  C H2     1 
ATOM   568 P  P      . DT  B 1 7  ? 3.517   -5.936  6.513   1.00 30.45 ? 19  DT  C P      1 
ATOM   569 O  OP1    . DT  B 1 7  ? 4.735   -6.678  6.899   1.00 38.10 ? 19  DT  C OP1    1 
ATOM   570 O  OP2    . DT  B 1 7  ? 2.407   -5.684  7.464   1.00 31.75 ? 19  DT  C OP2    1 
ATOM   571 O  "O5'"  . DT  B 1 7  ? 3.907   -4.512  5.933   1.00 24.44 ? 19  DT  C "O5'"  1 
ATOM   572 C  "C5'"  . DT  B 1 7  ? 4.828   -4.442  4.899   1.00 25.29 ? 19  DT  C "C5'"  1 
ATOM   573 C  "C4'"  . DT  B 1 7  ? 4.916   -3.035  4.369   1.00 23.11 ? 19  DT  C "C4'"  1 
ATOM   574 O  "O4'"  . DT  B 1 7  ? 3.686   -2.675  3.724   1.00 21.52 ? 19  DT  C "O4'"  1 
ATOM   575 C  "C3'"  . DT  B 1 7  ? 5.145   -1.964  5.447   1.00 22.68 ? 19  DT  C "C3'"  1 
ATOM   576 O  "O3'"  . DT  B 1 7  ? 6.473   -1.496  5.326   1.00 24.76 ? 19  DT  C "O3'"  1 
ATOM   577 C  "C2'"  . DT  B 1 7  ? 4.074   -0.894  5.161   1.00 25.43 ? 19  DT  C "C2'"  1 
ATOM   578 C  "C1'"  . DT  B 1 7  ? 3.581   -1.273  3.768   1.00 22.31 ? 19  DT  C "C1'"  1 
ATOM   579 N  N1     . DT  B 1 7  ? 2.177   -0.896  3.450   1.00 21.53 ? 19  DT  C N1     1 
ATOM   580 C  C2     . DT  B 1 7  ? 1.922   -0.046  2.393   1.00 17.43 ? 19  DT  C C2     1 
ATOM   581 O  O2     . DT  B 1 7  ? 2.790   0.449   1.710   1.00 20.55 ? 19  DT  C O2     1 
ATOM   582 N  N3     . DT  B 1 7  ? 0.608   0.192   2.153   1.00 18.11 ? 19  DT  C N3     1 
ATOM   583 C  C4     . DT  B 1 7  ? -0.467  -0.309  2.837   1.00 13.87 ? 19  DT  C C4     1 
ATOM   584 O  O4     . DT  B 1 7  ? -1.615  -0.018  2.531   1.00 17.42 ? 19  DT  C O4     1 
ATOM   585 C  C5     . DT  B 1 7  ? -0.130  -1.199  3.943   1.00 16.45 ? 19  DT  C C5     1 
ATOM   586 C  C7     . DT  B 1 7  ? -1.203  -1.818  4.776   1.00 19.73 ? 19  DT  C C7     1 
ATOM   587 C  C6     . DT  B 1 7  ? 1.151   -1.448  4.178   1.00 15.95 ? 19  DT  C C6     1 
ATOM   588 H  "H5'"  . DT  B 1 7  ? 4.555   -5.039  4.185   1.00 30.37 ? 19  DT  C "H5'"  1 
ATOM   589 H  "H5''" . DT  B 1 7  ? 5.699   -4.718  5.225   1.00 30.37 ? 19  DT  C "H5''" 1 
ATOM   590 H  "H4'"  . DT  B 1 7  ? 5.629   -2.989  3.712   1.00 27.75 ? 19  DT  C "H4'"  1 
ATOM   591 H  "H3'"  . DT  B 1 7  ? 4.975   -2.309  6.337   1.00 27.24 ? 19  DT  C "H3'"  1 
ATOM   592 H  "H2'"  . DT  B 1 7  ? 3.355   -0.934  5.810   1.00 30.53 ? 19  DT  C "H2'"  1 
ATOM   593 H  "H2''" . DT  B 1 7  ? 4.457   -0.002  5.168   1.00 30.53 ? 19  DT  C "H2''" 1 
ATOM   594 H  "H1'"  . DT  B 1 7  ? 4.151   -0.851  3.106   1.00 26.79 ? 19  DT  C "H1'"  1 
ATOM   595 H  H3     . DT  B 1 7  ? 0.430   0.719   1.497   1.00 21.74 ? 19  DT  C H3     1 
ATOM   596 H  H71    . DT  B 1 7  ? -1.239  -2.770  4.590   1.00 23.70 ? 19  DT  C H71    1 
ATOM   597 H  H72    . DT  B 1 7  ? -0.998  -1.672  5.713   1.00 23.70 ? 19  DT  C H72    1 
ATOM   598 H  H73    . DT  B 1 7  ? -2.053  -1.405  4.555   1.00 23.70 ? 19  DT  C H73    1 
ATOM   599 H  H6     . DT  B 1 7  ? 1.367   -2.028  4.871   1.00 19.15 ? 19  DT  C H6     1 
ATOM   600 P  P      . DT  B 1 8  ? 7.076   -0.377  6.309   1.00 27.01 ? 20  DT  C P      1 
ATOM   601 O  OP1    . DT  B 1 8  ? 8.540   -0.639  6.356   1.00 27.21 ? 20  DT  C OP1    1 
ATOM   602 O  OP2    . DT  B 1 8  ? 6.253   -0.264  7.540   1.00 27.72 ? 20  DT  C OP2    1 
ATOM   603 O  "O5'"  . DT  B 1 8  ? 6.832   0.940   5.478   1.00 24.11 ? 20  DT  C "O5'"  1 
ATOM   604 C  "C5'"  . DT  B 1 8  ? 7.303   1.016   4.149   1.00 24.99 ? 20  DT  C "C5'"  1 
ATOM   605 C  "C4'"  . DT  B 1 8  ? 6.783   2.265   3.485   1.00 23.04 ? 20  DT  C "C4'"  1 
ATOM   606 O  "O4'"  . DT  B 1 8  ? 5.361   2.192   3.358   1.00 20.82 ? 20  DT  C "O4'"  1 
ATOM   607 C  "C3'"  . DT  B 1 8  ? 7.070   3.562   4.247   1.00 23.77 ? 20  DT  C "C3'"  1 
ATOM   608 O  "O3'"  . DT  B 1 8  ? 7.905   4.335   3.454   1.00 24.79 ? 20  DT  C "O3'"  1 
ATOM   609 C  "C2'"  . DT  B 1 8  ? 5.691   4.204   4.485   1.00 23.11 ? 20  DT  C "C2'"  1 
ATOM   610 C  "C1'"  . DT  B 1 8  ? 4.834   3.507   3.444   1.00 20.66 ? 20  DT  C "C1'"  1 
ATOM   611 N  N1     . DT  B 1 8  ? 3.426   3.358   3.769   1.00 17.93 ? 20  DT  C N1     1 
ATOM   612 C  C2     . DT  B 1 8  ? 2.481   3.924   2.945   1.00 15.75 ? 20  DT  C C2     1 
ATOM   613 O  O2     . DT  B 1 8  ? 2.758   4.628   1.976   1.00 16.43 ? 20  DT  C O2     1 
ATOM   614 N  N3     . DT  B 1 8  ? 1.193   3.653   3.301   1.00 16.63 ? 20  DT  C N3     1 
ATOM   615 C  C4     . DT  B 1 8  ? 0.755   2.876   4.346   1.00 16.89 ? 20  DT  C C4     1 
ATOM   616 O  O4     . DT  B 1 8  ? -0.438  2.677   4.556   1.00 20.07 ? 20  DT  C O4     1 
ATOM   617 C  C5     . DT  B 1 8  ? 1.795   2.315   5.186   1.00 18.80 ? 20  DT  C C5     1 
ATOM   618 C  C7     . DT  B 1 8  ? 1.442   1.459   6.359   1.00 22.43 ? 20  DT  C C7     1 
ATOM   619 C  C6     . DT  B 1 8  ? 3.066   2.559   4.845   1.00 19.28 ? 20  DT  C C6     1 
ATOM   620 H  "H5'"  . DT  B 1 8  ? 7.000   0.237   3.656   1.00 30.00 ? 20  DT  C "H5'"  1 
ATOM   621 H  "H5''" . DT  B 1 8  ? 8.272   1.030   4.151   1.00 30.00 ? 20  DT  C "H5''" 1 
ATOM   622 H  "H4'"  . DT  B 1 8  ? 7.163   2.332   2.596   1.00 27.66 ? 20  DT  C "H4'"  1 
ATOM   623 H  "H3'"  . DT  B 1 8  ? 7.457   3.384   5.119   1.00 28.54 ? 20  DT  C "H3'"  1 
ATOM   624 H  "H2'"  . DT  B 1 8  ? 5.369   4.031   5.384   1.00 27.75 ? 20  DT  C "H2'"  1 
ATOM   625 H  "H2''" . DT  B 1 8  ? 5.715   5.162   4.339   1.00 27.75 ? 20  DT  C "H2''" 1 
ATOM   626 H  "H1'"  . DT  B 1 8  ? 4.912   4.000   2.613   1.00 24.81 ? 20  DT  C "H1'"  1 
ATOM   627 H  H3     . DT  B 1 8  ? 0.581   4.011   2.813   1.00 19.98 ? 20  DT  C H3     1 
ATOM   628 H  H71    . DT  B 1 8  ? 1.667   0.538   6.156   1.00 26.93 ? 20  DT  C H71    1 
ATOM   629 H  H72    . DT  B 1 8  ? 1.944   1.760   7.133   1.00 26.93 ? 20  DT  C H72    1 
ATOM   630 H  H73    . DT  B 1 8  ? 0.490   1.536   6.531   1.00 26.93 ? 20  DT  C H73    1 
ATOM   631 H  H6     . DT  B 1 8  ? 3.742   2.174   5.354   1.00 23.16 ? 20  DT  C H6     1 
ATOM   632 P  P      . DC  B 1 9  ? 8.527   5.715   3.980   1.00 31.11 ? 21  DC  C P      1 
ATOM   633 O  OP1    . DC  B 1 9  ? 9.635   5.896   3.017   1.00 31.62 ? 21  DC  C OP1    1 
ATOM   634 O  OP2    . DC  B 1 9  ? 8.720   5.749   5.440   1.00 33.32 ? 21  DC  C OP2    1 
ATOM   635 O  "O5'"  . DC  B 1 9  ? 7.412   6.787   3.608   1.00 25.89 ? 21  DC  C "O5'"  1 
ATOM   636 C  "C5'"  . DC  B 1 9  ? 7.018   6.881   2.300   1.00 24.95 ? 21  DC  C "C5'"  1 
ATOM   637 C  "C4'"  . DC  B 1 9  ? 5.906   7.882   2.134   1.00 20.93 ? 21  DC  C "C4'"  1 
ATOM   638 O  "O4'"  . DC  B 1 9  ? 4.684   7.312   2.633   1.00 20.16 ? 21  DC  C "O4'"  1 
ATOM   639 C  "C3'"  . DC  B 1 9  ? 6.101   9.198   2.897   1.00 22.05 ? 21  DC  C "C3'"  1 
ATOM   640 O  "O3'"  . DC  B 1 9  ? 6.200   10.238  1.973   1.00 24.09 ? 21  DC  C "O3'"  1 
ATOM   641 C  "C2'"  . DC  B 1 9  ? 4.854   9.321   3.807   1.00 22.26 ? 21  DC  C "C2'"  1 
ATOM   642 C  "C1'"  . DC  B 1 9  ? 3.883   8.342   3.182   1.00 23.09 ? 21  DC  C "C1'"  1 
ATOM   643 N  N1     . DC  B 1 9  ? 2.917   7.672   4.071   1.00 19.51 ? 21  DC  C N1     1 
ATOM   644 C  C2     . DC  B 1 9  ? 1.540   7.741   3.773   1.00 17.74 ? 21  DC  C C2     1 
ATOM   645 O  O2     . DC  B 1 9  ? 1.146   8.468   2.865   1.00 19.16 ? 21  DC  C O2     1 
ATOM   646 N  N3     . DC  B 1 9  ? 0.681   7.035   4.534   1.00 18.58 ? 21  DC  C N3     1 
ATOM   647 C  C4     . DC  B 1 9  ? 1.133   6.266   5.513   1.00 18.49 ? 21  DC  C C4     1 
ATOM   648 N  N4     . DC  B 1 9  ? 0.250   5.588   6.234   1.00 18.10 ? 21  DC  C N4     1 
ATOM   649 C  C5     . DC  B 1 9  ? 2.523   6.164   5.817   1.00 18.26 ? 21  DC  C C5     1 
ATOM   650 C  C6     . DC  B 1 9  ? 3.369   6.863   5.064   1.00 17.54 ? 21  DC  C C6     1 
ATOM   651 H  "H5'"  . DC  B 1 9  ? 6.711   6.012   1.998   1.00 29.95 ? 21  DC  C "H5'"  1 
ATOM   652 H  "H5''" . DC  B 1 9  ? 7.775   7.154   1.759   1.00 29.95 ? 21  DC  C "H5''" 1 
ATOM   653 H  "H4'"  . DC  B 1 9  ? 5.796   8.088   1.193   1.00 25.13 ? 21  DC  C "H4'"  1 
ATOM   654 H  "H3'"  . DC  B 1 9  ? 6.884   9.148   3.468   1.00 26.47 ? 21  DC  C "H3'"  1 
ATOM   655 H  "H2'"  . DC  B 1 9  ? 5.061   9.074   4.722   1.00 26.72 ? 21  DC  C "H2'"  1 
ATOM   656 H  "H2''" . DC  B 1 9  ? 4.499   10.224  3.795   1.00 26.72 ? 21  DC  C "H2''" 1 
ATOM   657 H  "H1'"  . DC  B 1 9  ? 3.384   8.840   2.515   1.00 27.73 ? 21  DC  C "H1'"  1 
ATOM   658 H  H41    . DC  B 1 9  ? 0.516   5.081   6.876   1.00 21.74 ? 21  DC  C H41    1 
ATOM   659 H  H42    . DC  B 1 9  ? -0.590  5.655   6.059   1.00 21.74 ? 21  DC  C H42    1 
ATOM   660 H  H5     . DC  B 1 9  ? 2.826   5.629   6.516   1.00 21.93 ? 21  DC  C H5     1 
ATOM   661 H  H6     . DC  B 1 9  ? 4.283   6.797   5.220   1.00 21.06 ? 21  DC  C H6     1 
ATOM   662 P  P      . DG  B 1 10 ? 6.753   11.682  2.405   1.00 26.63 ? 22  DG  C P      1 
ATOM   663 O  OP1    . DG  B 1 10 ? 7.276   12.286  1.171   1.00 26.68 ? 22  DG  C OP1    1 
ATOM   664 O  OP2    . DG  B 1 10 ? 7.517   11.601  3.654   1.00 29.05 ? 22  DG  C OP2    1 
ATOM   665 O  "O5'"  . DG  B 1 10 ? 5.430   12.496  2.744   1.00 28.36 ? 22  DG  C "O5'"  1 
ATOM   666 C  "C5'"  . DG  B 1 10 ? 4.480   12.702  1.764   1.00 23.57 ? 22  DG  C "C5'"  1 
ATOM   667 C  "C4'"  . DG  B 1 10 ? 3.227   13.262  2.380   1.00 22.11 ? 22  DG  C "C4'"  1 
ATOM   668 O  "O4'"  . DG  B 1 10 ? 2.530   12.219  3.125   1.00 22.74 ? 22  DG  C "O4'"  1 
ATOM   669 C  "C3'"  . DG  B 1 10 ? 3.455   14.376  3.411   1.00 23.00 ? 22  DG  C "C3'"  1 
ATOM   670 O  "O3'"  . DG  B 1 10 ? 2.422   15.300  3.364   1.00 25.50 ? 22  DG  C "O3'"  1 
ATOM   671 C  "C2'"  . DG  B 1 10 ? 3.401   13.631  4.716   1.00 23.88 ? 22  DG  C "C2'"  1 
ATOM   672 C  "C1'"  . DG  B 1 10 ? 2.225   12.740  4.402   1.00 20.42 ? 22  DG  C "C1'"  1 
ATOM   673 N  N9     . DG  B 1 10 ? 1.995   11.662  5.320   1.00 18.77 ? 22  DG  C N9     1 
ATOM   674 C  C8     . DG  B 1 10 ? 2.907   11.016  6.099   1.00 16.63 ? 22  DG  C C8     1 
ATOM   675 N  N7     . DG  B 1 10 ? 2.391   10.064  6.817   1.00 19.26 ? 22  DG  C N7     1 
ATOM   676 C  C5     . DG  B 1 10 ? 1.044   10.082  6.467   1.00 16.83 ? 22  DG  C C5     1 
ATOM   677 C  C6     . DG  B 1 10 ? -0.013  9.266   6.908   1.00 14.48 ? 22  DG  C C6     1 
ATOM   678 O  O6     . DG  B 1 10 ? 0.028   8.345   7.710   1.00 16.25 ? 22  DG  C O6     1 
ATOM   679 N  N1     . DG  B 1 10 ? -1.222  9.619   6.308   1.00 15.11 ? 22  DG  C N1     1 
ATOM   680 C  C2     . DG  B 1 10 ? -1.378  10.630  5.397   1.00 14.46 ? 22  DG  C C2     1 
ATOM   681 N  N2     . DG  B 1 10 ? -2.614  10.826  4.931   1.00 16.58 ? 22  DG  C N2     1 
ATOM   682 N  N3     . DG  B 1 10 ? -0.389  11.392  4.967   1.00 15.57 ? 22  DG  C N3     1 
ATOM   683 C  C4     . DG  B 1 10 ? 0.793   11.053  5.548   1.00 17.11 ? 22  DG  C C4     1 
ATOM   684 H  "H5'"  . DG  B 1 10 ? 4.277   11.859  1.327   1.00 28.31 ? 22  DG  C "H5'"  1 
ATOM   685 H  "H5''" . DG  B 1 10 ? 4.823   13.325  1.105   1.00 28.31 ? 22  DG  C "H5''" 1 
ATOM   686 H  "H4'"  . DG  B 1 10 ? 2.654   13.586  1.667   1.00 26.55 ? 22  DG  C "H4'"  1 
ATOM   687 H  "H3'"  . DG  B 1 10 ? 4.320   14.791  3.261   1.00 27.62 ? 22  DG  C "H3'"  1 
ATOM   688 H  "H2'"  . DG  B 1 10 ? 4.212   13.126  4.886   1.00 28.67 ? 22  DG  C "H2'"  1 
ATOM   689 H  "H2''" . DG  B 1 10 ? 3.230   14.217  5.469   1.00 28.67 ? 22  DG  C "H2''" 1 
ATOM   690 H  "H1'"  . DG  B 1 10 ? 1.408   13.262  4.385   1.00 24.52 ? 22  DG  C "H1'"  1 
ATOM   691 H  H8     . DG  B 1 10 ? 3.811   11.235  6.117   1.00 19.97 ? 22  DG  C H8     1 
ATOM   692 H  H1     . DG  B 1 10 ? -1.921  9.170   6.527   1.00 18.15 ? 22  DG  C H1     1 
ATOM   693 H  H21    . DG  B 1 10 ? -2.762  11.446  4.355   1.00 19.91 ? 22  DG  C H21    1 
ATOM   694 H  H22    . DG  B 1 10 ? -3.261  10.332  5.209   1.00 19.91 ? 22  DG  C H22    1 
ATOM   695 P  P      . DC  B 1 11 ? 2.685   16.874  3.488   1.00 30.48 ? 23  DC  C P      1 
ATOM   696 O  OP1    . DC  B 1 11 ? 3.346   17.407  2.272   1.00 31.52 ? 23  DC  C OP1    1 
ATOM   697 O  OP2    . DC  B 1 11 ? 3.250   17.060  4.838   1.00 28.81 ? 23  DC  C OP2    1 
ATOM   698 O  "O5'"  . DC  B 1 11 ? 1.198   17.428  3.435   1.00 28.27 ? 23  DC  C "O5'"  1 
ATOM   699 C  "C5'"  . DC  B 1 11 ? 0.358   17.137  2.336   1.00 24.76 ? 23  DC  C "C5'"  1 
ATOM   700 C  "C4'"  . DC  B 1 11 ? -1.036  16.794  2.808   1.00 24.46 ? 23  DC  C "C4'"  1 
ATOM   701 O  "O4'"  . DC  B 1 11 ? -1.027  15.489  3.454   1.00 21.57 ? 23  DC  C "O4'"  1 
ATOM   702 C  "C3'"  . DC  B 1 11 ? -1.517  17.784  3.865   1.00 25.02 ? 23  DC  C "C3'"  1 
ATOM   703 O  "O3'"  . DC  B 1 11 ? -2.417  18.708  3.385   1.00 25.08 ? 23  DC  C "O3'"  1 
ATOM   704 C  "C2'"  . DC  B 1 11 ? -2.147  16.966  4.948   1.00 28.93 ? 23  DC  C "C2'"  1 
ATOM   705 C  "C1'"  . DC  B 1 11 ? -1.898  15.539  4.579   1.00 26.08 ? 23  DC  C "C1'"  1 
ATOM   706 N  N1     . DC  B 1 11 ? -1.254  14.861  5.682   1.00 20.34 ? 23  DC  C N1     1 
ATOM   707 C  C2     . DC  B 1 11 ? -1.984  13.982  6.465   1.00 15.30 ? 23  DC  C C2     1 
ATOM   708 O  O2     . DC  B 1 11 ? -3.185  13.826  6.205   1.00 16.67 ? 23  DC  C O2     1 
ATOM   709 N  N3     . DC  B 1 11 ? -1.361  13.352  7.490   1.00 16.53 ? 23  DC  C N3     1 
ATOM   710 C  C4     . DC  B 1 11 ? -0.064  13.580  7.730   1.00 13.96 ? 23  DC  C C4     1 
ATOM   711 N  N4     . DC  B 1 11 ? 0.518   12.924  8.725   1.00 17.55 ? 23  DC  C N4     1 
ATOM   712 C  C5     . DC  B 1 11 ? 0.692   14.499  6.941   1.00 18.77 ? 23  DC  C C5     1 
ATOM   713 C  C6     . DC  B 1 11 ? 0.065   15.109  5.941   1.00 18.32 ? 23  DC  C C6     1 
ATOM   714 H  "H5'"  . DC  B 1 11 ? 0.723   16.385  1.845   1.00 29.72 ? 23  DC  C "H5'"  1 
ATOM   715 H  "H5''" . DC  B 1 11 ? 0.317   17.909  1.751   1.00 29.72 ? 23  DC  C "H5''" 1 
ATOM   716 H  "H4'"  . DC  B 1 11 ? -1.658  16.743  2.065   1.00 29.37 ? 23  DC  C "H4'"  1 
ATOM   717 H  "H3'"  . DC  B 1 11 ? -0.715  18.220  4.191   1.00 30.04 ? 23  DC  C "H3'"  1 
ATOM   718 H  "H2'"  . DC  B 1 11 ? -1.745  17.171  5.806   1.00 34.73 ? 23  DC  C "H2'"  1 
ATOM   719 H  "H2''" . DC  B 1 11 ? -3.100  17.143  4.996   1.00 34.73 ? 23  DC  C "H2''" 1 
ATOM   720 H  "H1'"  . DC  B 1 11 ? -2.724  15.114  4.301   1.00 31.31 ? 23  DC  C "H1'"  1 
ATOM   721 H  H41    . DC  B 1 11 ? 1.351   13.054  8.897   1.00 21.07 ? 23  DC  C H41    1 
ATOM   722 H  H42    . DC  B 1 11 ? 0.063   12.368  9.199   1.00 21.07 ? 23  DC  C H42    1 
ATOM   723 H  H5     . DC  B 1 11 ? 1.590   14.664  7.121   1.00 22.54 ? 23  DC  C H5     1 
ATOM   724 H  H6     . DC  B 1 11 ? 0.531   15.713  5.408   1.00 22.00 ? 23  DC  C H6     1 
ATOM   725 P  P      . DG  B 1 12 ? -2.774  19.948  4.349   1.00 26.24 ? 24  DG  C P      1 
ATOM   726 O  OP1    . DG  B 1 12 ? -3.223  21.023  3.437   1.00 25.58 ? 24  DG  C OP1    1 
ATOM   727 O  OP2    . DG  B 1 12 ? -1.666  20.167  5.290   1.00 23.02 ? 24  DG  C OP2    1 
ATOM   728 O  "O5'"  . DG  B 1 12 ? -3.984  19.373  5.218   1.00 22.32 ? 24  DG  C "O5'"  1 
ATOM   729 C  "C5'"  . DG  B 1 12 ? -5.227  19.064  4.596   1.00 21.73 ? 24  DG  C "C5'"  1 
ATOM   730 C  "C4'"  . DG  B 1 12 ? -6.173  18.478  5.617   1.00 20.64 ? 24  DG  C "C4'"  1 
ATOM   731 O  "O4'"  . DG  B 1 12 ? -5.611  17.201  6.026   1.00 18.68 ? 24  DG  C "O4'"  1 
ATOM   732 C  "C3'"  . DG  B 1 12 ? -6.271  19.294  6.905   1.00 20.50 ? 24  DG  C "C3'"  1 
ATOM   733 O  "O3'"  . DG  B 1 12 ? -7.404  20.163  6.891   1.00 20.95 ? 24  DG  C "O3'"  1 
ATOM   734 C  "C2'"  . DG  B 1 12 ? -6.404  18.260  8.008   1.00 21.13 ? 24  DG  C "C2'"  1 
ATOM   735 C  "C1'"  . DG  B 1 12 ? -5.831  16.999  7.426   1.00 20.58 ? 24  DG  C "C1'"  1 
ATOM   736 N  N9     . DG  B 1 12 ? -4.549  16.706  8.035   1.00 19.47 ? 24  DG  C N9     1 
ATOM   737 C  C8     . DG  B 1 12 ? -3.374  17.366  7.796   1.00 16.70 ? 24  DG  C C8     1 
ATOM   738 N  N7     . DG  B 1 12 ? -2.374  16.925  8.486   1.00 16.94 ? 24  DG  C N7     1 
ATOM   739 C  C5     . DG  B 1 12 ? -2.923  15.940  9.283   1.00 14.19 ? 24  DG  C C5     1 
ATOM   740 C  C6     . DG  B 1 12 ? -2.312  15.101  10.223  1.00 13.97 ? 24  DG  C C6     1 
ATOM   741 O  O6     . DG  B 1 12 ? -1.132  15.096  10.575  1.00 18.08 ? 24  DG  C O6     1 
ATOM   742 N  N1     . DG  B 1 12 ? -3.229  14.240  10.815  1.00 14.79 ? 24  DG  C N1     1 
ATOM   743 C  C2     . DG  B 1 12 ? -4.569  14.199  10.516  1.00 15.67 ? 24  DG  C C2     1 
ATOM   744 N  N2     . DG  B 1 12 ? -5.308  13.328  11.201  1.00 16.20 ? 24  DG  C N2     1 
ATOM   745 N  N3     . DG  B 1 12 ? -5.149  14.966  9.613   1.00 16.10 ? 24  DG  C N3     1 
ATOM   746 C  C4     . DG  B 1 12 ? -4.271  15.800  9.034   1.00 16.09 ? 24  DG  C C4     1 
ATOM   747 H  "H5'"  . DG  B 1 12 ? -5.081  18.422  3.883   1.00 26.10 ? 24  DG  C "H5'"  1 
ATOM   748 H  "H5''" . DG  B 1 12 ? -5.611  19.871  4.221   1.00 26.10 ? 24  DG  C "H5''" 1 
ATOM   749 H  "H4'"  . DG  B 1 12 ? -7.061  18.361  5.243   1.00 24.78 ? 24  DG  C "H4'"  1 
ATOM   750 H  "H3'"  . DG  B 1 12 ? -5.446  19.794  7.006   1.00 24.61 ? 24  DG  C "H3'"  1 
ATOM   751 H  "HO3'" . DG  B 1 12 ? -7.888  20.235  7.574   1.00 25.15 ? 24  DG  C "HO3'" 1 
ATOM   752 H  "H2'"  . DG  B 1 12 ? -5.907  18.532  8.795   1.00 25.37 ? 24  DG  C "H2'"  1 
ATOM   753 H  "H2''" . DG  B 1 12 ? -7.335  18.134  8.249   1.00 25.37 ? 24  DG  C "H2''" 1 
ATOM   754 H  "H1'"  . DG  B 1 12 ? -6.466  16.272  7.518   1.00 24.72 ? 24  DG  C "H1'"  1 
ATOM   755 H  H8     . DG  B 1 12 ? -3.302  18.068  7.191   1.00 20.06 ? 24  DG  C H8     1 
ATOM   756 H  H1     . DG  B 1 12 ? -2.937  13.693  11.412  1.00 17.76 ? 24  DG  C H1     1 
ATOM   757 H  H21    . DG  B 1 12 ? -6.154  13.270  11.051  1.00 19.45 ? 24  DG  C H21    1 
ATOM   758 H  H22    . DG  B 1 12 ? -4.941  12.823  11.792  1.00 19.45 ? 24  DG  C H22    1 
HETATM 759 C  C1     . 884 C 2 .  ? 3.914   -8.131  0.986   1.00 27.27 ? 101 884 B C1     1 
HETATM 760 C  C2     . 884 C 2 .  ? 5.120   -7.949  1.647   1.00 30.21 ? 101 884 B C2     1 
HETATM 761 C  C3     . 884 C 2 .  ? 5.688   -6.696  1.739   1.00 32.06 ? 101 884 B C3     1 
HETATM 762 C  C4     . 884 C 2 .  ? 5.090   -5.578  1.156   1.00 29.36 ? 101 884 B C4     1 
HETATM 763 C  C5     . 884 C 2 .  ? 3.901   -5.782  0.446   1.00 25.05 ? 101 884 B C5     1 
HETATM 764 C  C6     . 884 C 2 .  ? 3.326   -7.038  0.359   1.00 23.52 ? 101 884 B C6     1 
HETATM 765 C  C7     . 884 C 2 .  ? 5.754   -4.252  1.191   1.00 28.79 ? 101 884 B C7     1 
HETATM 766 C  C8     . 884 C 2 .  ? 5.122   -3.114  0.707   1.00 26.19 ? 101 884 B C8     1 
HETATM 767 C  C9     . 884 C 2 .  ? 5.796   -1.908  0.707   1.00 26.52 ? 101 884 B C9     1 
HETATM 768 N  N10    . 884 C 2 .  ? 5.385   -0.661  0.301   1.00 27.39 ? 101 884 B N10    1 
HETATM 769 C  C11    . 884 C 2 .  ? 6.414   0.244   0.470   1.00 24.84 ? 101 884 B C11    1 
HETATM 770 C  C12    . 884 C 2 .  ? 7.492   -0.410  1.002   1.00 28.41 ? 101 884 B C12    1 
HETATM 771 C  C13    . 884 C 2 .  ? 7.129   -1.779  1.160   1.00 30.63 ? 101 884 B C13    1 
HETATM 772 C  C14    . 884 C 2 .  ? 7.775   -2.931  1.627   1.00 33.99 ? 101 884 B C14    1 
HETATM 773 C  C15    . 884 C 2 .  ? 7.097   -4.126  1.629   1.00 28.58 ? 101 884 B C15    1 
HETATM 774 C  C16    . 884 C 2 .  ? 6.194   1.652   0.128   1.00 25.29 ? 101 884 B C16    1 
HETATM 775 C  C17    . 884 C 2 .  ? 4.890   2.107   -0.016  1.00 27.50 ? 101 884 B C17    1 
HETATM 776 C  C18    . 884 C 2 .  ? 4.622   3.426   -0.327  1.00 26.50 ? 101 884 B C18    1 
HETATM 777 C  C19    . 884 C 2 .  ? 5.659   4.318   -0.537  1.00 22.72 ? 101 884 B C19    1 
HETATM 778 C  C20    . 884 C 2 .  ? 6.971   3.874   -0.395  1.00 27.28 ? 101 884 B C20    1 
HETATM 779 C  C21    . 884 C 2 .  ? 7.237   2.549   -0.079  1.00 24.52 ? 101 884 B C21    1 
HETATM 780 C  C22    . 884 C 2 .  ? 3.330   -9.489  0.870   1.00 31.30 ? 101 884 B C22    1 
HETATM 781 N  N23    . 884 C 2 .  ? 2.838   -9.891  -0.284  1.00 26.02 ? 101 884 B N23    1 
HETATM 782 N  N24    . 884 C 2 .  ? 3.326   -10.300 1.899   1.00 33.14 ? 101 884 B N24    1 
HETATM 783 C  C25    . 884 C 2 .  ? 5.356   5.735   -0.850  1.00 21.39 ? 101 884 B C25    1 
HETATM 784 N  N26    . 884 C 2 .  ? 4.189   6.251   -0.506  1.00 24.97 ? 101 884 B N26    1 
HETATM 785 N  N27    . 884 C 2 .  ? 6.240   6.462   -1.482  1.00 26.57 ? 101 884 B N27    1 
HETATM 786 H  H2     . 884 C 2 .  ? 5.556   -8.686  2.038   1.00 36.27 ? 101 884 B H2     1 
HETATM 787 H  H3     . 884 C 2 .  ? 6.502   -6.592  2.206   1.00 38.48 ? 101 884 B H3     1 
HETATM 788 H  H5     . 884 C 2 .  ? 3.485   -5.050  0.021   1.00 30.07 ? 101 884 B H5     1 
HETATM 789 H  H6     . 884 C 2 .  ? 2.530   -7.151  -0.131  1.00 28.24 ? 101 884 B H6     1 
HETATM 790 H  H8     . 884 C 2 .  ? 4.244   -3.171  0.386   1.00 31.44 ? 101 884 B H8     1 
HETATM 791 H  HN10   . 884 C 2 .  ? 4.582   -0.470  -0.021  1.00 32.88 ? 101 884 B HN10   1 
HETATM 792 H  H12    . 884 C 2 .  ? 8.323   -0.025  1.225   1.00 34.11 ? 101 884 B H12    1 
HETATM 793 H  H14    . 884 C 2 .  ? 8.661   -2.881  1.935   1.00 40.81 ? 101 884 B H14    1 
HETATM 794 H  H15    . 884 C 2 .  ? 7.541   -4.899  1.934   1.00 34.32 ? 101 884 B H15    1 
HETATM 795 H  H17    . 884 C 2 .  ? 4.173   1.501   0.100   1.00 33.02 ? 101 884 B H17    1 
HETATM 796 H  H18    . 884 C 2 .  ? 3.730   3.716   -0.395  1.00 31.82 ? 101 884 B H18    1 
HETATM 797 H  H20    . 884 C 2 .  ? 7.686   4.475   -0.514  1.00 32.75 ? 101 884 B H20    1 
HETATM 798 H  H21    . 884 C 2 .  ? 8.133   2.253   -0.004  1.00 29.44 ? 101 884 B H21    1 
HETATM 799 H  HN23   . 884 C 2 .  ? 2.838   -9.346  -0.984  1.00 31.24 ? 101 884 B HN23   1 
HETATM 800 H  HN2A   . 884 C 2 .  ? 2.504   -10.710 -0.364  1.00 31.24 ? 101 884 B HN2A   1 
HETATM 801 H  HN24   . 884 C 2 .  ? 3.653   -10.036 2.670   1.00 39.79 ? 101 884 B HN24   1 
HETATM 802 H  HN26   . 884 C 2 .  ? 3.593   5.755   -0.076  1.00 29.98 ? 101 884 B HN26   1 
HETATM 803 H  HN2B   . 884 C 2 .  ? 4.000   7.095   -0.702  1.00 29.98 ? 101 884 B HN2B   1 
HETATM 804 H  HN27   . 884 C 2 .  ? 7.015   6.114   -1.710  1.00 31.90 ? 101 884 B HN27   1 
HETATM 805 MG MG     . MG  D 3 .  ? 1.747   7.727   11.492  1.00 30.00 ? 102 MG  B MG     1 
HETATM 806 O  O      . HOH E 4 .  ? 5.127   -14.929 1.697   1.00 42.43 ? 201 HOH B O      1 
HETATM 807 O  O      . HOH E 4 .  ? -11.688 6.849   13.283  1.00 35.47 ? 202 HOH B O      1 
HETATM 808 O  O      . HOH E 4 .  ? -7.571  7.687   19.131  1.00 38.41 ? 203 HOH B O      1 
HETATM 809 O  O      . HOH E 4 .  ? -0.771  -1.703  -7.268  1.00 25.62 ? 204 HOH B O      1 
HETATM 810 O  O      . HOH E 4 .  ? -4.247  2.306   -2.797  1.00 32.72 ? 205 HOH B O      1 
HETATM 811 O  O      . HOH E 4 .  ? -2.780  12.489  -7.689  1.00 38.63 ? 206 HOH B O      1 
HETATM 812 O  O      . HOH E 4 .  ? -9.102  11.314  -2.624  1.00 52.08 ? 207 HOH B O      1 
HETATM 813 O  O      . HOH E 4 .  ? -3.399  -0.022  -4.624  1.00 28.50 ? 208 HOH B O      1 
HETATM 814 O  O      . HOH E 4 .  ? 6.034   0.101   -7.924  1.00 30.75 ? 209 HOH B O      1 
HETATM 815 O  O      . HOH E 4 .  ? -3.701  5.239   13.539  1.00 25.92 ? 210 HOH B O      1 
HETATM 816 O  O      . HOH E 4 .  ? 4.761   -6.436  -8.985  1.00 30.64 ? 211 HOH B O      1 
HETATM 817 O  O      . HOH E 4 .  ? 1.250   9.555   10.832  1.00 18.43 ? 212 HOH B O      1 
HETATM 818 O  O      . HOH E 4 .  ? -3.910  -22.317 -4.824  1.00 23.28 ? 213 HOH B O      1 
HETATM 819 O  O      . HOH E 4 .  ? -5.645  3.275   5.891   1.00 33.67 ? 214 HOH B O      1 
HETATM 820 O  O      . HOH E 4 .  ? -5.573  -19.678 -2.416  1.00 28.51 ? 215 HOH B O      1 
HETATM 821 O  O      . HOH E 4 .  ? -5.927  2.966   1.207   1.00 28.01 ? 216 HOH B O      1 
HETATM 822 O  O      . HOH E 4 .  ? 8.059   -14.603 1.767   1.00 47.26 ? 217 HOH B O      1 
HETATM 823 O  O      . HOH E 4 .  ? 1.758   -11.882 -2.103  1.00 20.19 ? 218 HOH B O      1 
HETATM 824 O  O      . HOH E 4 .  ? 8.124   -5.188  -6.606  1.00 40.89 ? 219 HOH B O      1 
HETATM 825 O  O      . HOH E 4 .  ? -3.097  3.202   6.702   1.00 30.82 ? 220 HOH B O      1 
HETATM 826 O  O      . HOH E 4 .  ? 7.290   -7.568  -6.965  1.00 33.75 ? 221 HOH B O      1 
HETATM 827 O  O      . HOH E 4 .  ? 0.377   7.041   -8.810  1.00 18.99 ? 222 HOH B O      1 
HETATM 828 O  O      . HOH E 4 .  ? 4.151   -9.927  4.506   1.00 39.30 ? 223 HOH B O      1 
HETATM 829 O  O      . HOH E 4 .  ? 0.033   8.881   -0.863  1.00 30.23 ? 224 HOH B O      1 
HETATM 830 O  O      . HOH E 4 .  ? 0.068   9.922   -8.007  1.00 19.60 ? 225 HOH B O      1 
HETATM 831 O  O      . HOH E 4 .  ? 5.428   9.012   -2.268  1.00 35.28 ? 226 HOH B O      1 
HETATM 832 O  O      . HOH E 4 .  ? -6.076  8.048   -7.299  1.00 38.59 ? 227 HOH B O      1 
HETATM 833 O  O      . HOH E 4 .  ? -1.216  12.492  -4.606  1.00 35.51 ? 228 HOH B O      1 
HETATM 834 O  O      . HOH E 4 .  ? -2.138  8.321   -9.036  1.00 19.91 ? 229 HOH B O      1 
HETATM 835 O  O      . HOH E 4 .  ? -0.238  7.351   12.101  1.00 19.56 ? 230 HOH B O      1 
HETATM 836 O  O      . HOH E 4 .  ? 8.317   6.052   -3.337  1.00 38.08 ? 231 HOH B O      1 
HETATM 837 O  O      . HOH E 4 .  ? 2.183   3.412   -7.748  1.00 19.64 ? 232 HOH B O      1 
HETATM 838 O  O      . HOH E 4 .  ? 12.034  -8.398  -2.542  1.00 50.68 ? 233 HOH B O      1 
HETATM 839 O  O      . HOH E 4 .  ? 4.021   9.630   -8.625  1.00 20.40 ? 234 HOH B O      1 
HETATM 840 O  O      . HOH E 4 .  ? 10.309  -12.957 1.183   1.00 39.30 ? 235 HOH B O      1 
HETATM 841 O  O      . HOH E 4 .  ? -4.834  1.783   3.257   1.00 35.24 ? 236 HOH B O      1 
HETATM 842 O  O      . HOH E 4 .  ? 7.053   -13.391 -7.411  1.00 35.59 ? 237 HOH B O      1 
HETATM 843 O  O      . HOH E 4 .  ? -2.338  4.039   9.653   1.00 28.53 ? 238 HOH B O      1 
HETATM 844 O  O      . HOH E 4 .  ? -13.552 9.057   4.837   1.00 43.46 ? 239 HOH B O      1 
HETATM 845 O  O      . HOH E 4 .  ? 5.169   9.759   -4.833  1.00 27.22 ? 240 HOH B O      1 
HETATM 846 O  O      . HOH E 4 .  ? -2.609  5.364   -6.304  1.00 28.23 ? 241 HOH B O      1 
HETATM 847 O  O      . HOH E 4 .  ? 3.764   -3.840  -8.459  1.00 23.25 ? 242 HOH B O      1 
HETATM 848 O  O      . HOH E 4 .  ? 2.877   11.697  11.444  1.00 25.80 ? 243 HOH B O      1 
HETATM 849 O  O      . HOH E 4 .  ? 0.746   -20.255 -3.273  1.00 30.63 ? 244 HOH B O      1 
HETATM 850 O  O      . HOH E 4 .  ? -7.733  8.920   -5.888  1.00 44.49 ? 245 HOH B O      1 
HETATM 851 O  O      . HOH E 4 .  ? -5.146  1.055   -1.023  1.00 30.99 ? 246 HOH B O      1 
HETATM 852 O  O      . HOH E 4 .  ? -8.775  3.627   2.194   1.00 42.52 ? 247 HOH B O      1 
HETATM 853 O  O      . HOH E 4 .  ? -13.557 6.531   8.923   1.00 45.83 ? 248 HOH B O      1 
HETATM 854 O  O      . HOH E 4 .  ? -7.582  3.458   7.731   1.00 37.41 ? 249 HOH B O      1 
HETATM 855 O  O      . HOH E 4 .  ? 0.275   12.229  18.495  1.00 23.60 ? 250 HOH B O      1 
HETATM 856 O  O      . HOH E 4 .  ? 0.371   13.947  15.294  1.00 31.01 ? 251 HOH B O      1 
HETATM 857 O  O      . HOH E 4 .  ? -6.378  11.762  -0.128  1.00 31.54 ? 252 HOH B O      1 
HETATM 858 O  O      . HOH E 4 .  ? 6.951   -12.149 3.329   1.00 43.65 ? 253 HOH B O      1 
HETATM 859 O  O      . HOH E 4 .  ? -6.271  11.686  -5.309  1.00 39.73 ? 254 HOH B O      1 
HETATM 860 O  O      . HOH E 4 .  ? -1.001  4.644   -8.681  1.00 26.21 ? 255 HOH B O      1 
HETATM 861 O  O      . HOH E 4 .  ? 6.241   -2.649  -7.699  1.00 28.59 ? 256 HOH B O      1 
HETATM 862 O  O      . HOH E 4 .  ? -6.341  8.765   -9.714  1.00 38.21 ? 257 HOH B O      1 
HETATM 863 O  O      . HOH E 4 .  ? 2.814   11.512  -4.337  1.00 29.73 ? 258 HOH B O      1 
HETATM 864 O  O      . HOH E 4 .  ? 2.357   11.341  -7.232  1.00 22.53 ? 259 HOH B O      1 
HETATM 865 O  O      . HOH E 4 .  ? -4.557  3.417   11.638  1.00 33.63 ? 260 HOH B O      1 
HETATM 866 O  O      . HOH E 4 .  ? 2.711   12.297  15.637  1.00 30.03 ? 261 HOH B O      1 
HETATM 867 O  O      . HOH E 4 .  ? -0.163  2.969   10.139  1.00 30.48 ? 262 HOH B O      1 
HETATM 868 O  O      . HOH E 4 .  ? -3.684  1.299   -7.378  1.00 36.86 ? 263 HOH B O      1 
HETATM 869 O  O      . HOH E 4 .  ? -0.684  0.312   -9.199  1.00 33.12 ? 264 HOH B O      1 
HETATM 870 O  O      . HOH F 4 .  ? -5.138  -3.900  -2.477  1.00 32.56 ? 101 HOH C O      1 
HETATM 871 O  O      . HOH F 4 .  ? -9.327  20.645  5.398   1.00 31.23 ? 102 HOH C O      1 
HETATM 872 O  O      . HOH F 4 .  ? 0.778   16.687  10.553  1.00 35.25 ? 103 HOH C O      1 
HETATM 873 O  O      . HOH F 4 .  ? -4.229  -3.251  1.754   1.00 27.01 ? 104 HOH C O      1 
HETATM 874 O  O      . HOH F 4 .  ? 5.252   -8.823  8.197   1.00 45.42 ? 105 HOH C O      1 
HETATM 875 O  O      . HOH F 4 .  ? -7.605  -10.362 -14.770 1.00 26.68 ? 106 HOH C O      1 
HETATM 876 O  O      . HOH F 4 .  ? -8.720  -6.301  -14.016 1.00 38.23 ? 107 HOH C O      1 
HETATM 877 O  O      . HOH F 4 .  ? -4.041  -0.780  3.059   1.00 32.15 ? 108 HOH C O      1 
HETATM 878 O  O      . HOH F 4 .  ? 1.361   7.021   9.538   1.00 17.99 ? 109 HOH C O      1 
HETATM 879 O  O      . HOH F 4 .  ? 2.340   17.815  7.178   1.00 36.06 ? 110 HOH C O      1 
HETATM 880 O  O      . HOH F 4 .  ? -4.467  -5.356  -10.951 1.00 31.88 ? 111 HOH C O      1 
HETATM 881 O  O      . HOH F 4 .  ? 5.096   2.084   7.701   1.00 33.34 ? 112 HOH C O      1 
HETATM 882 O  O      . HOH F 4 .  ? -6.103  -5.596  1.930   1.00 31.49 ? 113 HOH C O      1 
HETATM 883 O  O      . HOH F 4 .  ? 6.162   11.536  5.931   1.00 32.16 ? 114 HOH C O      1 
HETATM 884 O  O      . HOH F 4 .  ? -2.264  1.657   6.206   1.00 28.75 ? 115 HOH C O      1 
HETATM 885 O  O      . HOH F 4 .  ? -3.090  -0.523  4.697   1.00 49.56 ? 116 HOH C O      1 
HETATM 886 O  O      . HOH F 4 .  ? 3.691   -8.579  -11.562 1.00 33.19 ? 117 HOH C O      1 
HETATM 887 O  O      . HOH F 4 .  ? -0.318  18.514  7.705   1.00 25.60 ? 118 HOH C O      1 
HETATM 888 O  O      . HOH F 4 .  ? 4.256   8.786   8.347   1.00 23.36 ? 119 HOH C O      1 
HETATM 889 O  O      . HOH F 4 .  ? -2.704  -5.594  -14.194 1.00 44.37 ? 120 HOH C O      1 
HETATM 890 O  O      . HOH F 4 .  ? -2.489  -5.922  5.184   1.00 32.40 ? 121 HOH C O      1 
HETATM 891 O  O      . HOH F 4 .  ? -0.694  12.320  2.353   1.00 28.25 ? 122 HOH C O      1 
HETATM 892 O  O      . HOH F 4 .  ? -4.608  -1.699  -0.312  1.00 33.49 ? 123 HOH C O      1 
HETATM 893 O  O      . HOH F 4 .  ? -2.153  -3.723  -7.065  1.00 34.86 ? 124 HOH C O      1 
HETATM 894 O  O      . HOH F 4 .  ? 10.548  -1.053  4.378   1.00 43.98 ? 125 HOH C O      1 
HETATM 895 O  O      . HOH F 4 .  ? 11.327  6.466   6.361   1.00 45.39 ? 126 HOH C O      1 
HETATM 896 O  O      . HOH F 4 .  ? 6.021   -13.314 -15.423 1.00 38.66 ? 127 HOH C O      1 
HETATM 897 O  O      . HOH F 4 .  ? 1.352   10.700  0.925   1.00 28.88 ? 128 HOH C O      1 
HETATM 898 O  O      . HOH F 4 .  ? 5.264   -10.034 -10.090 1.00 34.71 ? 129 HOH C O      1 
HETATM 899 O  O      . HOH F 4 .  ? 1.123   -8.333  7.909   1.00 41.88 ? 130 HOH C O      1 
HETATM 900 O  O      . HOH F 4 .  ? 1.518   4.501   8.713   1.00 20.63 ? 131 HOH C O      1 
HETATM 901 O  O      . HOH F 4 .  ? 3.650   -1.008  8.856   1.00 35.69 ? 132 HOH C O      1 
HETATM 902 O  O      . HOH F 4 .  ? 0.808   -5.044  -11.226 1.00 33.99 ? 133 HOH C O      1 
HETATM 903 O  O      . HOH F 4 .  ? 1.451   -2.820  7.459   1.00 30.81 ? 134 HOH C O      1 
HETATM 904 O  O      . HOH F 4 .  ? 10.193  12.973  0.688   1.00 39.19 ? 135 HOH C O      1 
HETATM 905 O  O      . HOH F 4 .  ? 3.502   13.560  9.084   1.00 27.09 ? 136 HOH C O      1 
HETATM 906 O  O      . HOH F 4 .  ? -4.153  -2.290  -4.617  1.00 33.43 ? 137 HOH C O      1 
HETATM 907 O  O      . HOH F 4 .  ? 7.408   -13.529 -10.811 1.00 41.22 ? 138 HOH C O      1 
HETATM 908 O  O      . HOH F 4 .  ? -9.897  -8.952  -11.954 1.00 43.06 ? 139 HOH C O      1 
HETATM 909 O  O      . HOH F 4 .  ? 5.590   6.532   7.523   1.00 33.14 ? 140 HOH C O      1 
HETATM 910 O  O      . HOH F 4 .  ? 1.474   -11.116 -20.691 1.00 40.30 ? 141 HOH C O      1 
HETATM 911 O  O      . HOH F 4 .  ? -1.556  -4.888  7.367   1.00 35.25 ? 142 HOH C O      1 
HETATM 912 O  O      . HOH F 4 .  ? -10.919 -8.938  -14.665 1.00 33.29 ? 143 HOH C O      1 
HETATM 913 O  O      . HOH F 4 .  ? -11.457 -6.422  -14.371 1.00 32.71 ? 144 HOH C O      1 
# 
